data_2IB6
#
_entry.id   2IB6
#
_cell.length_a   74.079
_cell.length_b   126.926
_cell.length_c   100.084
_cell.angle_alpha   90.00
_cell.angle_beta   101.97
_cell.angle_gamma   90.00
#
_symmetry.space_group_name_H-M   'P 1 21 1'
#
loop_
_entity.id
_entity.type
_entity.pdbx_description
1 polymer 'Yellow mutant chromo protein'
2 non-polymer 'PHOSPHATE ION'
3 water water
#
_entity_poly.entity_id   1
_entity_poly.type   'polypeptide(L)'
_entity_poly.pdbx_seq_one_letter_code
;GSH(MSE)ASKISDNVRIKLY(MSE)EGTVNNHHF(MSE)CEAEGEGKPYEGTQ(MSE)ENIKVTKGGPLPFSFDILTPN
C(QLG)SVAITKYTSGIPDYFKQSFPEGFTWERTTIYEDGAYLTTQQETKLDGNCLVYNIKILGCNFPPNGPV(MSE)QK
KTQGWEPCCE(MSE)RYTRDGVLCGQTL(MSE)ALKCADGNHLTCHLRTTYRSKKAAKALQ(MSE)PPFHFSDHRPEIVK
VSENGTLFEQHESSVARYCQTCPSKLGHN
;
_entity_poly.pdbx_strand_id   A,B,C,D,E,F,G,H
#
loop_
_chem_comp.id
_chem_comp.type
_chem_comp.name
_chem_comp.formula
PO4 non-polymer 'PHOSPHATE ION' 'O4 P -3'
#
# COMPACT_ATOMS: atom_id res chain seq x y z
N ILE A 8 -22.10 11.36 -24.18
CA ILE A 8 -22.06 12.84 -24.36
C ILE A 8 -22.42 13.18 -25.80
N SER A 9 -23.20 14.23 -25.98
CA SER A 9 -23.64 14.67 -27.30
C SER A 9 -22.49 15.08 -28.21
N ASP A 10 -22.79 15.24 -29.50
CA ASP A 10 -21.79 15.65 -30.48
C ASP A 10 -21.60 17.17 -30.43
N ASN A 11 -22.48 17.85 -29.71
CA ASN A 11 -22.43 19.31 -29.57
C ASN A 11 -22.84 19.64 -28.15
N VAL A 12 -21.90 20.16 -27.37
CA VAL A 12 -22.20 20.49 -25.98
C VAL A 12 -21.90 21.95 -25.64
N ARG A 13 -22.50 22.39 -24.54
CA ARG A 13 -22.28 23.74 -24.05
C ARG A 13 -21.22 23.57 -22.98
N ILE A 14 -20.45 24.62 -22.73
CA ILE A 14 -19.40 24.55 -21.72
C ILE A 14 -19.56 25.68 -20.72
N LYS A 15 -19.39 25.35 -19.45
CA LYS A 15 -19.46 26.33 -18.36
C LYS A 15 -18.23 26.12 -17.49
N LEU A 16 -17.42 27.16 -17.30
CA LEU A 16 -16.20 27.03 -16.51
C LEU A 16 -16.12 27.98 -15.32
N TYR A 17 -15.54 27.48 -14.22
CA TYR A 17 -15.33 28.24 -13.00
C TYR A 17 -13.88 28.02 -12.60
N MSE A 18 -13.13 29.10 -12.41
CA MSE A 18 -11.74 28.97 -12.04
C MSE A 18 -11.35 29.95 -10.96
O MSE A 18 -11.80 31.10 -10.94
CB MSE A 18 -10.83 29.19 -13.26
CG MSE A 18 -9.36 29.24 -12.91
SE MSE A 18 -8.28 29.81 -14.42
CE MSE A 18 -8.26 28.15 -15.37
N GLU A 19 -10.48 29.49 -10.05
CA GLU A 19 -9.99 30.31 -8.96
C GLU A 19 -8.57 29.88 -8.61
N GLY A 20 -7.71 30.86 -8.33
CA GLY A 20 -6.34 30.52 -7.99
C GLY A 20 -5.53 31.67 -7.45
N THR A 21 -4.29 31.37 -7.10
CA THR A 21 -3.35 32.34 -6.59
C THR A 21 -1.99 32.00 -7.17
N VAL A 22 -1.39 32.94 -7.87
CA VAL A 22 -0.08 32.75 -8.49
C VAL A 22 0.82 33.89 -8.02
N ASN A 23 1.97 33.55 -7.42
CA ASN A 23 2.89 34.57 -6.93
C ASN A 23 2.15 35.55 -6.00
N ASN A 24 1.32 35.01 -5.12
CA ASN A 24 0.55 35.80 -4.18
C ASN A 24 -0.52 36.70 -4.81
N HIS A 25 -0.92 36.40 -6.03
CA HIS A 25 -1.99 37.19 -6.64
C HIS A 25 -3.21 36.32 -6.89
N HIS A 26 -4.28 36.66 -6.17
CA HIS A 26 -5.54 35.94 -6.25
C HIS A 26 -6.35 36.40 -7.46
N PHE A 27 -7.07 35.47 -8.07
CA PHE A 27 -7.89 35.77 -9.23
C PHE A 27 -8.98 34.72 -9.41
N MSE A 28 -9.99 35.06 -10.21
CA MSE A 28 -11.09 34.13 -10.50
C MSE A 28 -11.49 34.35 -11.95
O MSE A 28 -11.42 35.46 -12.47
CB MSE A 28 -12.30 34.41 -9.61
CG MSE A 28 -12.11 34.11 -8.13
SE MSE A 28 -13.77 34.39 -7.15
CE MSE A 28 -14.57 32.65 -7.43
N CYS A 29 -11.92 33.27 -12.61
CA CYS A 29 -12.35 33.38 -13.99
C CYS A 29 -13.63 32.58 -14.16
N GLU A 30 -14.36 32.90 -15.22
CA GLU A 30 -15.60 32.21 -15.53
C GLU A 30 -15.67 32.19 -17.05
N ALA A 31 -16.26 31.16 -17.62
CA ALA A 31 -16.36 31.09 -19.07
C ALA A 31 -17.58 30.35 -19.56
N GLU A 32 -17.99 30.69 -20.78
CA GLU A 32 -19.11 30.04 -21.43
C GLU A 32 -18.58 29.67 -22.80
N GLY A 33 -18.99 28.51 -23.30
CA GLY A 33 -18.50 28.08 -24.60
C GLY A 33 -19.23 26.88 -25.17
N GLU A 34 -18.62 26.29 -26.19
CA GLU A 34 -19.21 25.14 -26.86
C GLU A 34 -18.12 24.17 -27.29
N GLY A 35 -18.52 22.93 -27.54
CA GLY A 35 -17.55 21.94 -27.97
C GLY A 35 -18.18 20.80 -28.76
N LYS A 36 -17.37 20.20 -29.63
CA LYS A 36 -17.77 19.06 -30.45
C LYS A 36 -16.84 17.96 -29.96
N PRO A 37 -17.24 17.27 -28.88
CA PRO A 37 -16.48 16.20 -28.24
C PRO A 37 -15.78 15.18 -29.14
N TYR A 38 -16.47 14.73 -30.19
CA TYR A 38 -15.89 13.73 -31.08
C TYR A 38 -15.03 14.32 -32.20
N GLU A 39 -15.19 15.61 -32.46
CA GLU A 39 -14.41 16.29 -33.48
C GLU A 39 -13.11 16.79 -32.82
N GLY A 40 -13.13 16.87 -31.49
CA GLY A 40 -11.97 17.31 -30.75
C GLY A 40 -11.72 18.81 -30.76
N THR A 41 -12.78 19.59 -30.93
CA THR A 41 -12.66 21.03 -30.97
C THR A 41 -13.59 21.71 -29.97
N GLN A 42 -13.09 22.80 -29.38
CA GLN A 42 -13.89 23.57 -28.45
C GLN A 42 -13.46 25.03 -28.45
N MSE A 43 -14.41 25.89 -28.10
CA MSE A 43 -14.18 27.32 -28.04
C MSE A 43 -14.73 27.81 -26.71
O MSE A 43 -15.68 27.22 -26.17
CB MSE A 43 -14.91 28.00 -29.21
CG MSE A 43 -15.10 29.50 -29.09
SE MSE A 43 -16.60 30.00 -27.97
CE MSE A 43 -17.85 30.56 -29.35
N GLU A 44 -14.12 28.85 -26.16
CA GLU A 44 -14.56 29.41 -24.90
C GLU A 44 -14.22 30.89 -24.82
N ASN A 45 -15.12 31.66 -24.21
CA ASN A 45 -14.91 33.08 -24.01
C ASN A 45 -14.67 33.14 -22.50
N ILE A 46 -13.41 33.24 -22.11
CA ILE A 46 -13.04 33.24 -20.70
C ILE A 46 -12.90 34.64 -20.10
N LYS A 47 -13.69 34.92 -19.07
CA LYS A 47 -13.65 36.22 -18.40
C LYS A 47 -12.92 36.19 -17.08
N VAL A 48 -12.04 37.18 -16.86
CA VAL A 48 -11.35 37.28 -15.58
C VAL A 48 -12.35 38.07 -14.76
N THR A 49 -13.03 37.40 -13.84
CA THR A 49 -14.05 38.06 -13.02
C THR A 49 -13.51 38.73 -11.76
N LYS A 50 -12.31 38.32 -11.34
CA LYS A 50 -11.70 38.91 -10.17
C LYS A 50 -10.19 38.97 -10.32
N GLY A 51 -9.59 40.07 -9.86
CA GLY A 51 -8.15 40.20 -9.93
C GLY A 51 -7.57 40.61 -11.27
N GLY A 52 -8.41 41.07 -12.19
CA GLY A 52 -7.92 41.48 -13.48
C GLY A 52 -7.73 42.99 -13.62
N PRO A 53 -6.89 43.46 -14.54
CA PRO A 53 -6.07 42.66 -15.47
C PRO A 53 -5.03 41.88 -14.67
N LEU A 54 -4.75 40.64 -15.08
CA LEU A 54 -3.78 39.82 -14.38
C LEU A 54 -2.37 40.41 -14.53
N PRO A 55 -1.58 40.43 -13.44
CA PRO A 55 -0.19 40.89 -13.49
C PRO A 55 0.77 39.86 -14.08
N PHE A 56 0.21 38.93 -14.86
CA PHE A 56 1.00 37.89 -15.52
C PHE A 56 0.25 37.42 -16.77
N SER A 57 0.99 36.87 -17.73
CA SER A 57 0.41 36.41 -18.97
C SER A 57 -0.68 35.34 -18.79
N PHE A 58 -1.81 35.55 -19.44
CA PHE A 58 -2.93 34.63 -19.35
C PHE A 58 -2.56 33.26 -19.93
N ASP A 59 -1.49 33.20 -20.71
CA ASP A 59 -1.06 31.94 -21.31
C ASP A 59 -0.88 30.81 -20.27
N ILE A 60 -0.43 31.16 -19.06
CA ILE A 60 -0.23 30.11 -18.06
C ILE A 60 -1.55 29.52 -17.56
N LEU A 61 -2.67 30.16 -17.88
CA LEU A 61 -3.97 29.65 -17.44
C LEU A 61 -4.64 28.79 -18.52
N THR A 62 -4.36 29.12 -19.78
CA THR A 62 -4.93 28.42 -20.92
C THR A 62 -4.98 26.89 -20.82
N PRO A 63 -3.82 26.23 -20.61
CA PRO A 63 -3.78 24.76 -20.51
C PRO A 63 -4.64 24.11 -19.43
N ASN A 64 -5.11 24.91 -18.48
CA ASN A 64 -5.95 24.39 -17.40
C ASN A 64 -7.40 24.34 -17.82
N CYS A 65 -7.83 25.05 -18.85
CA CYS A 65 -9.20 25.14 -19.41
C CYS A 65 -9.17 23.94 -20.36
N1 QLG A 66 -7.84 23.31 -20.66
CA1 QLG A 66 -7.10 22.82 -21.74
CA2 QLG A 66 -5.94 20.06 -22.35
CA3 QLG A 66 -7.87 20.45 -19.37
C3 QLG A 66 -9.31 20.20 -19.76
O3 QLG A 66 -9.94 19.72 -18.82
CB1 QLG A 66 -7.77 23.82 -22.62
CB2 QLG A 66 -5.05 19.62 -23.49
CG1 QLG A 66 -8.07 24.38 -23.98
CG2 QLG A 66 -4.56 18.20 -23.60
CD1 QLG A 66 -3.61 17.74 -22.54
CD2 QLG A 66 -5.56 17.15 -23.16
CD3 QLG A 66 -7.08 25.22 -24.77
NE1 QLG A 66 -5.81 24.90 -24.79
OE1 QLG A 66 -7.50 26.31 -25.36
C1 QLG A 66 -7.53 21.41 -21.57
C2 QLG A 66 -5.87 19.98 -20.87
N2 QLG A 66 -6.96 20.91 -22.66
O2 QLG A 66 -5.09 19.33 -20.19
N3 QLG A 66 -6.92 20.84 -20.41
N SER A 67 -9.78 20.25 -20.66
CA SER A 67 -11.05 19.93 -21.28
C SER A 67 -10.74 18.68 -22.10
N VAL A 68 -10.30 17.64 -21.41
CA VAL A 68 -9.91 16.39 -22.03
C VAL A 68 -11.03 15.47 -22.52
N ALA A 69 -12.27 15.87 -22.34
CA ALA A 69 -13.39 15.07 -22.82
C ALA A 69 -13.64 15.47 -24.27
N ILE A 70 -13.06 16.62 -24.65
CA ILE A 70 -13.20 17.15 -26.00
C ILE A 70 -11.93 16.90 -26.80
N THR A 71 -11.82 15.68 -27.31
CA THR A 71 -10.67 15.26 -28.10
C THR A 71 -11.13 14.18 -29.06
N LYS A 72 -10.56 14.16 -30.26
CA LYS A 72 -10.92 13.16 -31.26
C LYS A 72 -10.08 11.92 -31.02
N TYR A 73 -10.70 10.88 -30.45
CA TYR A 73 -10.00 9.63 -30.19
C TYR A 73 -10.11 8.73 -31.41
N THR A 74 -8.98 8.54 -32.08
CA THR A 74 -8.91 7.72 -33.29
C THR A 74 -8.36 6.32 -33.07
N SER A 75 -8.25 5.58 -34.17
CA SER A 75 -7.68 4.24 -34.19
C SER A 75 -8.26 3.21 -33.21
N GLY A 76 -9.47 3.44 -32.75
CA GLY A 76 -10.09 2.51 -31.82
C GLY A 76 -9.54 2.56 -30.41
N ILE A 77 -8.74 3.57 -30.11
CA ILE A 77 -8.18 3.70 -28.77
C ILE A 77 -9.29 4.06 -27.78
N PRO A 78 -9.49 3.24 -26.75
CA PRO A 78 -10.54 3.54 -25.77
C PRO A 78 -10.41 4.95 -25.20
N ASP A 79 -11.56 5.63 -25.10
CA ASP A 79 -11.64 7.00 -24.60
C ASP A 79 -12.00 7.00 -23.11
N TYR A 80 -10.98 7.08 -22.27
CA TYR A 80 -11.14 7.08 -20.82
C TYR A 80 -12.05 8.18 -20.29
N PHE A 81 -12.01 9.34 -20.93
CA PHE A 81 -12.81 10.47 -20.47
C PHE A 81 -14.29 10.37 -20.84
N LYS A 82 -14.60 10.06 -22.10
CA LYS A 82 -16.00 9.92 -22.49
C LYS A 82 -16.67 8.72 -21.81
N GLN A 83 -15.91 7.67 -21.55
CA GLN A 83 -16.50 6.50 -20.88
C GLN A 83 -16.93 6.85 -19.46
N SER A 84 -16.27 7.85 -18.87
CA SER A 84 -16.57 8.26 -17.50
C SER A 84 -17.95 8.85 -17.23
N PHE A 85 -18.62 9.36 -18.26
CA PHE A 85 -19.94 9.93 -18.05
C PHE A 85 -20.95 8.81 -17.91
N PRO A 86 -22.08 9.07 -17.23
CA PRO A 86 -22.47 10.33 -16.61
C PRO A 86 -21.75 10.72 -15.30
N GLU A 87 -21.08 9.76 -14.67
CA GLU A 87 -20.36 10.03 -13.41
C GLU A 87 -19.37 11.19 -13.52
N GLY A 88 -18.63 11.25 -14.62
CA GLY A 88 -17.67 12.32 -14.80
C GLY A 88 -16.27 11.93 -14.33
N PHE A 89 -15.40 12.92 -14.18
CA PHE A 89 -14.04 12.68 -13.74
C PHE A 89 -13.39 13.94 -13.19
N THR A 90 -12.19 13.78 -12.63
CA THR A 90 -11.42 14.90 -12.09
C THR A 90 -9.98 14.67 -12.52
N TRP A 91 -9.16 15.71 -12.49
CA TRP A 91 -7.74 15.50 -12.80
C TRP A 91 -6.89 16.48 -11.97
N GLU A 92 -5.66 16.06 -11.74
CA GLU A 92 -4.71 16.81 -10.95
C GLU A 92 -3.42 16.91 -11.73
N ARG A 93 -2.68 18.00 -11.54
CA ARG A 93 -1.47 18.21 -12.30
C ARG A 93 -0.54 19.27 -11.70
N THR A 94 0.73 19.17 -12.06
CA THR A 94 1.71 20.16 -11.64
C THR A 94 2.55 20.43 -12.88
N THR A 95 2.67 21.70 -13.22
CA THR A 95 3.43 22.12 -14.38
C THR A 95 4.73 22.75 -13.87
N ILE A 96 5.85 22.20 -14.31
CA ILE A 96 7.16 22.69 -13.88
C ILE A 96 7.82 23.47 -15.02
N TYR A 97 8.09 24.76 -14.78
CA TYR A 97 8.74 25.60 -15.79
C TYR A 97 10.27 25.57 -15.64
N GLU A 98 10.97 25.67 -16.77
CA GLU A 98 12.43 25.62 -16.72
C GLU A 98 13.09 26.72 -15.89
N ASP A 99 12.39 27.84 -15.69
CA ASP A 99 12.97 28.92 -14.90
C ASP A 99 12.57 28.89 -13.42
N GLY A 100 12.19 27.70 -12.95
CA GLY A 100 11.84 27.54 -11.56
C GLY A 100 10.42 27.73 -11.07
N ALA A 101 9.51 28.16 -11.96
CA ALA A 101 8.12 28.35 -11.54
C ALA A 101 7.36 27.03 -11.50
N TYR A 102 6.40 26.93 -10.58
CA TYR A 102 5.56 25.74 -10.45
C TYR A 102 4.09 26.15 -10.43
N LEU A 103 3.25 25.36 -11.08
CA LEU A 103 1.82 25.66 -11.10
C LEU A 103 1.05 24.34 -10.96
N THR A 104 0.32 24.21 -9.87
CA THR A 104 -0.44 23.00 -9.57
C THR A 104 -1.95 23.19 -9.77
N THR A 105 -2.59 22.19 -10.36
CA THR A 105 -4.01 22.27 -10.65
C THR A 105 -4.83 21.08 -10.17
N GLN A 106 -6.07 21.35 -9.78
CA GLN A 106 -7.04 20.33 -9.33
C GLN A 106 -8.31 20.69 -10.10
N GLN A 107 -8.85 19.75 -10.86
CA GLN A 107 -10.04 20.04 -11.66
C GLN A 107 -11.13 18.98 -11.56
N GLU A 108 -12.38 19.42 -11.58
CA GLU A 108 -13.50 18.50 -11.56
C GLU A 108 -14.34 18.72 -12.81
N THR A 109 -14.68 17.63 -13.49
CA THR A 109 -15.46 17.71 -14.72
C THR A 109 -16.78 16.94 -14.56
N LYS A 110 -17.90 17.62 -14.80
CA LYS A 110 -19.20 16.98 -14.71
C LYS A 110 -20.04 17.36 -15.91
N LEU A 111 -21.04 16.52 -16.20
CA LEU A 111 -21.93 16.74 -17.34
C LEU A 111 -23.37 16.87 -16.87
N ASP A 112 -23.97 18.03 -17.12
CA ASP A 112 -25.36 18.27 -16.74
C ASP A 112 -26.15 18.45 -18.04
N GLY A 113 -26.88 17.41 -18.44
CA GLY A 113 -27.62 17.50 -19.68
C GLY A 113 -26.57 17.51 -20.78
N ASN A 114 -26.54 18.55 -21.59
CA ASN A 114 -25.53 18.63 -22.62
C ASN A 114 -24.62 19.82 -22.33
N CYS A 115 -24.40 20.09 -21.05
CA CYS A 115 -23.52 21.16 -20.61
C CYS A 115 -22.39 20.59 -19.77
N LEU A 116 -21.17 20.68 -20.29
CA LEU A 116 -19.99 20.21 -19.58
C LEU A 116 -19.60 21.33 -18.63
N VAL A 117 -19.44 21.01 -17.36
CA VAL A 117 -19.06 22.01 -16.37
C VAL A 117 -17.67 21.74 -15.81
N TYR A 118 -16.82 22.78 -15.84
CA TYR A 118 -15.45 22.67 -15.34
C TYR A 118 -15.26 23.51 -14.08
N ASN A 119 -14.72 22.90 -13.03
CA ASN A 119 -14.44 23.62 -11.79
C ASN A 119 -12.94 23.45 -11.58
N ILE A 120 -12.20 24.56 -11.62
CA ILE A 120 -10.74 24.52 -11.51
C ILE A 120 -10.13 25.32 -10.35
N LYS A 121 -9.18 24.70 -9.67
CA LYS A 121 -8.46 25.34 -8.57
C LYS A 121 -6.99 25.39 -8.95
N ILE A 122 -6.34 26.52 -8.69
CA ILE A 122 -4.94 26.70 -9.05
C ILE A 122 -4.09 27.41 -8.00
N LEU A 123 -2.84 26.98 -7.89
CA LEU A 123 -1.86 27.58 -6.99
C LEU A 123 -0.52 27.62 -7.73
N GLY A 124 0.02 28.82 -7.94
CA GLY A 124 1.28 28.94 -8.64
C GLY A 124 2.31 29.70 -7.83
N CYS A 125 3.58 29.36 -8.00
CA CYS A 125 4.62 30.04 -7.24
C CYS A 125 5.96 30.14 -7.94
N ASN A 126 6.83 30.94 -7.35
CA ASN A 126 8.18 31.15 -7.83
C ASN A 126 8.35 31.60 -9.28
N PHE A 127 7.36 32.28 -9.84
CA PHE A 127 7.53 32.78 -11.20
C PHE A 127 8.47 33.98 -11.10
N PRO A 128 9.63 33.95 -11.82
CA PRO A 128 10.49 35.12 -11.75
C PRO A 128 9.81 36.41 -12.23
N PRO A 129 9.94 37.50 -11.46
CA PRO A 129 9.33 38.79 -11.80
C PRO A 129 9.79 39.36 -13.13
N ASN A 130 11.00 39.00 -13.55
CA ASN A 130 11.53 39.49 -14.81
C ASN A 130 11.49 38.43 -15.89
N GLY A 131 10.79 37.32 -15.60
CA GLY A 131 10.66 36.26 -16.57
C GLY A 131 9.58 36.63 -17.58
N PRO A 132 9.51 35.94 -18.72
CA PRO A 132 8.49 36.25 -19.74
C PRO A 132 7.03 36.16 -19.29
N VAL A 133 6.73 35.30 -18.34
CA VAL A 133 5.35 35.17 -17.87
C VAL A 133 4.91 36.44 -17.11
N MSE A 134 5.64 36.77 -16.04
CA MSE A 134 5.30 37.94 -15.24
C MSE A 134 5.43 39.27 -15.99
O MSE A 134 4.81 40.27 -15.62
CB MSE A 134 6.17 37.99 -13.98
CG MSE A 134 5.93 36.84 -13.00
SE MSE A 134 4.11 36.73 -12.32
CE MSE A 134 4.08 38.37 -11.33
N GLN A 135 6.21 39.28 -17.06
CA GLN A 135 6.39 40.49 -17.86
C GLN A 135 5.42 40.52 -19.04
N LYS A 136 4.65 39.46 -19.20
CA LYS A 136 3.67 39.38 -20.28
C LYS A 136 4.34 39.50 -21.64
N LYS A 137 5.42 38.74 -21.84
CA LYS A 137 6.12 38.76 -23.12
C LYS A 137 5.89 37.47 -23.91
N THR A 138 5.05 36.59 -23.39
CA THR A 138 4.77 35.34 -24.09
C THR A 138 3.72 35.59 -25.15
N GLN A 139 3.77 34.81 -26.23
CA GLN A 139 2.83 34.98 -27.33
C GLN A 139 2.11 33.68 -27.66
N GLY A 140 1.58 33.03 -26.63
CA GLY A 140 0.86 31.79 -26.85
C GLY A 140 1.75 30.56 -26.87
N TRP A 141 1.13 29.39 -26.79
CA TRP A 141 1.84 28.14 -26.79
C TRP A 141 2.04 27.54 -28.16
N GLU A 142 3.09 26.74 -28.27
CA GLU A 142 3.37 26.05 -29.51
C GLU A 142 2.47 24.80 -29.36
N PRO A 143 2.13 24.12 -30.46
CA PRO A 143 1.29 22.94 -30.23
C PRO A 143 2.09 21.88 -29.46
N CYS A 144 1.41 20.92 -28.85
CA CYS A 144 2.11 19.91 -28.06
C CYS A 144 1.63 18.48 -28.25
N CYS A 145 2.37 17.54 -27.68
CA CYS A 145 2.05 16.12 -27.76
C CYS A 145 2.11 15.50 -26.38
N GLU A 146 0.99 14.98 -25.91
CA GLU A 146 0.95 14.35 -24.60
C GLU A 146 1.11 12.84 -24.69
N MSE A 147 1.83 12.30 -23.72
CA MSE A 147 2.07 10.88 -23.60
C MSE A 147 1.06 10.37 -22.57
O MSE A 147 0.96 10.94 -21.48
CB MSE A 147 3.50 10.72 -23.09
CG MSE A 147 3.99 9.34 -22.84
SE MSE A 147 5.88 9.48 -22.47
CE MSE A 147 5.84 9.65 -20.56
N ARG A 148 0.29 9.34 -22.91
CA ARG A 148 -0.72 8.80 -21.99
C ARG A 148 -0.56 7.30 -21.74
N TYR A 149 -0.59 6.92 -20.47
CA TYR A 149 -0.42 5.53 -20.07
C TYR A 149 -1.09 5.27 -18.73
N THR A 150 -1.51 4.04 -18.51
CA THR A 150 -2.17 3.69 -17.26
C THR A 150 -1.21 3.28 -16.15
N ARG A 151 -1.65 3.49 -14.92
CA ARG A 151 -0.87 3.12 -13.75
C ARG A 151 -1.78 3.09 -12.53
N ASP A 152 -1.67 2.03 -11.75
CA ASP A 152 -2.48 1.87 -10.54
C ASP A 152 -3.97 2.07 -10.77
N GLY A 153 -4.48 1.56 -11.88
CA GLY A 153 -5.90 1.69 -12.15
C GLY A 153 -6.41 3.04 -12.63
N VAL A 154 -5.52 4.00 -12.90
CA VAL A 154 -5.93 5.30 -13.39
C VAL A 154 -5.12 5.66 -14.63
N LEU A 155 -5.46 6.78 -15.27
CA LEU A 155 -4.73 7.19 -16.47
C LEU A 155 -3.79 8.36 -16.14
N CYS A 156 -2.55 8.22 -16.57
CA CYS A 156 -1.53 9.24 -16.34
C CYS A 156 -1.17 9.89 -17.66
N GLY A 157 -0.64 11.10 -17.58
CA GLY A 157 -0.22 11.80 -18.77
C GLY A 157 0.98 12.68 -18.45
N GLN A 158 1.85 12.88 -19.45
CA GLN A 158 3.02 13.75 -19.28
C GLN A 158 3.18 14.51 -20.59
N THR A 159 3.39 15.81 -20.48
CA THR A 159 3.52 16.64 -21.66
C THR A 159 4.66 17.63 -21.52
N LEU A 160 5.31 17.92 -22.64
CA LEU A 160 6.35 18.94 -22.66
C LEU A 160 5.69 20.01 -23.50
N MSE A 161 5.70 21.25 -23.01
CA MSE A 161 5.10 22.35 -23.76
C MSE A 161 6.11 23.50 -23.86
O MSE A 161 7.09 23.54 -23.12
CB MSE A 161 3.82 22.84 -23.05
CG MSE A 161 2.74 21.77 -22.88
SE MSE A 161 0.97 22.49 -22.51
CE MSE A 161 1.33 23.53 -20.91
N ALA A 162 5.87 24.42 -24.78
CA ALA A 162 6.79 25.54 -24.96
C ALA A 162 6.07 26.83 -25.34
N LEU A 163 6.27 27.85 -24.52
CA LEU A 163 5.69 29.17 -24.76
C LEU A 163 6.59 29.97 -25.69
N LYS A 164 6.00 30.58 -26.71
CA LYS A 164 6.75 31.40 -27.63
C LYS A 164 6.99 32.75 -26.96
N CYS A 165 8.22 33.24 -27.02
CA CYS A 165 8.55 34.53 -26.43
C CYS A 165 8.75 35.53 -27.55
N ALA A 166 8.50 36.80 -27.25
CA ALA A 166 8.63 37.85 -28.24
C ALA A 166 10.01 37.91 -28.88
N ASP A 167 11.04 37.49 -28.15
CA ASP A 167 12.41 37.52 -28.67
C ASP A 167 12.85 36.33 -29.50
N GLY A 168 11.90 35.50 -29.95
CA GLY A 168 12.25 34.35 -30.76
C GLY A 168 12.59 33.10 -29.95
N ASN A 169 12.72 33.28 -28.64
CA ASN A 169 13.02 32.16 -27.76
C ASN A 169 11.74 31.45 -27.35
N HIS A 170 11.90 30.35 -26.62
CA HIS A 170 10.77 29.57 -26.12
C HIS A 170 11.02 29.32 -24.63
N LEU A 171 9.95 29.31 -23.85
CA LEU A 171 10.08 29.03 -22.42
C LEU A 171 9.42 27.65 -22.30
N THR A 172 10.17 26.66 -21.83
CA THR A 172 9.63 25.32 -21.75
C THR A 172 9.17 24.91 -20.36
N CYS A 173 8.29 23.92 -20.33
CA CYS A 173 7.77 23.39 -19.07
C CYS A 173 7.40 21.93 -19.24
N HIS A 174 7.15 21.27 -18.12
CA HIS A 174 6.84 19.86 -18.06
C HIS A 174 5.57 19.63 -17.23
N LEU A 175 4.54 19.03 -17.85
CA LEU A 175 3.27 18.76 -17.16
C LEU A 175 3.20 17.30 -16.74
N ARG A 176 2.77 17.06 -15.50
CA ARG A 176 2.63 15.69 -14.98
C ARG A 176 1.20 15.57 -14.46
N THR A 177 0.41 14.74 -15.12
CA THR A 177 -1.00 14.60 -14.77
C THR A 177 -1.54 13.23 -14.40
N THR A 178 -2.50 13.22 -13.47
CA THR A 178 -3.17 12.00 -13.08
C THR A 178 -4.65 12.26 -13.37
N TYR A 179 -5.23 11.45 -14.25
CA TYR A 179 -6.64 11.60 -14.58
C TYR A 179 -7.40 10.53 -13.78
N ARG A 180 -8.48 10.94 -13.12
CA ARG A 180 -9.24 10.02 -12.28
C ARG A 180 -10.73 9.92 -12.63
N SER A 181 -11.12 8.82 -13.26
CA SER A 181 -12.52 8.62 -13.60
C SER A 181 -13.33 8.46 -12.32
N LYS A 182 -14.60 8.79 -12.37
CA LYS A 182 -15.47 8.64 -11.20
C LYS A 182 -16.20 7.30 -11.28
N LYS A 183 -15.87 6.52 -12.32
CA LYS A 183 -16.46 5.20 -12.50
C LYS A 183 -15.49 4.19 -11.93
N ALA A 184 -16.00 3.01 -11.60
CA ALA A 184 -15.17 1.94 -11.07
C ALA A 184 -14.26 1.46 -12.21
N ALA A 185 -13.03 1.13 -11.88
CA ALA A 185 -12.07 0.68 -12.88
C ALA A 185 -12.62 -0.49 -13.70
N LYS A 186 -13.25 -1.45 -13.02
CA LYS A 186 -13.79 -2.62 -13.70
C LYS A 186 -14.88 -2.30 -14.72
N ALA A 187 -15.46 -1.10 -14.64
CA ALA A 187 -16.50 -0.71 -15.58
C ALA A 187 -15.94 0.13 -16.72
N LEU A 188 -14.63 0.12 -16.88
CA LEU A 188 -14.00 0.91 -17.93
C LEU A 188 -13.08 0.06 -18.81
N GLN A 189 -12.94 0.45 -20.07
CA GLN A 189 -12.05 -0.26 -20.97
C GLN A 189 -10.78 0.60 -20.94
N MSE A 190 -9.78 0.16 -20.18
CA MSE A 190 -8.52 0.91 -20.06
C MSE A 190 -7.75 0.92 -21.37
O MSE A 190 -7.64 -0.09 -22.05
CB MSE A 190 -7.65 0.32 -18.94
CG MSE A 190 -8.28 0.37 -17.56
SE MSE A 190 -8.86 2.15 -17.04
CE MSE A 190 -7.13 2.94 -16.70
N PRO A 191 -7.22 2.11 -21.78
CA PRO A 191 -6.42 2.19 -22.98
C PRO A 191 -4.98 1.76 -22.90
N PRO A 192 -4.37 1.42 -24.04
CA PRO A 192 -2.96 1.14 -24.15
C PRO A 192 -2.18 2.42 -24.26
N PHE A 193 -0.86 2.35 -24.18
CA PHE A 193 -0.04 3.55 -24.31
C PHE A 193 -0.41 4.29 -25.59
N HIS A 194 -0.51 5.62 -25.53
CA HIS A 194 -0.82 6.39 -26.71
C HIS A 194 -0.49 7.86 -26.54
N PHE A 195 -0.75 8.65 -27.59
CA PHE A 195 -0.46 10.07 -27.56
C PHE A 195 -1.69 10.91 -27.85
N SER A 196 -1.58 12.20 -27.52
CA SER A 196 -2.64 13.16 -27.78
C SER A 196 -1.98 14.46 -28.20
N ASP A 197 -2.32 14.94 -29.40
CA ASP A 197 -1.77 16.21 -29.90
C ASP A 197 -2.76 17.27 -29.44
N HIS A 198 -2.27 18.43 -29.04
CA HIS A 198 -3.12 19.53 -28.58
C HIS A 198 -2.60 20.84 -29.15
N ARG A 199 -3.56 21.64 -29.66
CA ARG A 199 -3.21 22.93 -30.25
C ARG A 199 -4.09 24.03 -29.65
N PRO A 200 -3.68 24.59 -28.53
CA PRO A 200 -4.37 25.70 -27.86
C PRO A 200 -4.04 27.07 -28.48
N GLU A 201 -5.06 27.91 -28.64
CA GLU A 201 -4.82 29.24 -29.22
C GLU A 201 -5.78 30.30 -28.66
N ILE A 202 -5.25 31.50 -28.45
CA ILE A 202 -6.09 32.61 -27.99
C ILE A 202 -6.28 33.40 -29.26
N VAL A 203 -7.52 33.54 -29.71
CA VAL A 203 -7.78 34.26 -30.95
C VAL A 203 -8.23 35.70 -30.76
N LYS A 204 -8.59 36.06 -29.54
CA LYS A 204 -9.04 37.41 -29.29
C LYS A 204 -8.91 37.80 -27.82
N VAL A 205 -8.46 39.04 -27.60
CA VAL A 205 -8.30 39.58 -26.27
C VAL A 205 -9.01 40.92 -26.25
N SER A 206 -9.89 41.12 -25.28
CA SER A 206 -10.62 42.38 -25.19
C SER A 206 -10.96 42.75 -23.76
N GLU A 207 -11.59 43.91 -23.62
CA GLU A 207 -11.98 44.43 -22.31
C GLU A 207 -10.80 44.65 -21.39
N ASN A 208 -9.76 45.25 -21.96
CA ASN A 208 -8.54 45.60 -21.24
C ASN A 208 -7.82 44.37 -20.68
N GLY A 209 -7.77 43.31 -21.47
CA GLY A 209 -7.09 42.10 -21.05
C GLY A 209 -7.80 41.30 -19.99
N THR A 210 -9.14 41.28 -20.04
CA THR A 210 -9.91 40.52 -19.05
C THR A 210 -10.87 39.53 -19.71
N LEU A 211 -10.93 39.57 -21.05
CA LEU A 211 -11.80 38.67 -21.80
C LEU A 211 -10.99 38.06 -22.94
N PHE A 212 -10.93 36.73 -22.95
CA PHE A 212 -10.16 36.00 -23.96
C PHE A 212 -10.99 34.97 -24.71
N GLU A 213 -10.93 34.97 -26.04
CA GLU A 213 -11.64 33.98 -26.80
C GLU A 213 -10.60 32.89 -27.03
N GLN A 214 -10.84 31.71 -26.45
CA GLN A 214 -9.90 30.62 -26.53
C GLN A 214 -10.43 29.44 -27.36
N HIS A 215 -9.55 28.85 -28.17
CA HIS A 215 -9.93 27.72 -29.01
C HIS A 215 -8.92 26.59 -28.84
N GLU A 216 -9.35 25.38 -29.14
CA GLU A 216 -8.46 24.23 -29.05
C GLU A 216 -8.93 23.07 -29.90
N SER A 217 -7.94 22.31 -30.38
CA SER A 217 -8.17 21.11 -31.18
C SER A 217 -7.21 20.09 -30.61
N SER A 218 -7.66 18.84 -30.53
CA SER A 218 -6.82 17.78 -29.99
C SER A 218 -7.24 16.46 -30.62
N VAL A 219 -6.27 15.57 -30.79
CA VAL A 219 -6.50 14.25 -31.38
C VAL A 219 -5.65 13.22 -30.66
N ALA A 220 -6.27 12.11 -30.25
CA ALA A 220 -5.55 11.03 -29.58
C ALA A 220 -5.19 10.00 -30.65
N ARG A 221 -3.97 9.48 -30.61
CA ARG A 221 -3.51 8.56 -31.66
C ARG A 221 -2.28 7.75 -31.25
N TYR A 222 -1.85 6.89 -32.17
CA TYR A 222 -0.65 6.08 -31.98
C TYR A 222 0.40 6.79 -32.82
N CYS A 223 1.62 6.29 -32.83
CA CYS A 223 2.65 6.91 -33.65
C CYS A 223 2.33 6.48 -35.07
N GLN A 224 1.89 7.42 -35.88
CA GLN A 224 1.50 7.13 -37.26
C GLN A 224 2.56 7.42 -38.32
N THR A 225 3.65 8.08 -37.92
CA THR A 225 4.71 8.43 -38.88
C THR A 225 5.85 7.42 -38.96
N CYS A 226 6.06 6.66 -37.90
CA CYS A 226 7.15 5.68 -37.88
C CYS A 226 6.63 4.25 -37.78
N PRO A 227 6.71 3.49 -38.89
CA PRO A 227 6.25 2.10 -38.97
C PRO A 227 7.01 1.19 -38.01
N SER A 228 6.31 0.16 -37.51
CA SER A 228 6.91 -0.78 -36.58
C SER A 228 7.47 -1.98 -37.33
N LYS A 229 8.66 -2.39 -36.93
CA LYS A 229 9.33 -3.54 -37.54
C LYS A 229 8.81 -4.79 -36.84
N LEU A 230 8.24 -4.61 -35.66
CA LEU A 230 7.71 -5.71 -34.87
C LEU A 230 6.19 -5.85 -34.90
N GLY A 231 5.55 -5.07 -35.77
CA GLY A 231 4.11 -5.13 -35.88
C GLY A 231 3.32 -4.46 -34.76
N HIS A 232 3.95 -3.57 -34.02
CA HIS A 232 3.26 -2.88 -32.93
C HIS A 232 2.65 -1.57 -33.44
N ASN A 233 1.67 -1.05 -32.70
CA ASN A 233 1.04 0.21 -33.08
C ASN A 233 2.01 1.34 -32.73
N ILE B 8 7.33 42.21 17.70
CA ILE B 8 6.43 41.13 18.19
C ILE B 8 6.77 40.74 19.63
N SER B 9 5.74 40.39 20.40
CA SER B 9 5.90 40.00 21.79
C SER B 9 6.77 38.76 21.96
N ASP B 10 7.23 38.52 23.19
CA ASP B 10 8.06 37.36 23.48
C ASP B 10 7.23 36.08 23.55
N ASN B 11 5.92 36.25 23.71
CA ASN B 11 4.99 35.12 23.76
C ASN B 11 3.78 35.48 22.91
N VAL B 12 3.48 34.65 21.93
CA VAL B 12 2.33 34.91 21.08
C VAL B 12 1.42 33.71 21.01
N ARG B 13 0.15 33.96 20.67
CA ARG B 13 -0.80 32.89 20.51
C ARG B 13 -0.79 32.56 19.03
N ILE B 14 -1.32 31.40 18.68
CA ILE B 14 -1.36 31.00 17.29
C ILE B 14 -2.73 30.48 16.92
N LYS B 15 -3.22 30.94 15.78
CA LYS B 15 -4.49 30.49 15.24
C LYS B 15 -4.19 30.11 13.80
N LEU B 16 -4.67 28.95 13.37
CA LEU B 16 -4.39 28.52 12.01
C LEU B 16 -5.62 28.00 11.26
N TYR B 17 -5.69 28.33 9.97
CA TYR B 17 -6.77 27.90 9.11
C TYR B 17 -6.13 27.27 7.88
N MSE B 18 -6.57 26.04 7.56
CA MSE B 18 -6.03 25.32 6.43
C MSE B 18 -7.12 24.61 5.63
O MSE B 18 -8.04 24.03 6.21
CB MSE B 18 -5.00 24.29 6.89
CG MSE B 18 -4.45 23.40 5.78
SE MSE B 18 -3.34 21.94 6.41
CE MSE B 18 -1.74 22.92 6.77
N GLU B 19 -7.00 24.66 4.32
CA GLU B 19 -7.92 23.98 3.42
C GLU B 19 -7.09 23.45 2.25
N GLY B 20 -7.39 22.23 1.82
CA GLY B 20 -6.64 21.70 0.70
C GLY B 20 -7.28 20.50 0.04
N THR B 21 -6.67 20.05 -1.04
CA THR B 21 -7.13 18.88 -1.76
C THR B 21 -5.86 18.13 -2.17
N VAL B 22 -5.77 16.87 -1.79
CA VAL B 22 -4.61 16.05 -2.12
C VAL B 22 -5.11 14.77 -2.79
N ASN B 23 -4.64 14.48 -3.99
CA ASN B 23 -5.09 13.29 -4.71
C ASN B 23 -6.62 13.22 -4.71
N ASN B 24 -7.25 14.36 -4.99
CA ASN B 24 -8.70 14.48 -5.05
C ASN B 24 -9.43 14.32 -3.71
N HIS B 25 -8.72 14.39 -2.59
CA HIS B 25 -9.41 14.30 -1.30
C HIS B 25 -9.37 15.67 -0.63
N HIS B 26 -10.55 16.27 -0.46
CA HIS B 26 -10.69 17.58 0.14
C HIS B 26 -10.69 17.53 1.66
N PHE B 27 -10.06 18.53 2.28
CA PHE B 27 -10.01 18.57 3.74
C PHE B 27 -9.80 20.00 4.23
N MSE B 28 -10.03 20.20 5.52
CA MSE B 28 -9.85 21.49 6.16
C MSE B 28 -9.31 21.22 7.56
O MSE B 28 -9.67 20.22 8.18
CB MSE B 28 -11.16 22.26 6.28
CG MSE B 28 -11.70 22.78 4.96
SE MSE B 28 -13.38 23.72 5.24
CE MSE B 28 -12.67 25.47 5.63
N CYS B 29 -8.46 22.11 8.05
CA CYS B 29 -7.89 21.96 9.39
C CYS B 29 -7.89 23.31 10.09
N GLU B 30 -7.90 23.26 11.41
CA GLU B 30 -7.86 24.45 12.26
C GLU B 30 -6.98 24.15 13.47
N ALA B 31 -6.23 25.15 13.93
CA ALA B 31 -5.36 24.93 15.07
C ALA B 31 -5.23 26.16 15.97
N GLU B 32 -4.98 25.89 17.24
CA GLU B 32 -4.78 26.93 18.24
C GLU B 32 -3.43 26.57 18.85
N GLY B 33 -2.60 27.57 19.12
CA GLY B 33 -1.29 27.28 19.69
C GLY B 33 -0.63 28.44 20.41
N GLU B 34 0.65 28.26 20.68
CA GLU B 34 1.44 29.26 21.40
C GLU B 34 2.87 29.18 20.87
N GLY B 35 3.60 30.29 20.99
CA GLY B 35 4.96 30.29 20.52
C GLY B 35 5.79 31.39 21.15
N LYS B 36 7.11 31.21 21.12
CA LYS B 36 8.04 32.19 21.67
C LYS B 36 8.95 32.56 20.50
N PRO B 37 8.61 33.63 19.78
CA PRO B 37 9.28 34.14 18.59
C PRO B 37 10.80 34.21 18.64
N TYR B 38 11.35 34.71 19.74
CA TYR B 38 12.80 34.83 19.85
C TYR B 38 13.50 33.57 20.34
N GLU B 39 12.73 32.67 20.94
CA GLU B 39 13.27 31.41 21.42
C GLU B 39 13.20 30.38 20.28
N GLY B 40 12.38 30.70 19.28
CA GLY B 40 12.23 29.82 18.14
C GLY B 40 11.48 28.53 18.40
N THR B 41 10.58 28.54 19.38
CA THR B 41 9.80 27.34 19.71
C THR B 41 8.31 27.65 19.64
N GLN B 42 7.54 26.68 19.16
CA GLN B 42 6.09 26.86 19.09
C GLN B 42 5.39 25.52 19.15
N MSE B 43 4.12 25.56 19.53
CA MSE B 43 3.30 24.37 19.65
C MSE B 43 1.90 24.64 19.12
O MSE B 43 1.38 25.73 19.26
CB MSE B 43 3.24 23.94 21.13
CG MSE B 43 2.09 23.00 21.48
SE MSE B 43 0.41 23.93 21.80
CE MSE B 43 0.56 24.17 23.71
N GLU B 44 1.32 23.63 18.48
CA GLU B 44 -0.02 23.76 17.92
C GLU B 44 -0.80 22.47 18.08
N ASN B 45 -2.11 22.61 18.29
CA ASN B 45 -3.00 21.46 18.37
C ASN B 45 -3.82 21.60 17.10
N ILE B 46 -3.48 20.81 16.09
CA ILE B 46 -4.16 20.86 14.80
C ILE B 46 -5.28 19.85 14.72
N LYS B 47 -6.45 20.32 14.33
CA LYS B 47 -7.62 19.46 14.21
C LYS B 47 -8.06 19.39 12.76
N VAL B 48 -8.39 18.18 12.30
CA VAL B 48 -8.88 18.02 10.94
C VAL B 48 -10.38 18.21 11.11
N THR B 49 -10.86 19.40 10.76
CA THR B 49 -12.27 19.75 10.89
C THR B 49 -13.18 19.19 9.81
N LYS B 50 -12.60 18.85 8.66
CA LYS B 50 -13.37 18.29 7.56
C LYS B 50 -12.51 17.35 6.73
N GLY B 51 -13.08 16.21 6.33
CA GLY B 51 -12.35 15.25 5.54
C GLY B 51 -11.48 14.29 6.34
N GLY B 52 -11.64 14.31 7.67
CA GLY B 52 -10.84 13.43 8.52
C GLY B 52 -11.61 12.24 9.07
N PRO B 53 -10.94 11.13 9.42
CA PRO B 53 -9.52 10.87 9.28
C PRO B 53 -9.05 10.98 7.85
N LEU B 54 -7.87 11.52 7.60
CA LEU B 54 -7.35 11.64 6.25
C LEU B 54 -6.91 10.30 5.70
N PRO B 55 -7.12 10.05 4.41
CA PRO B 55 -6.67 8.83 3.73
C PRO B 55 -5.17 8.82 3.40
N PHE B 56 -4.42 9.65 4.11
CA PHE B 56 -2.98 9.74 3.90
C PHE B 56 -2.35 10.27 5.19
N SER B 57 -1.03 10.09 5.31
CA SER B 57 -0.32 10.54 6.49
C SER B 57 -0.38 12.05 6.71
N PHE B 58 -0.65 12.44 7.96
CA PHE B 58 -0.73 13.84 8.33
C PHE B 58 0.65 14.49 8.21
N ASP B 59 1.70 13.68 8.18
CA ASP B 59 3.07 14.19 8.07
C ASP B 59 3.27 15.20 6.92
N ILE B 60 2.64 14.96 5.77
CA ILE B 60 2.81 15.88 4.63
C ILE B 60 2.19 17.26 4.87
N LEU B 61 1.38 17.38 5.92
CA LEU B 61 0.76 18.67 6.22
C LEU B 61 1.58 19.48 7.24
N THR B 62 2.20 18.78 8.18
CA THR B 62 3.02 19.39 9.24
C THR B 62 3.92 20.56 8.84
N PRO B 63 4.77 20.38 7.81
CA PRO B 63 5.66 21.46 7.39
C PRO B 63 5.03 22.77 6.89
N ASN B 64 3.73 22.74 6.59
CA ASN B 64 3.05 23.93 6.11
C ASN B 64 2.51 24.78 7.28
N CYS B 65 2.76 24.22 8.44
CA CYS B 65 2.28 24.91 9.60
C CYS B 65 3.39 25.59 10.35
N1 QLG B 66 4.56 25.11 9.45
CA1 QLG B 66 5.98 24.69 9.67
CA2 QLG B 66 8.65 25.88 8.78
CA3 QLG B 66 5.66 27.50 7.73
C3 QLG B 66 5.30 28.49 8.82
O3 QLG B 66 4.73 29.47 8.35
CB1 QLG B 66 5.54 24.16 11.00
CB2 QLG B 66 10.06 25.37 9.04
CG1 QLG B 66 5.84 23.59 12.36
CG2 QLG B 66 11.26 26.09 8.47
CD1 QLG B 66 11.40 26.09 6.98
CD2 QLG B 66 11.13 27.61 8.46
CD3 QLG B 66 6.29 22.17 12.58
NE1 QLG B 66 7.15 21.61 11.77
OE1 QLG B 66 5.75 21.48 13.56
C1 QLG B 66 6.54 26.06 9.46
C2 QLG B 66 7.85 26.24 7.59
N2 QLG B 66 7.79 25.80 9.83
O2 QLG B 66 8.27 26.39 6.44
N3 QLG B 66 6.51 26.37 8.06
N SER B 67 6.07 28.39 10.02
CA SER B 67 6.50 28.88 11.34
C SER B 67 7.52 29.98 11.65
N VAL B 68 7.98 30.61 10.55
CA VAL B 68 9.19 31.21 9.97
C VAL B 68 9.19 32.51 10.77
N ALA B 69 8.19 32.97 11.51
CA ALA B 69 8.37 34.16 12.33
C ALA B 69 8.87 33.69 13.70
N ILE B 70 8.62 32.42 13.98
CA ILE B 70 9.03 31.81 15.24
C ILE B 70 10.30 31.00 15.02
N THR B 71 11.42 31.70 15.00
CA THR B 71 12.73 31.10 14.80
C THR B 71 13.74 31.95 15.56
N LYS B 72 14.73 31.31 16.18
CA LYS B 72 15.74 32.04 16.92
C LYS B 72 16.81 32.52 15.94
N TYR B 73 16.77 33.80 15.58
CA TYR B 73 17.75 34.34 14.64
C TYR B 73 19.01 34.76 15.39
N THR B 74 20.13 34.12 15.07
CA THR B 74 21.41 34.37 15.72
C THR B 74 22.46 35.10 14.90
N SER B 75 23.61 35.33 15.52
CA SER B 75 24.77 35.97 14.90
C SER B 75 24.52 37.32 14.23
N GLY B 76 23.50 38.05 14.70
CA GLY B 76 23.21 39.35 14.12
C GLY B 76 22.58 39.31 12.73
N ILE B 77 22.22 38.12 12.26
CA ILE B 77 21.62 37.96 10.94
C ILE B 77 20.26 38.68 10.92
N PRO B 78 20.06 39.62 9.97
CA PRO B 78 18.76 40.31 9.93
C PRO B 78 17.59 39.34 9.73
N ASP B 79 16.53 39.57 10.51
CA ASP B 79 15.34 38.72 10.51
C ASP B 79 14.24 39.24 9.58
N TYR B 80 14.19 38.67 8.38
CA TYR B 80 13.21 39.06 7.36
C TYR B 80 11.75 39.00 7.82
N PHE B 81 11.44 38.00 8.62
CA PHE B 81 10.08 37.81 9.08
C PHE B 81 9.60 38.70 10.22
N LYS B 82 10.39 38.82 11.29
CA LYS B 82 9.98 39.68 12.39
C LYS B 82 9.97 41.16 11.97
N GLN B 83 10.84 41.53 11.04
CA GLN B 83 10.90 42.91 10.56
C GLN B 83 9.65 43.28 9.76
N SER B 84 8.95 42.26 9.24
CA SER B 84 7.76 42.50 8.42
C SER B 84 6.52 42.97 9.18
N PHE B 85 6.47 42.73 10.48
CA PHE B 85 5.31 43.17 11.25
C PHE B 85 5.38 44.67 11.44
N PRO B 86 4.22 45.33 11.59
CA PRO B 86 2.86 44.78 11.60
C PRO B 86 2.28 44.40 10.25
N GLU B 87 2.94 44.78 9.16
CA GLU B 87 2.43 44.46 7.83
C GLU B 87 2.22 42.95 7.63
N GLY B 88 3.17 42.16 8.12
CA GLY B 88 3.05 40.71 7.97
C GLY B 88 3.71 40.25 6.68
N PHE B 89 3.39 39.04 6.26
CA PHE B 89 3.99 38.50 5.04
C PHE B 89 3.25 37.27 4.56
N THR B 90 3.64 36.78 3.39
CA THR B 90 3.06 35.58 2.82
C THR B 90 4.24 34.77 2.27
N TRP B 91 4.01 33.50 2.00
CA TRP B 91 5.07 32.68 1.40
C TRP B 91 4.39 31.61 0.53
N GLU B 92 5.09 31.24 -0.53
CA GLU B 92 4.59 30.26 -1.49
C GLU B 92 5.65 29.17 -1.64
N ARG B 93 5.21 27.95 -1.94
CA ARG B 93 6.14 26.84 -2.03
C ARG B 93 5.60 25.62 -2.76
N THR B 94 6.52 24.86 -3.35
CA THR B 94 6.16 23.61 -3.99
C THR B 94 7.14 22.60 -3.39
N THR B 95 6.60 21.47 -2.96
CA THR B 95 7.40 20.40 -2.38
C THR B 95 7.40 19.26 -3.40
N ILE B 96 8.58 18.83 -3.84
CA ILE B 96 8.68 17.76 -4.82
C ILE B 96 9.20 16.48 -4.17
N TYR B 97 8.35 15.45 -4.12
CA TYR B 97 8.74 14.18 -3.54
C TYR B 97 9.48 13.32 -4.56
N GLU B 98 10.41 12.49 -4.11
CA GLU B 98 11.20 11.66 -5.01
C GLU B 98 10.38 10.62 -5.77
N ASP B 99 9.17 10.32 -5.29
CA ASP B 99 8.35 9.33 -5.98
C ASP B 99 7.27 9.93 -6.89
N GLY B 100 7.48 11.18 -7.30
CA GLY B 100 6.57 11.84 -8.22
C GLY B 100 5.45 12.70 -7.66
N ALA B 101 5.30 12.73 -6.34
CA ALA B 101 4.25 13.53 -5.74
C ALA B 101 4.64 15.00 -5.68
N TYR B 102 3.64 15.88 -5.83
CA TYR B 102 3.87 17.31 -5.75
C TYR B 102 2.83 17.92 -4.82
N LEU B 103 3.26 18.87 -4.00
CA LEU B 103 2.34 19.56 -3.10
C LEU B 103 2.72 21.05 -3.07
N THR B 104 1.81 21.88 -3.54
CA THR B 104 2.05 23.33 -3.61
C THR B 104 1.29 24.08 -2.52
N THR B 105 1.96 25.05 -1.89
CA THR B 105 1.35 25.80 -0.80
C THR B 105 1.43 27.32 -0.98
N GLN B 106 0.37 27.99 -0.51
CA GLN B 106 0.24 29.45 -0.52
C GLN B 106 -0.15 29.77 0.91
N GLN B 107 0.60 30.64 1.57
CA GLN B 107 0.32 30.96 2.97
C GLN B 107 0.37 32.45 3.26
N GLU B 108 -0.50 32.89 4.16
CA GLU B 108 -0.56 34.27 4.58
C GLU B 108 -0.37 34.29 6.09
N THR B 109 0.50 35.17 6.57
CA THR B 109 0.76 35.30 8.00
C THR B 109 0.41 36.71 8.45
N LYS B 110 -0.51 36.82 9.41
CA LYS B 110 -0.90 38.13 9.91
C LYS B 110 -0.72 38.18 11.42
N LEU B 111 -0.58 39.38 11.96
CA LEU B 111 -0.42 39.55 13.40
C LEU B 111 -1.62 40.33 13.88
N ASP B 112 -2.52 39.65 14.59
CA ASP B 112 -3.72 40.28 15.14
C ASP B 112 -3.54 40.35 16.65
N GLY B 113 -3.15 41.51 17.15
CA GLY B 113 -2.92 41.65 18.57
C GLY B 113 -1.79 40.73 18.99
N ASN B 114 -2.07 39.82 19.92
CA ASN B 114 -1.07 38.88 20.43
C ASN B 114 -1.13 37.56 19.68
N CYS B 115 -1.92 37.53 18.61
CA CYS B 115 -2.10 36.30 17.87
C CYS B 115 -1.60 36.27 16.44
N LEU B 116 -0.68 35.36 16.16
CA LEU B 116 -0.18 35.19 14.79
C LEU B 116 -1.24 34.33 14.14
N VAL B 117 -1.75 34.75 12.99
CA VAL B 117 -2.78 33.99 12.29
C VAL B 117 -2.25 33.46 10.97
N TYR B 118 -2.39 32.16 10.77
CA TYR B 118 -1.92 31.50 9.56
C TYR B 118 -3.07 31.05 8.66
N ASN B 119 -3.06 31.52 7.41
CA ASN B 119 -4.09 31.12 6.45
C ASN B 119 -3.35 30.35 5.36
N ILE B 120 -3.64 29.06 5.28
CA ILE B 120 -2.98 28.14 4.35
C ILE B 120 -3.88 27.52 3.28
N LYS B 121 -3.37 27.45 2.06
CA LYS B 121 -4.08 26.85 0.92
C LYS B 121 -3.15 25.79 0.34
N ILE B 122 -3.68 24.59 0.11
CA ILE B 122 -2.84 23.52 -0.42
C ILE B 122 -3.49 22.69 -1.51
N LEU B 123 -2.65 22.27 -2.47
CA LEU B 123 -3.08 21.39 -3.56
C LEU B 123 -1.96 20.35 -3.72
N GLY B 124 -2.33 19.07 -3.59
CA GLY B 124 -1.36 17.99 -3.72
C GLY B 124 -1.78 17.06 -4.84
N CYS B 125 -0.81 16.45 -5.52
CA CYS B 125 -1.13 15.56 -6.62
C CYS B 125 -0.09 14.50 -6.93
N ASN B 126 -0.54 13.47 -7.63
CA ASN B 126 0.33 12.39 -8.07
C ASN B 126 1.02 11.56 -6.98
N PHE B 127 0.45 11.55 -5.77
CA PHE B 127 1.04 10.73 -4.72
C PHE B 127 0.71 9.27 -5.06
N PRO B 128 1.72 8.39 -5.14
CA PRO B 128 1.41 7.00 -5.47
C PRO B 128 0.56 6.34 -4.38
N PRO B 129 -0.51 5.64 -4.78
CA PRO B 129 -1.46 5.03 -3.85
C PRO B 129 -0.79 4.00 -2.94
N ASN B 130 0.29 3.40 -3.42
CA ASN B 130 1.02 2.41 -2.64
C ASN B 130 2.30 2.99 -2.05
N GLY B 131 2.42 4.32 -2.12
CA GLY B 131 3.60 4.99 -1.59
C GLY B 131 3.47 5.11 -0.08
N PRO B 132 4.54 5.49 0.64
CA PRO B 132 4.45 5.61 2.09
C PRO B 132 3.45 6.64 2.61
N VAL B 133 3.25 7.71 1.86
CA VAL B 133 2.30 8.75 2.27
C VAL B 133 0.85 8.27 2.23
N MSE B 134 0.39 7.78 1.09
CA MSE B 134 -0.98 7.31 0.96
C MSE B 134 -1.23 6.05 1.80
O MSE B 134 -2.36 5.78 2.21
CB MSE B 134 -1.33 7.03 -0.50
CG MSE B 134 -1.36 8.27 -1.41
SE MSE B 134 -2.64 9.63 -0.85
CE MSE B 134 -4.26 8.64 -1.05
N GLN B 135 -0.17 5.28 2.05
CA GLN B 135 -0.29 4.05 2.84
C GLN B 135 -0.05 4.29 4.33
N LYS B 136 0.20 5.55 4.68
CA LYS B 136 0.45 5.90 6.08
C LYS B 136 1.54 5.04 6.70
N LYS B 137 2.67 4.89 6.01
CA LYS B 137 3.78 4.09 6.50
C LYS B 137 4.85 4.95 7.18
N THR B 138 4.65 6.27 7.15
CA THR B 138 5.62 7.19 7.73
C THR B 138 5.56 7.37 9.24
N GLN B 139 6.66 7.82 9.81
CA GLN B 139 6.78 8.03 11.26
C GLN B 139 7.37 9.40 11.58
N GLY B 140 6.93 10.43 10.85
CA GLY B 140 7.43 11.76 11.12
C GLY B 140 8.67 12.15 10.34
N TRP B 141 8.97 13.45 10.36
CA TRP B 141 10.12 13.99 9.65
C TRP B 141 11.39 14.00 10.46
N GLU B 142 12.50 13.95 9.74
CA GLU B 142 13.81 14.01 10.34
C GLU B 142 14.02 15.53 10.44
N PRO B 143 14.84 15.99 11.38
CA PRO B 143 15.11 17.43 11.36
C PRO B 143 15.73 17.85 10.02
N CYS B 144 15.74 19.14 9.72
CA CYS B 144 16.27 19.59 8.43
C CYS B 144 16.98 20.94 8.49
N CYS B 145 17.64 21.28 7.38
CA CYS B 145 18.38 22.53 7.26
C CYS B 145 17.96 23.27 5.99
N GLU B 146 17.49 24.50 6.15
CA GLU B 146 17.05 25.29 5.01
C GLU B 146 18.09 26.33 4.63
N MSE B 147 18.33 26.42 3.33
CA MSE B 147 19.26 27.35 2.73
C MSE B 147 18.47 28.62 2.38
O MSE B 147 17.46 28.53 1.68
CB MSE B 147 19.80 26.67 1.47
CG MSE B 147 20.73 27.45 0.61
SE MSE B 147 21.40 26.19 -0.70
CE MSE B 147 20.22 26.58 -2.17
N ARG B 148 18.91 29.78 2.86
CA ARG B 148 18.21 31.04 2.61
C ARG B 148 19.09 32.10 1.92
N TYR B 149 18.54 32.75 0.92
CA TYR B 149 19.26 33.75 0.13
C TYR B 149 18.27 34.68 -0.55
N THR B 150 18.66 35.94 -0.74
CA THR B 150 17.79 36.91 -1.40
C THR B 150 17.91 36.82 -2.93
N ARG B 151 16.82 37.20 -3.60
CA ARG B 151 16.76 37.21 -5.05
C ARG B 151 15.59 38.09 -5.48
N ASP B 152 15.84 39.05 -6.36
CA ASP B 152 14.80 39.94 -6.84
C ASP B 152 14.04 40.67 -5.72
N GLY B 153 14.76 41.13 -4.70
CA GLY B 153 14.13 41.86 -3.63
C GLY B 153 13.28 41.07 -2.64
N VAL B 154 13.30 39.75 -2.72
CA VAL B 154 12.55 38.93 -1.78
C VAL B 154 13.47 37.85 -1.21
N LEU B 155 13.00 37.12 -0.20
CA LEU B 155 13.81 36.07 0.40
C LEU B 155 13.41 34.68 -0.11
N CYS B 156 14.39 33.93 -0.59
CA CYS B 156 14.16 32.59 -1.10
C CYS B 156 14.72 31.54 -0.15
N GLY B 157 14.18 30.34 -0.25
CA GLY B 157 14.64 29.25 0.58
C GLY B 157 14.50 27.94 -0.17
N GLN B 158 15.38 27.00 0.14
CA GLN B 158 15.33 25.66 -0.45
C GLN B 158 15.70 24.69 0.65
N THR B 159 14.94 23.61 0.76
CA THR B 159 15.17 22.64 1.82
C THR B 159 15.02 21.22 1.33
N LEU B 160 15.86 20.33 1.84
CA LEU B 160 15.77 18.92 1.52
C LEU B 160 15.25 18.31 2.83
N MSE B 161 14.22 17.49 2.74
CA MSE B 161 13.67 16.85 3.92
C MSE B 161 13.52 15.35 3.70
O MSE B 161 13.56 14.88 2.57
CB MSE B 161 12.32 17.47 4.31
CG MSE B 161 12.43 18.92 4.76
SE MSE B 161 10.75 19.69 5.43
CE MSE B 161 10.63 18.71 7.11
N ALA B 162 13.36 14.61 4.79
CA ALA B 162 13.23 13.16 4.71
C ALA B 162 12.23 12.59 5.71
N LEU B 163 11.27 11.84 5.20
CA LEU B 163 10.24 11.20 6.02
C LEU B 163 10.73 9.81 6.39
N LYS B 164 10.69 9.49 7.68
CA LYS B 164 11.11 8.19 8.16
C LYS B 164 10.00 7.19 7.82
N CYS B 165 10.38 5.99 7.40
CA CYS B 165 9.42 4.97 7.05
C CYS B 165 9.54 3.81 8.03
N ALA B 166 8.44 3.07 8.19
CA ALA B 166 8.40 1.94 9.10
C ALA B 166 9.53 0.94 8.85
N ASP B 167 9.81 0.64 7.59
CA ASP B 167 10.86 -0.32 7.25
C ASP B 167 12.29 0.19 7.34
N GLY B 168 12.50 1.35 7.96
CA GLY B 168 13.84 1.88 8.09
C GLY B 168 14.29 2.80 6.96
N ASN B 169 13.52 2.81 5.87
CA ASN B 169 13.85 3.67 4.74
C ASN B 169 13.41 5.09 4.98
N HIS B 170 13.86 5.98 4.10
CA HIS B 170 13.49 7.39 4.16
C HIS B 170 12.90 7.80 2.81
N LEU B 171 11.88 8.64 2.84
CA LEU B 171 11.27 9.15 1.61
C LEU B 171 11.69 10.62 1.60
N THR B 172 12.41 11.04 0.57
CA THR B 172 12.90 12.40 0.51
C THR B 172 12.12 13.34 -0.41
N CYS B 173 12.18 14.64 -0.10
CA CYS B 173 11.52 15.65 -0.90
C CYS B 173 12.33 16.94 -0.96
N HIS B 174 11.98 17.81 -1.89
CA HIS B 174 12.67 19.07 -2.12
C HIS B 174 11.70 20.25 -2.03
N LEU B 175 11.95 21.15 -1.07
CA LEU B 175 11.11 22.33 -0.88
C LEU B 175 11.74 23.58 -1.51
N ARG B 176 10.97 24.29 -2.30
CA ARG B 176 11.43 25.51 -2.97
C ARG B 176 10.45 26.60 -2.58
N THR B 177 10.95 27.57 -1.82
CA THR B 177 10.09 28.62 -1.28
C THR B 177 10.47 30.06 -1.61
N THR B 178 9.46 30.92 -1.62
CA THR B 178 9.66 32.35 -1.82
C THR B 178 8.89 33.01 -0.69
N TYR B 179 9.59 33.78 0.15
CA TYR B 179 8.95 34.48 1.27
C TYR B 179 8.75 35.93 0.83
N ARG B 180 7.54 36.45 1.00
CA ARG B 180 7.24 37.81 0.56
C ARG B 180 6.72 38.74 1.65
N SER B 181 7.57 39.65 2.12
CA SER B 181 7.17 40.60 3.14
C SER B 181 6.16 41.57 2.56
N LYS B 182 5.26 42.09 3.41
CA LYS B 182 4.27 43.06 2.97
C LYS B 182 4.78 44.46 3.28
N LYS B 183 5.94 44.51 3.94
CA LYS B 183 6.57 45.77 4.30
C LYS B 183 7.31 46.33 3.09
N ALA B 184 7.40 47.66 3.02
CA ALA B 184 8.09 48.31 1.92
C ALA B 184 9.57 47.92 1.94
N ALA B 185 10.09 47.52 0.78
CA ALA B 185 11.48 47.11 0.67
C ALA B 185 12.45 48.10 1.31
N LYS B 186 12.12 49.39 1.23
CA LYS B 186 12.97 50.43 1.79
C LYS B 186 13.01 50.39 3.31
N ALA B 187 12.06 49.68 3.92
CA ALA B 187 12.00 49.59 5.38
C ALA B 187 12.58 48.29 5.91
N LEU B 188 13.15 47.48 5.01
CA LEU B 188 13.73 46.19 5.43
C LEU B 188 15.24 46.09 5.26
N GLN B 189 15.88 45.42 6.21
CA GLN B 189 17.31 45.20 6.14
C GLN B 189 17.40 43.75 5.64
N MSE B 190 17.83 43.58 4.39
CA MSE B 190 17.91 42.26 3.81
C MSE B 190 19.10 41.50 4.41
O MSE B 190 20.14 42.08 4.68
CB MSE B 190 18.05 42.37 2.29
CG MSE B 190 16.86 43.04 1.62
SE MSE B 190 15.12 42.20 1.92
CE MSE B 190 15.22 40.83 0.55
N PRO B 191 18.92 40.20 4.68
CA PRO B 191 19.99 39.32 5.15
C PRO B 191 20.87 38.74 4.11
N PRO B 192 22.08 38.39 4.57
CA PRO B 192 23.05 37.71 3.70
C PRO B 192 22.67 36.24 3.64
N PHE B 193 23.37 35.44 2.86
CA PHE B 193 23.09 34.01 2.78
C PHE B 193 23.22 33.42 4.19
N HIS B 194 22.33 32.50 4.54
CA HIS B 194 22.37 31.85 5.83
C HIS B 194 21.53 30.57 5.84
N PHE B 195 21.53 29.90 6.99
CA PHE B 195 20.77 28.67 7.12
C PHE B 195 19.77 28.76 8.26
N SER B 196 18.87 27.79 8.28
CA SER B 196 17.90 27.69 9.35
C SER B 196 17.65 26.22 9.63
N ASP B 197 17.95 25.79 10.85
CA ASP B 197 17.74 24.40 11.23
C ASP B 197 16.29 24.32 11.71
N HIS B 198 15.62 23.22 11.39
CA HIS B 198 14.23 23.04 11.79
C HIS B 198 14.00 21.64 12.32
N ARG B 199 13.23 21.52 13.39
CA ARG B 199 12.93 20.22 13.94
C ARG B 199 11.43 20.10 14.23
N PRO B 200 10.66 19.68 13.25
CA PRO B 200 9.21 19.44 13.42
C PRO B 200 8.92 18.12 14.11
N GLU B 201 7.93 18.10 15.00
CA GLU B 201 7.61 16.88 15.70
C GLU B 201 6.14 16.78 16.10
N ILE B 202 5.58 15.59 15.98
CA ILE B 202 4.21 15.35 16.40
C ILE B 202 4.38 14.53 17.67
N VAL B 203 3.94 15.08 18.80
CA VAL B 203 4.10 14.41 20.08
C VAL B 203 2.85 13.70 20.60
N LYS B 204 1.72 13.89 19.91
CA LYS B 204 0.48 13.25 20.33
C LYS B 204 -0.55 13.23 19.21
N VAL B 205 -1.30 12.14 19.13
CA VAL B 205 -2.35 11.97 18.12
C VAL B 205 -3.58 11.41 18.84
N SER B 206 -4.74 12.02 18.62
CA SER B 206 -5.96 11.55 19.26
C SER B 206 -7.20 11.86 18.43
N GLU B 207 -8.36 11.51 18.99
CA GLU B 207 -9.64 11.74 18.34
C GLU B 207 -9.72 11.07 16.96
N ASN B 208 -9.39 9.78 16.94
CA ASN B 208 -9.41 8.97 15.72
C ASN B 208 -8.53 9.57 14.61
N GLY B 209 -7.29 9.90 14.98
CA GLY B 209 -6.35 10.48 14.04
C GLY B 209 -6.76 11.79 13.40
N THR B 210 -7.46 12.64 14.15
CA THR B 210 -7.88 13.93 13.61
C THR B 210 -7.38 15.13 14.41
N LEU B 211 -6.73 14.85 15.54
CA LEU B 211 -6.19 15.92 16.39
C LEU B 211 -4.72 15.62 16.66
N PHE B 212 -3.84 16.55 16.26
CA PHE B 212 -2.41 16.35 16.44
C PHE B 212 -1.71 17.44 17.25
N GLU B 213 -0.95 17.04 18.26
CA GLU B 213 -0.19 18.00 19.04
C GLU B 213 1.15 18.10 18.32
N GLN B 214 1.39 19.23 17.69
CA GLN B 214 2.61 19.42 16.92
C GLN B 214 3.51 20.48 17.53
N HIS B 215 4.81 20.23 17.48
CA HIS B 215 5.80 21.15 18.03
C HIS B 215 6.90 21.42 17.01
N GLU B 216 7.60 22.53 17.19
CA GLU B 216 8.69 22.88 16.31
C GLU B 216 9.69 23.80 16.99
N SER B 217 10.96 23.63 16.64
CA SER B 217 12.03 24.45 17.19
C SER B 217 12.93 24.75 15.99
N SER B 218 13.38 25.99 15.86
CA SER B 218 14.23 26.35 14.73
C SER B 218 15.24 27.43 15.10
N VAL B 219 16.34 27.45 14.38
CA VAL B 219 17.41 28.41 14.63
C VAL B 219 18.04 28.84 13.30
N ALA B 220 18.17 30.15 13.11
CA ALA B 220 18.78 30.69 11.90
C ALA B 220 20.24 30.96 12.25
N ARG B 221 21.16 30.60 11.37
CA ARG B 221 22.58 30.75 11.63
C ARG B 221 23.45 30.68 10.37
N TYR B 222 24.76 30.79 10.60
CA TYR B 222 25.77 30.70 9.56
C TYR B 222 26.38 29.31 9.79
N CYS B 223 27.35 28.91 8.98
CA CYS B 223 27.98 27.61 9.18
C CYS B 223 29.01 27.81 10.29
N GLN B 224 28.76 27.20 11.45
CA GLN B 224 29.64 27.34 12.60
C GLN B 224 30.56 26.14 12.89
N THR B 225 30.31 25.02 12.23
CA THR B 225 31.11 23.82 12.45
C THR B 225 32.38 23.80 11.59
N CYS B 226 32.35 24.50 10.47
CA CYS B 226 33.48 24.53 9.55
C CYS B 226 34.05 25.94 9.43
N PRO B 227 35.22 26.18 10.03
CA PRO B 227 35.89 27.49 9.99
C PRO B 227 36.26 27.93 8.58
N SER B 228 36.17 29.23 8.32
CA SER B 228 36.50 29.76 7.02
C SER B 228 38.01 30.04 6.99
N LYS B 229 38.64 29.79 5.85
CA LYS B 229 40.07 30.02 5.70
C LYS B 229 40.26 31.45 5.20
N LEU B 230 39.20 32.03 4.64
CA LEU B 230 39.24 33.39 4.12
C LEU B 230 38.54 34.39 5.04
N GLY B 231 38.22 33.96 6.26
CA GLY B 231 37.57 34.83 7.22
C GLY B 231 36.08 35.05 7.05
N HIS B 232 35.47 34.41 6.07
CA HIS B 232 34.04 34.58 5.83
C HIS B 232 33.19 33.94 6.93
N ASN B 233 31.94 34.40 7.03
CA ASN B 233 31.02 33.86 8.02
C ASN B 233 30.56 32.50 7.51
N ILE C 8 43.04 4.16 8.44
CA ILE C 8 43.66 5.32 7.73
C ILE C 8 44.41 6.20 8.73
N SER C 9 45.58 6.67 8.32
CA SER C 9 46.43 7.53 9.16
C SER C 9 45.76 8.86 9.51
N ASP C 10 46.19 9.47 10.61
CA ASP C 10 45.61 10.73 11.03
C ASP C 10 46.14 11.89 10.19
N ASN C 11 47.08 11.59 9.30
CA ASN C 11 47.66 12.58 8.41
C ASN C 11 48.04 11.86 7.11
N VAL C 12 47.42 12.27 6.01
CA VAL C 12 47.67 11.62 4.73
C VAL C 12 48.04 12.57 3.60
N ARG C 13 48.58 11.99 2.53
CA ARG C 13 48.95 12.73 1.35
C ARG C 13 47.82 12.43 0.36
N ILE C 14 47.66 13.26 -0.66
CA ILE C 14 46.60 13.05 -1.63
C ILE C 14 47.11 13.20 -3.06
N LYS C 15 46.63 12.33 -3.95
CA LYS C 15 46.98 12.39 -5.36
C LYS C 15 45.64 12.33 -6.10
N LEU C 16 45.41 13.30 -6.97
CA LEU C 16 44.16 13.38 -7.72
C LEU C 16 44.33 13.39 -9.23
N TYR C 17 43.44 12.67 -9.91
CA TYR C 17 43.42 12.60 -11.37
C TYR C 17 41.98 12.86 -11.78
N MSE C 18 41.79 13.80 -12.70
CA MSE C 18 40.45 14.12 -13.17
C MSE C 18 40.41 14.35 -14.67
O MSE C 18 41.29 15.02 -15.23
CB MSE C 18 39.94 15.39 -12.46
CG MSE C 18 38.60 15.92 -12.98
SE MSE C 18 38.18 17.64 -12.22
CE MSE C 18 37.58 17.05 -10.52
N GLU C 19 39.39 13.78 -15.31
CA GLU C 19 39.19 13.94 -16.75
C GLU C 19 37.71 14.14 -17.00
N GLY C 20 37.39 15.03 -17.93
CA GLY C 20 35.99 15.25 -18.22
C GLY C 20 35.73 16.07 -19.46
N THR C 21 34.44 16.22 -19.77
CA THR C 21 34.03 17.02 -20.90
C THR C 21 32.78 17.76 -20.46
N VAL C 22 32.82 19.08 -20.56
CA VAL C 22 31.70 19.93 -20.19
C VAL C 22 31.39 20.82 -21.40
N ASN C 23 30.14 20.78 -21.85
CA ASN C 23 29.72 21.56 -23.01
C ASN C 23 30.66 21.38 -24.20
N ASN C 24 31.04 20.14 -24.47
CA ASN C 24 31.93 19.78 -25.57
C ASN C 24 33.39 20.22 -25.38
N HIS C 25 33.74 20.64 -24.17
CA HIS C 25 35.13 21.02 -23.93
C HIS C 25 35.81 20.01 -23.04
N HIS C 26 36.81 19.33 -23.59
CA HIS C 26 37.57 18.31 -22.90
C HIS C 26 38.66 18.91 -22.01
N PHE C 27 38.94 18.27 -20.89
CA PHE C 27 39.97 18.78 -19.98
C PHE C 27 40.48 17.70 -19.03
N MSE C 28 41.63 17.99 -18.42
CA MSE C 28 42.24 17.09 -17.45
C MSE C 28 42.88 17.89 -16.33
O MSE C 28 43.41 18.99 -16.56
CB MSE C 28 43.29 16.21 -18.14
CG MSE C 28 42.74 15.27 -19.19
SE MSE C 28 44.13 14.10 -19.88
CE MSE C 28 44.25 12.92 -18.36
N CYS C 29 42.82 17.36 -15.12
CA CYS C 29 43.43 18.01 -13.96
C CYS C 29 44.17 16.95 -13.15
N GLU C 30 45.11 17.41 -12.33
CA GLU C 30 45.89 16.55 -11.46
C GLU C 30 46.24 17.37 -10.22
N ALA C 31 46.23 16.73 -9.05
CA ALA C 31 46.55 17.45 -7.84
C ALA C 31 47.35 16.66 -6.84
N GLU C 32 48.07 17.39 -5.99
CA GLU C 32 48.86 16.83 -4.91
C GLU C 32 48.29 17.58 -3.73
N GLY C 33 48.03 16.88 -2.65
CA GLY C 33 47.49 17.53 -1.48
C GLY C 33 47.77 16.75 -0.23
N GLU C 34 47.06 17.11 0.84
CA GLU C 34 47.23 16.46 2.12
C GLU C 34 45.98 16.69 2.95
N GLY C 35 45.79 15.87 3.97
CA GLY C 35 44.64 16.02 4.82
C GLY C 35 44.78 15.31 6.16
N LYS C 36 43.89 15.67 7.07
CA LYS C 36 43.84 15.08 8.40
C LYS C 36 42.43 14.49 8.48
N PRO C 37 42.30 13.21 8.13
CA PRO C 37 41.04 12.46 8.02
C PRO C 37 40.11 12.62 9.21
N TYR C 38 40.62 12.44 10.41
CA TYR C 38 39.77 12.55 11.60
C TYR C 38 39.49 13.97 12.03
N GLU C 39 40.24 14.93 11.48
CA GLU C 39 40.04 16.33 11.80
C GLU C 39 39.06 16.94 10.80
N GLY C 40 38.90 16.27 9.66
CA GLY C 40 38.00 16.75 8.63
C GLY C 40 38.55 17.87 7.78
N THR C 41 39.87 18.06 7.80
CA THR C 41 40.50 19.12 7.02
C THR C 41 41.36 18.58 5.88
N GLN C 42 41.35 19.29 4.76
CA GLN C 42 42.14 18.88 3.60
C GLN C 42 42.50 20.07 2.72
N MSE C 43 43.55 19.90 1.94
CA MSE C 43 44.02 20.93 1.04
C MSE C 43 44.57 20.28 -0.22
O MSE C 43 45.07 19.16 -0.18
CB MSE C 43 45.13 21.75 1.73
CG MSE C 43 45.89 22.71 0.81
SE MSE C 43 47.32 21.86 -0.16
CE MSE C 43 48.45 21.43 1.35
N GLU C 44 44.45 20.97 -1.35
CA GLU C 44 44.95 20.45 -2.62
C GLU C 44 45.40 21.56 -3.54
N ASN C 45 46.45 21.28 -4.29
CA ASN C 45 46.98 22.22 -5.29
C ASN C 45 46.58 21.57 -6.60
N ILE C 46 45.43 21.97 -7.14
CA ILE C 46 44.90 21.41 -8.37
C ILE C 46 45.37 22.14 -9.61
N LYS C 47 45.95 21.39 -10.53
CA LYS C 47 46.47 21.94 -11.78
C LYS C 47 45.66 21.46 -12.98
N VAL C 48 45.25 22.38 -13.84
CA VAL C 48 44.54 22.00 -15.05
C VAL C 48 45.69 21.66 -15.99
N THR C 49 45.87 20.37 -16.26
CA THR C 49 46.97 19.90 -17.08
C THR C 49 46.68 19.84 -18.58
N LYS C 50 45.40 19.84 -18.93
CA LYS C 50 45.01 19.81 -20.34
C LYS C 50 43.68 20.52 -20.52
N GLY C 51 43.61 21.33 -21.56
CA GLY C 51 42.39 22.07 -21.85
C GLY C 51 42.23 23.36 -21.07
N GLY C 52 43.31 23.82 -20.44
CA GLY C 52 43.24 25.06 -19.67
C GLY C 52 44.02 26.23 -20.25
N PRO C 53 43.71 27.48 -19.86
CA PRO C 53 42.66 27.85 -18.90
C PRO C 53 41.30 27.36 -19.39
N LEU C 54 40.47 26.89 -18.47
CA LEU C 54 39.15 26.38 -18.81
C LEU C 54 38.22 27.48 -19.31
N PRO C 55 37.40 27.18 -20.32
CA PRO C 55 36.41 28.13 -20.82
C PRO C 55 35.23 28.34 -19.87
N PHE C 56 35.34 27.80 -18.66
CA PHE C 56 34.27 27.94 -17.67
C PHE C 56 34.82 28.06 -16.25
N SER C 57 33.96 28.46 -15.33
CA SER C 57 34.33 28.63 -13.93
C SER C 57 34.86 27.33 -13.33
N PHE C 58 36.00 27.42 -12.64
CA PHE C 58 36.60 26.24 -12.02
C PHE C 58 35.73 25.80 -10.84
N ASP C 59 34.88 26.70 -10.35
CA ASP C 59 34.00 26.37 -9.22
C ASP C 59 33.15 25.10 -9.41
N ILE C 60 32.69 24.81 -10.62
CA ILE C 60 31.86 23.62 -10.83
C ILE C 60 32.64 22.32 -10.66
N LEU C 61 33.97 22.42 -10.63
CA LEU C 61 34.80 21.23 -10.47
C LEU C 61 35.11 20.93 -9.00
N THR C 62 35.28 21.98 -8.21
CA THR C 62 35.61 21.84 -6.80
C THR C 62 34.88 20.76 -6.00
N PRO C 63 33.54 20.77 -6.00
CA PRO C 63 32.80 19.76 -5.25
C PRO C 63 33.06 18.30 -5.64
N ASN C 64 33.76 18.09 -6.76
CA ASN C 64 34.08 16.74 -7.20
C ASN C 64 35.40 16.28 -6.56
N CYS C 65 36.23 17.15 -6.06
CA CYS C 65 37.53 16.88 -5.45
C CYS C 65 37.16 16.64 -3.97
N1 QLG C 66 35.91 17.05 -3.77
CA1 QLG C 66 35.02 17.66 -2.67
CA2 QLG C 66 32.81 16.69 -0.79
CA3 QLG C 66 34.23 14.34 -3.08
C3 QLG C 66 35.42 13.73 -2.38
O3 QLG C 66 35.61 12.57 -2.76
CB1 QLG C 66 36.21 18.53 -2.42
CB2 QLG C 66 32.01 17.46 0.23
CG1 QLG C 66 36.94 19.56 -1.59
CG2 QLG C 66 30.93 16.78 1.04
CD1 QLG C 66 29.72 16.31 0.29
CD2 QLG C 66 31.24 15.37 1.46
CD3 QLG C 66 36.59 21.02 -1.60
NE1 QLG C 66 35.33 21.41 -1.62
OE1 QLG C 66 37.54 21.91 -1.68
C1 QLG C 66 34.71 16.40 -1.91
C2 QLG C 66 32.50 15.81 -1.96
N2 QLG C 66 34.15 16.97 -0.86
O2 QLG C 66 31.40 15.34 -2.26
N3 QLG C 66 33.74 15.64 -2.64
N SER C 67 35.63 14.40 -1.27
CA SER C 67 36.70 14.05 -0.37
C SER C 67 36.13 13.55 0.96
N VAL C 68 35.21 12.55 0.77
CA VAL C 68 34.44 12.06 1.90
C VAL C 68 35.12 11.20 2.96
N ALA C 69 36.37 10.81 2.74
CA ALA C 69 37.08 10.03 3.75
C ALA C 69 37.68 11.03 4.74
N ILE C 70 37.72 12.29 4.32
CA ILE C 70 38.28 13.36 5.14
C ILE C 70 37.15 14.22 5.68
N THR C 71 36.57 13.77 6.79
CA THR C 71 35.46 14.44 7.45
C THR C 71 35.47 14.00 8.91
N LYS C 72 35.30 14.98 9.81
CA LYS C 72 35.27 14.67 11.22
C LYS C 72 33.92 14.08 11.59
N TYR C 73 33.89 12.77 11.80
CA TYR C 73 32.65 12.08 12.16
C TYR C 73 32.44 12.09 13.66
N THR C 74 31.45 12.86 14.10
CA THR C 74 31.16 13.00 15.52
C THR C 74 29.98 12.15 15.99
N SER C 75 29.66 12.31 17.27
CA SER C 75 28.53 11.64 17.92
C SER C 75 28.45 10.14 17.78
N GLY C 76 29.60 9.50 17.57
CA GLY C 76 29.63 8.05 17.44
C GLY C 76 28.95 7.54 16.19
N ILE C 77 28.66 8.44 15.25
CA ILE C 77 28.02 8.04 14.00
C ILE C 77 29.00 7.17 13.21
N PRO C 78 28.62 5.95 12.91
CA PRO C 78 29.48 5.13 12.04
C PRO C 78 29.97 5.84 10.76
N ASP C 79 31.27 5.76 10.53
CA ASP C 79 31.95 6.40 9.39
C ASP C 79 32.08 5.42 8.23
N TYR C 80 31.09 5.44 7.34
CA TYR C 80 31.05 4.55 6.18
C TYR C 80 32.30 4.60 5.32
N PHE C 81 32.91 5.77 5.24
CA PHE C 81 34.11 5.95 4.41
C PHE C 81 35.41 5.40 5.01
N LYS C 82 35.71 5.76 6.25
CA LYS C 82 36.94 5.26 6.88
C LYS C 82 36.80 3.75 7.09
N GLN C 83 35.58 3.27 7.30
CA GLN C 83 35.37 1.82 7.49
C GLN C 83 35.72 1.06 6.21
N SER C 84 35.54 1.71 5.07
CA SER C 84 35.81 1.08 3.78
C SER C 84 37.25 0.69 3.50
N PHE C 85 38.20 1.33 4.17
CA PHE C 85 39.60 1.00 3.95
C PHE C 85 39.91 -0.29 4.72
N PRO C 86 40.88 -1.07 4.23
CA PRO C 86 41.73 -0.86 3.06
C PRO C 86 41.12 -1.09 1.67
N GLU C 87 39.96 -1.75 1.60
CA GLU C 87 39.34 -2.01 0.31
C GLU C 87 39.08 -0.78 -0.54
N GLY C 88 38.60 0.28 0.09
CA GLY C 88 38.32 1.52 -0.64
C GLY C 88 36.85 1.66 -1.00
N PHE C 89 36.55 2.61 -1.88
CA PHE C 89 35.19 2.86 -2.30
C PHE C 89 35.11 3.72 -3.55
N THR C 90 33.89 3.90 -4.04
CA THR C 90 33.64 4.74 -5.21
C THR C 90 32.35 5.49 -4.91
N TRP C 91 32.08 6.52 -5.71
CA TRP C 91 30.80 7.21 -5.57
C TRP C 91 30.42 7.79 -6.93
N GLU C 92 29.11 7.93 -7.11
CA GLU C 92 28.56 8.41 -8.36
C GLU C 92 27.59 9.53 -8.00
N ARG C 93 27.52 10.55 -8.85
CA ARG C 93 26.66 11.68 -8.55
C ARG C 93 26.25 12.49 -9.78
N THR C 94 25.09 13.11 -9.68
CA THR C 94 24.60 13.98 -10.73
C THR C 94 24.23 15.28 -10.02
N THR C 95 24.74 16.38 -10.55
CA THR C 95 24.45 17.69 -9.98
C THR C 95 23.52 18.40 -10.96
N ILE C 96 22.38 18.85 -10.45
CA ILE C 96 21.40 19.54 -11.27
C ILE C 96 21.36 21.04 -10.95
N TYR C 97 21.77 21.88 -11.90
CA TYR C 97 21.74 23.33 -11.70
C TYR C 97 20.37 23.88 -12.07
N GLU C 98 19.95 24.94 -11.37
CA GLU C 98 18.65 25.54 -11.62
C GLU C 98 18.47 26.13 -13.01
N ASP C 99 19.54 26.39 -13.73
CA ASP C 99 19.39 26.95 -15.07
C ASP C 99 19.50 25.91 -16.19
N GLY C 100 19.20 24.65 -15.85
CA GLY C 100 19.22 23.58 -16.83
C GLY C 100 20.52 22.82 -17.09
N ALA C 101 21.59 23.14 -16.35
CA ALA C 101 22.85 22.45 -16.56
C ALA C 101 22.92 21.19 -15.71
N TYR C 102 23.55 20.14 -16.26
CA TYR C 102 23.72 18.88 -15.55
C TYR C 102 25.19 18.44 -15.58
N LEU C 103 25.67 17.94 -14.45
CA LEU C 103 27.05 17.46 -14.38
C LEU C 103 27.05 16.15 -13.61
N THR C 104 27.52 15.10 -14.27
CA THR C 104 27.54 13.77 -13.68
C THR C 104 28.96 13.33 -13.41
N THR C 105 29.15 12.69 -12.26
CA THR C 105 30.47 12.26 -11.83
C THR C 105 30.58 10.81 -11.38
N GLN C 106 31.74 10.21 -11.66
CA GLN C 106 32.06 8.85 -11.27
C GLN C 106 33.43 8.96 -10.65
N GLN C 107 33.58 8.52 -9.40
CA GLN C 107 34.85 8.62 -8.70
C GLN C 107 35.27 7.37 -7.95
N GLU C 108 36.57 7.09 -7.95
CA GLU C 108 37.13 5.96 -7.23
C GLU C 108 38.11 6.49 -6.20
N THR C 109 38.06 5.94 -4.99
CA THR C 109 38.97 6.36 -3.93
C THR C 109 39.73 5.14 -3.43
N LYS C 110 41.05 5.26 -3.36
CA LYS C 110 41.90 4.18 -2.89
C LYS C 110 42.94 4.73 -1.90
N LEU C 111 43.30 3.91 -0.92
CA LEU C 111 44.28 4.30 0.08
C LEU C 111 45.57 3.51 -0.14
N ASP C 112 46.53 4.13 -0.83
CA ASP C 112 47.81 3.50 -1.13
C ASP C 112 48.78 3.84 0.01
N GLY C 113 48.76 3.03 1.06
CA GLY C 113 49.61 3.29 2.21
C GLY C 113 49.09 4.48 2.98
N ASN C 114 49.75 5.62 2.84
CA ASN C 114 49.35 6.84 3.52
C ASN C 114 48.91 7.89 2.50
N CYS C 115 48.70 7.46 1.26
CA CYS C 115 48.27 8.39 0.22
C CYS C 115 46.92 8.01 -0.36
N LEU C 116 45.96 8.92 -0.24
CA LEU C 116 44.63 8.73 -0.79
C LEU C 116 44.74 9.07 -2.27
N VAL C 117 44.18 8.23 -3.12
CA VAL C 117 44.22 8.47 -4.55
C VAL C 117 42.80 8.59 -5.08
N TYR C 118 42.51 9.73 -5.70
CA TYR C 118 41.19 10.00 -6.28
C TYR C 118 41.21 9.94 -7.80
N ASN C 119 40.31 9.14 -8.37
CA ASN C 119 40.20 9.05 -9.83
C ASN C 119 38.81 9.55 -10.17
N ILE C 120 38.73 10.61 -10.95
CA ILE C 120 37.46 11.22 -11.29
C ILE C 120 37.14 11.37 -12.77
N LYS C 121 35.93 10.97 -13.15
CA LYS C 121 35.44 11.09 -14.52
C LYS C 121 34.20 11.99 -14.48
N ILE C 122 34.15 12.95 -15.41
CA ILE C 122 33.06 13.91 -15.46
C ILE C 122 32.48 14.18 -16.85
N LEU C 123 31.17 14.39 -16.89
CA LEU C 123 30.47 14.74 -18.13
C LEU C 123 29.45 15.79 -17.76
N GLY C 124 29.58 16.98 -18.36
CA GLY C 124 28.68 18.07 -18.07
C GLY C 124 28.01 18.56 -19.34
N CYS C 125 26.75 18.95 -19.23
CA CYS C 125 26.03 19.39 -20.41
C CYS C 125 24.97 20.45 -20.16
N ASN C 126 24.64 21.14 -21.25
CA ASN C 126 23.61 22.17 -21.23
C ASN C 126 23.86 23.42 -20.39
N PHE C 127 25.11 23.71 -20.03
CA PHE C 127 25.36 24.94 -19.28
C PHE C 127 25.07 26.10 -20.22
N PRO C 128 24.15 27.00 -19.82
CA PRO C 128 23.83 28.14 -20.68
C PRO C 128 25.08 28.97 -20.96
N PRO C 129 25.34 29.32 -22.20
CA PRO C 129 26.56 30.06 -22.59
C PRO C 129 26.67 31.44 -21.94
N ASN C 130 25.53 32.06 -21.65
CA ASN C 130 25.53 33.39 -21.03
C ASN C 130 25.29 33.29 -19.53
N GLY C 131 25.32 32.06 -19.01
CA GLY C 131 25.11 31.85 -17.59
C GLY C 131 26.37 32.21 -16.82
N PRO C 132 26.29 32.30 -15.48
CA PRO C 132 27.48 32.64 -14.68
C PRO C 132 28.65 31.69 -14.80
N VAL C 133 28.36 30.39 -14.97
CA VAL C 133 29.43 29.40 -15.10
C VAL C 133 30.25 29.55 -16.39
N MSE C 134 29.60 29.54 -17.54
CA MSE C 134 30.30 29.68 -18.81
C MSE C 134 30.91 31.06 -18.98
O MSE C 134 31.84 31.25 -19.77
CB MSE C 134 29.37 29.38 -19.99
CG MSE C 134 28.89 27.93 -20.10
SE MSE C 134 30.31 26.60 -20.14
CE MSE C 134 31.19 27.05 -21.77
N GLN C 135 30.38 32.04 -18.26
CA GLN C 135 30.88 33.41 -18.34
C GLN C 135 31.96 33.70 -17.30
N LYS C 136 32.22 32.73 -16.43
CA LYS C 136 33.21 32.89 -15.37
C LYS C 136 32.86 34.06 -14.45
N LYS C 137 31.58 34.14 -14.05
CA LYS C 137 31.14 35.21 -13.17
C LYS C 137 30.64 34.63 -11.84
N THR C 138 31.45 33.74 -11.27
CA THR C 138 31.13 33.09 -10.00
C THR C 138 32.22 33.45 -9.00
N GLN C 139 31.86 33.52 -7.72
CA GLN C 139 32.81 33.87 -6.67
C GLN C 139 32.91 32.84 -5.53
N GLY C 140 32.92 31.57 -5.90
CA GLY C 140 33.05 30.53 -4.89
C GLY C 140 31.77 30.03 -4.26
N TRP C 141 31.83 28.83 -3.70
CA TRP C 141 30.69 28.20 -3.06
C TRP C 141 30.45 28.66 -1.64
N GLU C 142 29.18 28.63 -1.27
CA GLU C 142 28.77 28.96 0.08
C GLU C 142 28.92 27.61 0.79
N PRO C 143 29.09 27.60 2.10
CA PRO C 143 29.12 26.27 2.75
C PRO C 143 27.78 25.55 2.55
N CYS C 144 27.77 24.23 2.77
CA CYS C 144 26.54 23.45 2.57
C CYS C 144 26.36 22.35 3.60
N CYS C 145 25.16 21.77 3.60
CA CYS C 145 24.81 20.70 4.51
C CYS C 145 24.28 19.51 3.71
N GLU C 146 24.97 18.38 3.82
CA GLU C 146 24.54 17.19 3.09
C GLU C 146 23.74 16.27 4.00
N MSE C 147 22.66 15.75 3.45
CA MSE C 147 21.77 14.84 4.15
C MSE C 147 22.23 13.42 3.77
O MSE C 147 22.32 13.10 2.58
CB MSE C 147 20.36 15.14 3.65
CG MSE C 147 19.25 14.27 4.12
SE MSE C 147 17.59 15.02 3.46
CE MSE C 147 17.47 14.11 1.76
N ARG C 148 22.53 12.58 4.76
CA ARG C 148 22.99 11.22 4.48
C ARG C 148 22.07 10.14 5.06
N TYR C 149 21.80 9.11 4.27
CA TYR C 149 20.93 8.03 4.71
C TYR C 149 21.17 6.76 3.92
N THR C 150 20.91 5.62 4.55
CA THR C 150 21.13 4.35 3.89
C THR C 150 19.93 3.90 3.08
N ARG C 151 20.21 3.10 2.05
CA ARG C 151 19.19 2.55 1.19
C ARG C 151 19.83 1.43 0.35
N ASP C 152 19.15 0.29 0.30
CA ASP C 152 19.62 -0.86 -0.47
C ASP C 152 21.03 -1.31 -0.10
N GLY C 153 21.38 -1.19 1.17
CA GLY C 153 22.70 -1.62 1.61
C GLY C 153 23.84 -0.66 1.34
N VAL C 154 23.54 0.50 0.75
CA VAL C 154 24.57 1.50 0.49
C VAL C 154 24.24 2.82 1.17
N LEU C 155 25.13 3.80 1.03
CA LEU C 155 24.90 5.11 1.64
C LEU C 155 24.56 6.15 0.59
N CYS C 156 23.42 6.83 0.79
CA CYS C 156 23.00 7.87 -0.14
C CYS C 156 23.22 9.24 0.44
N GLY C 157 23.29 10.22 -0.44
CA GLY C 157 23.48 11.59 -0.02
C GLY C 157 22.81 12.56 -0.97
N GLN C 158 22.28 13.64 -0.41
CA GLN C 158 21.65 14.68 -1.19
C GLN C 158 22.08 16.00 -0.58
N THR C 159 22.46 16.93 -1.44
CA THR C 159 22.95 18.23 -1.00
C THR C 159 22.43 19.32 -1.92
N LEU C 160 22.21 20.50 -1.34
CA LEU C 160 21.76 21.66 -2.09
C LEU C 160 22.96 22.61 -1.91
N MSE C 161 23.44 23.19 -2.99
CA MSE C 161 24.57 24.12 -2.88
C MSE C 161 24.21 25.43 -3.54
O MSE C 161 23.31 25.51 -4.38
CB MSE C 161 25.84 23.52 -3.50
CG MSE C 161 26.29 22.23 -2.81
SE MSE C 161 28.06 21.61 -3.33
CE MSE C 161 27.85 21.52 -5.26
N ALA C 162 24.92 26.49 -3.16
CA ALA C 162 24.67 27.82 -3.70
C ALA C 162 25.96 28.50 -4.08
N LEU C 163 26.12 28.72 -5.38
CA LEU C 163 27.31 29.34 -5.95
C LEU C 163 27.10 30.86 -5.98
N LYS C 164 28.00 31.60 -5.33
CA LYS C 164 27.90 33.05 -5.31
C LYS C 164 27.98 33.61 -6.74
N CYS C 165 27.01 34.47 -7.06
CA CYS C 165 26.85 35.10 -8.38
C CYS C 165 27.19 36.57 -8.47
N ALA C 166 27.40 37.01 -9.71
CA ALA C 166 27.72 38.39 -10.04
C ALA C 166 26.99 39.44 -9.21
N ASP C 167 25.84 39.89 -9.71
CA ASP C 167 25.06 40.92 -9.03
C ASP C 167 24.47 40.53 -7.68
N GLY C 168 25.31 40.02 -6.78
CA GLY C 168 24.84 39.62 -5.46
C GLY C 168 23.88 38.44 -5.45
N ASN C 169 23.92 37.64 -6.51
CA ASN C 169 23.03 36.47 -6.60
C ASN C 169 23.71 35.17 -6.18
N HIS C 170 22.94 34.09 -6.27
CA HIS C 170 23.42 32.75 -5.95
C HIS C 170 22.81 31.81 -6.99
N LEU C 171 23.65 30.98 -7.61
CA LEU C 171 23.18 30.00 -8.58
C LEU C 171 23.09 28.70 -7.79
N THR C 172 21.88 28.15 -7.67
CA THR C 172 21.67 26.93 -6.90
C THR C 172 21.66 25.62 -7.69
N CYS C 173 22.07 24.55 -7.02
CA CYS C 173 22.11 23.24 -7.63
C CYS C 173 21.76 22.20 -6.58
N HIS C 174 21.45 21.00 -7.06
CA HIS C 174 21.03 19.87 -6.23
C HIS C 174 21.92 18.68 -6.57
N LEU C 175 22.60 18.15 -5.56
CA LEU C 175 23.48 16.98 -5.74
C LEU C 175 22.77 15.74 -5.21
N ARG C 176 22.79 14.68 -5.98
CA ARG C 176 22.16 13.41 -5.63
C ARG C 176 23.27 12.40 -5.77
N THR C 177 23.68 11.83 -4.64
CA THR C 177 24.81 10.91 -4.62
C THR C 177 24.58 9.53 -4.03
N THR C 178 25.33 8.57 -4.56
CA THR C 178 25.31 7.20 -4.07
C THR C 178 26.78 6.88 -3.78
N TYR C 179 27.07 6.51 -2.52
CA TYR C 179 28.44 6.14 -2.13
C TYR C 179 28.48 4.62 -2.02
N ARG C 180 29.49 4.00 -2.61
CA ARG C 180 29.60 2.53 -2.60
C ARG C 180 30.89 1.97 -2.00
N SER C 181 30.75 1.42 -0.79
CA SER C 181 31.90 0.81 -0.11
C SER C 181 32.30 -0.47 -0.85
N LYS C 182 33.60 -0.80 -0.79
CA LYS C 182 34.10 -2.02 -1.43
C LYS C 182 33.99 -3.19 -0.45
N LYS C 183 33.61 -2.89 0.79
CA LYS C 183 33.43 -3.93 1.80
C LYS C 183 32.05 -4.56 1.59
N ALA C 184 31.88 -5.78 2.08
CA ALA C 184 30.60 -6.48 1.98
C ALA C 184 29.74 -6.05 3.17
N ALA C 185 28.42 -6.20 3.04
CA ALA C 185 27.49 -5.81 4.09
C ALA C 185 27.83 -6.31 5.49
N LYS C 186 28.28 -7.56 5.57
CA LYS C 186 28.60 -8.18 6.86
C LYS C 186 29.78 -7.55 7.59
N ALA C 187 30.62 -6.81 6.86
CA ALA C 187 31.77 -6.18 7.46
C ALA C 187 31.62 -4.69 7.73
N LEU C 188 30.41 -4.16 7.52
CA LEU C 188 30.14 -2.74 7.75
C LEU C 188 29.08 -2.48 8.80
N GLN C 189 29.24 -1.35 9.48
CA GLN C 189 28.27 -0.89 10.46
C GLN C 189 27.66 0.32 9.75
N MSE C 190 26.43 0.16 9.27
CA MSE C 190 25.74 1.23 8.56
C MSE C 190 25.27 2.30 9.54
O MSE C 190 24.81 2.00 10.64
CB MSE C 190 24.56 0.65 7.78
CG MSE C 190 24.63 0.92 6.28
SE MSE C 190 26.30 0.35 5.44
CE MSE C 190 25.67 -1.22 4.52
N PRO C 191 25.40 3.58 9.17
CA PRO C 191 24.94 4.68 9.99
C PRO C 191 23.49 5.09 9.88
N PRO C 192 22.92 5.63 10.94
CA PRO C 192 21.58 6.15 10.85
C PRO C 192 21.56 7.42 10.05
N PHE C 193 20.40 8.05 9.91
CA PHE C 193 20.29 9.32 9.21
C PHE C 193 21.15 10.38 9.92
N HIS C 194 21.92 11.16 9.15
CA HIS C 194 22.73 12.22 9.74
C HIS C 194 23.09 13.29 8.71
N PHE C 195 23.79 14.32 9.14
CA PHE C 195 24.18 15.39 8.24
C PHE C 195 25.68 15.56 8.17
N SER C 196 26.13 16.27 7.15
CA SER C 196 27.54 16.56 7.00
C SER C 196 27.68 18.00 6.52
N ASP C 197 28.32 18.84 7.34
CA ASP C 197 28.54 20.23 6.94
C ASP C 197 29.81 20.22 6.11
N HIS C 198 29.87 21.08 5.10
CA HIS C 198 31.04 21.16 4.23
C HIS C 198 31.33 22.62 3.88
N ARG C 199 32.61 22.98 3.90
CA ARG C 199 33.01 24.33 3.58
C ARG C 199 34.17 24.35 2.58
N PRO C 200 33.87 24.30 1.29
CA PRO C 200 34.88 24.38 0.21
C PRO C 200 35.34 25.81 -0.04
N GLU C 201 36.65 26.00 -0.18
CA GLU C 201 37.19 27.34 -0.44
C GLU C 201 38.44 27.31 -1.30
N ILE C 202 38.50 28.22 -2.26
CA ILE C 202 39.69 28.35 -3.10
C ILE C 202 40.38 29.59 -2.52
N VAL C 203 41.56 29.38 -1.93
CA VAL C 203 42.27 30.50 -1.32
C VAL C 203 43.35 31.11 -2.21
N LYS C 204 43.59 30.50 -3.37
CA LYS C 204 44.60 31.02 -4.27
C LYS C 204 44.49 30.49 -5.69
N VAL C 205 44.67 31.39 -6.65
CA VAL C 205 44.63 31.06 -8.06
C VAL C 205 45.91 31.58 -8.70
N SER C 206 46.59 30.74 -9.46
CA SER C 206 47.83 31.16 -10.10
C SER C 206 48.06 30.48 -11.45
N GLU C 207 49.20 30.81 -12.05
CA GLU C 207 49.60 30.27 -13.35
C GLU C 207 48.52 30.45 -14.41
N ASN C 208 48.12 31.70 -14.63
CA ASN C 208 47.12 32.04 -15.63
C ASN C 208 45.79 31.33 -15.40
N GLY C 209 45.37 31.28 -14.14
CA GLY C 209 44.11 30.63 -13.80
C GLY C 209 44.09 29.15 -14.14
N THR C 210 45.18 28.45 -13.87
CA THR C 210 45.25 27.01 -14.15
C THR C 210 45.66 26.23 -12.91
N LEU C 211 46.11 26.94 -11.88
CA LEU C 211 46.52 26.29 -10.64
C LEU C 211 45.70 26.85 -9.49
N PHE C 212 44.99 25.97 -8.78
CA PHE C 212 44.14 26.40 -7.69
C PHE C 212 44.44 25.76 -6.33
N GLU C 213 44.65 26.59 -5.32
CA GLU C 213 44.89 26.05 -3.99
C GLU C 213 43.50 25.93 -3.36
N GLN C 214 43.05 24.70 -3.17
CA GLN C 214 41.73 24.43 -2.65
C GLN C 214 41.74 23.84 -1.24
N HIS C 215 40.81 24.28 -0.41
CA HIS C 215 40.69 23.81 0.96
C HIS C 215 39.25 23.42 1.30
N GLU C 216 39.10 22.60 2.35
CA GLU C 216 37.78 22.21 2.81
C GLU C 216 37.80 21.66 4.23
N SER C 217 36.72 21.93 4.94
CA SER C 217 36.50 21.46 6.31
C SER C 217 35.14 20.80 6.25
N SER C 218 34.98 19.67 6.93
CA SER C 218 33.70 18.97 6.94
C SER C 218 33.49 18.30 8.29
N VAL C 219 32.23 18.20 8.70
CA VAL C 219 31.86 17.59 9.97
C VAL C 219 30.53 16.83 9.86
N ALA C 220 30.54 15.56 10.26
CA ALA C 220 29.35 14.71 10.23
C ALA C 220 28.72 14.76 11.63
N ARG C 221 27.42 15.03 11.69
CA ARG C 221 26.73 15.18 12.97
C ARG C 221 25.22 15.01 12.84
N TYR C 222 24.56 15.21 13.98
CA TYR C 222 23.12 15.17 14.07
C TYR C 222 22.74 16.64 14.25
N CYS C 223 21.45 16.94 14.27
CA CYS C 223 20.99 18.31 14.47
C CYS C 223 21.16 18.62 15.97
N GLN C 224 22.13 19.47 16.29
CA GLN C 224 22.39 19.81 17.69
C GLN C 224 21.87 21.17 18.14
N THR C 225 21.40 21.98 17.20
CA THR C 225 20.89 23.31 17.53
C THR C 225 19.42 23.30 17.95
N CYS C 226 18.67 22.32 17.47
CA CYS C 226 17.25 22.23 17.79
C CYS C 226 16.90 21.11 18.75
N PRO C 227 16.39 21.45 19.92
CA PRO C 227 15.93 20.48 20.94
C PRO C 227 14.84 19.54 20.42
N SER C 228 14.81 18.33 20.96
CA SER C 228 13.85 17.31 20.58
C SER C 228 12.96 16.97 21.77
N LYS C 229 11.67 17.29 21.68
CA LYS C 229 10.76 17.00 22.78
C LYS C 229 10.27 15.56 22.68
N LEU C 230 11.15 14.66 22.24
CA LEU C 230 10.81 13.25 22.10
C LEU C 230 11.99 12.35 22.51
N GLY C 231 13.20 12.83 22.27
CA GLY C 231 14.38 12.04 22.61
C GLY C 231 15.14 11.55 21.40
N HIS C 232 14.68 11.95 20.20
CA HIS C 232 15.33 11.54 18.96
C HIS C 232 16.62 12.33 18.73
N ASN C 233 17.42 11.87 17.78
CA ASN C 233 18.67 12.54 17.45
C ASN C 233 18.49 13.64 16.41
N ILE D 8 25.69 14.42 -47.73
CA ILE D 8 25.63 12.99 -47.32
C ILE D 8 24.77 12.22 -48.31
N SER D 9 25.18 11.01 -48.67
CA SER D 9 24.43 10.19 -49.62
C SER D 9 23.19 9.57 -48.97
N ASP D 10 22.32 8.99 -49.79
CA ASP D 10 21.09 8.37 -49.29
C ASP D 10 21.29 6.97 -48.69
N ASN D 11 22.52 6.47 -48.78
CA ASN D 11 22.87 5.15 -48.23
C ASN D 11 24.25 5.25 -47.60
N VAL D 12 24.30 5.23 -46.27
CA VAL D 12 25.58 5.33 -45.56
C VAL D 12 25.84 4.17 -44.63
N ARG D 13 27.12 3.88 -44.41
CA ARG D 13 27.50 2.81 -43.50
C ARG D 13 27.60 3.46 -42.12
N ILE D 14 27.40 2.65 -41.08
CA ILE D 14 27.49 3.18 -39.73
C ILE D 14 28.49 2.42 -38.86
N LYS D 15 29.32 3.18 -38.14
CA LYS D 15 30.31 2.60 -37.23
C LYS D 15 30.10 3.29 -35.90
N LEU D 16 30.06 2.50 -34.83
CA LEU D 16 29.84 3.06 -33.50
C LEU D 16 30.79 2.53 -32.44
N TYR D 17 31.27 3.43 -31.59
CA TYR D 17 32.15 3.08 -30.48
C TYR D 17 31.57 3.72 -29.24
N MSE D 18 31.37 2.93 -28.20
CA MSE D 18 30.79 3.44 -26.96
C MSE D 18 31.52 2.95 -25.72
O MSE D 18 31.95 1.80 -25.65
CB MSE D 18 29.32 3.00 -26.88
CG MSE D 18 28.64 3.24 -25.52
SE MSE D 18 26.90 2.35 -25.41
CE MSE D 18 25.92 3.55 -26.52
N GLU D 19 31.68 3.84 -24.74
CA GLU D 19 32.31 3.48 -23.48
C GLU D 19 31.57 4.19 -22.37
N GLY D 20 31.32 3.49 -21.27
CA GLY D 20 30.62 4.11 -20.18
C GLY D 20 30.71 3.37 -18.86
N THR D 21 30.16 3.99 -17.83
CA THR D 21 30.11 3.41 -16.50
C THR D 21 28.73 3.76 -15.94
N VAL D 22 27.99 2.73 -15.54
CA VAL D 22 26.65 2.90 -14.98
C VAL D 22 26.61 2.13 -13.66
N ASN D 23 26.29 2.84 -12.56
CA ASN D 23 26.24 2.24 -11.23
C ASN D 23 27.55 1.51 -10.92
N ASN D 24 28.66 2.15 -11.29
CA ASN D 24 30.00 1.63 -11.06
C ASN D 24 30.36 0.41 -11.92
N HIS D 25 29.63 0.16 -12.98
CA HIS D 25 29.98 -0.95 -13.84
C HIS D 25 30.48 -0.39 -15.17
N HIS D 26 31.71 -0.73 -15.50
CA HIS D 26 32.35 -0.25 -16.72
C HIS D 26 32.04 -1.17 -17.89
N PHE D 27 31.89 -0.57 -19.08
CA PHE D 27 31.58 -1.35 -20.26
C PHE D 27 31.95 -0.63 -21.54
N MSE D 28 32.00 -1.39 -22.63
CA MSE D 28 32.32 -0.85 -23.94
C MSE D 28 31.48 -1.58 -24.98
O MSE D 28 31.20 -2.77 -24.82
CB MSE D 28 33.81 -1.03 -24.27
CG MSE D 28 34.75 -0.31 -23.32
SE MSE D 28 36.59 -0.41 -23.96
CE MSE D 28 36.57 1.14 -25.12
N CYS D 29 31.08 -0.86 -26.02
CA CYS D 29 30.28 -1.45 -27.08
C CYS D 29 30.78 -0.97 -28.42
N GLU D 30 30.51 -1.75 -29.45
CA GLU D 30 30.90 -1.39 -30.82
C GLU D 30 29.78 -1.86 -31.73
N ALA D 31 29.46 -1.03 -32.72
CA ALA D 31 28.40 -1.38 -33.64
C ALA D 31 28.77 -1.11 -35.09
N GLU D 32 28.11 -1.83 -35.98
CA GLU D 32 28.29 -1.71 -37.42
C GLU D 32 26.88 -1.81 -37.98
N GLY D 33 26.57 -1.01 -38.99
CA GLY D 33 25.24 -1.05 -39.57
C GLY D 33 25.10 -0.20 -40.81
N GLU D 34 23.88 0.28 -41.04
CA GLU D 34 23.62 1.11 -42.21
C GLU D 34 22.49 2.08 -41.91
N GLY D 35 22.40 3.14 -42.70
CA GLY D 35 21.36 4.13 -42.51
C GLY D 35 20.97 4.79 -43.82
N LYS D 36 19.72 5.19 -43.90
CA LYS D 36 19.21 5.88 -45.08
C LYS D 36 18.81 7.25 -44.55
N PRO D 37 19.74 8.21 -44.61
CA PRO D 37 19.63 9.58 -44.08
C PRO D 37 18.31 10.28 -44.39
N TYR D 38 17.84 10.15 -45.62
CA TYR D 38 16.60 10.82 -46.03
C TYR D 38 15.33 10.00 -45.82
N GLU D 39 15.48 8.69 -45.65
CA GLU D 39 14.33 7.82 -45.41
C GLU D 39 14.07 7.84 -43.91
N GLY D 40 15.09 8.20 -43.15
CA GLY D 40 14.97 8.26 -41.70
C GLY D 40 15.04 6.92 -41.00
N THR D 41 15.71 5.95 -41.63
CA THR D 41 15.82 4.62 -41.03
C THR D 41 17.26 4.12 -40.97
N GLN D 42 17.58 3.45 -39.87
CA GLN D 42 18.90 2.87 -39.68
C GLN D 42 18.79 1.59 -38.87
N MSE D 43 19.78 0.73 -39.02
CA MSE D 43 19.81 -0.52 -38.29
C MSE D 43 21.25 -0.74 -37.86
O MSE D 43 22.19 -0.34 -38.57
CB MSE D 43 19.34 -1.68 -39.18
CG MSE D 43 20.42 -2.32 -40.06
SE MSE D 43 21.46 -3.67 -39.12
CE MSE D 43 20.26 -5.16 -39.35
N GLU D 44 21.44 -1.35 -36.70
CA GLU D 44 22.77 -1.59 -36.19
C GLU D 44 22.84 -2.90 -35.44
N ASN D 45 23.99 -3.57 -35.56
CA ASN D 45 24.24 -4.79 -34.82
C ASN D 45 25.19 -4.26 -33.74
N ILE D 46 24.71 -4.14 -32.51
CA ILE D 46 25.52 -3.61 -31.41
C ILE D 46 26.07 -4.71 -30.50
N LYS D 47 27.38 -4.71 -30.33
CA LYS D 47 28.08 -5.70 -29.52
C LYS D 47 28.67 -5.14 -28.23
N VAL D 48 28.44 -5.84 -27.12
CA VAL D 48 29.04 -5.41 -25.86
C VAL D 48 30.40 -6.09 -25.91
N THR D 49 31.45 -5.30 -26.16
CA THR D 49 32.80 -5.85 -26.27
C THR D 49 33.57 -5.95 -24.96
N LYS D 50 33.06 -5.29 -23.92
CA LYS D 50 33.70 -5.34 -22.61
C LYS D 50 32.69 -5.16 -21.49
N GLY D 51 32.75 -6.03 -20.50
CA GLY D 51 31.84 -5.96 -19.37
C GLY D 51 30.47 -6.57 -19.63
N GLY D 52 30.38 -7.42 -20.65
CA GLY D 52 29.11 -8.05 -20.96
C GLY D 52 29.11 -9.53 -20.63
N PRO D 53 27.94 -10.14 -20.38
CA PRO D 53 26.60 -9.52 -20.38
C PRO D 53 26.49 -8.43 -19.31
N LEU D 54 25.83 -7.33 -19.66
CA LEU D 54 25.66 -6.21 -18.74
C LEU D 54 24.74 -6.58 -17.59
N PRO D 55 25.05 -6.13 -16.39
CA PRO D 55 24.19 -6.34 -15.21
C PRO D 55 22.92 -5.48 -15.18
N PHE D 56 22.62 -4.84 -16.31
CA PHE D 56 21.44 -3.99 -16.43
C PHE D 56 20.87 -4.12 -17.83
N SER D 57 19.61 -3.73 -18.00
CA SER D 57 18.96 -3.81 -19.29
C SER D 57 19.68 -2.99 -20.35
N PHE D 58 19.86 -3.59 -21.53
CA PHE D 58 20.51 -2.92 -22.64
C PHE D 58 19.65 -1.76 -23.13
N ASP D 59 18.37 -1.77 -22.74
CA ASP D 59 17.44 -0.72 -23.17
C ASP D 59 17.88 0.71 -22.86
N ILE D 60 18.59 0.91 -21.75
CA ILE D 60 19.02 2.27 -21.42
C ILE D 60 20.12 2.79 -22.36
N LEU D 61 20.75 1.90 -23.11
CA LEU D 61 21.81 2.30 -24.03
C LEU D 61 21.27 2.62 -25.44
N THR D 62 20.20 1.92 -25.83
CA THR D 62 19.58 2.11 -27.13
C THR D 62 19.42 3.55 -27.63
N PRO D 63 18.85 4.44 -26.80
CA PRO D 63 18.65 5.84 -27.21
C PRO D 63 19.91 6.68 -27.45
N ASN D 64 21.06 6.20 -27.07
CA ASN D 64 22.32 6.89 -27.26
C ASN D 64 22.92 6.58 -28.63
N CYS D 65 22.47 5.49 -29.26
CA CYS D 65 22.93 4.99 -30.56
C CYS D 65 22.06 5.81 -31.49
N1 QLG D 66 20.95 6.22 -30.47
CA1 QLG D 66 19.53 6.75 -31.02
CA2 QLG D 66 17.90 9.32 -31.41
CA3 QLG D 66 21.44 9.61 -31.03
C3 QLG D 66 22.04 9.47 -32.42
O3 QLG D 66 23.07 10.13 -32.53
CB1 QLG D 66 19.44 5.42 -31.71
CB2 QLG D 66 16.41 9.49 -31.54
CG1 QLG D 66 18.69 4.41 -32.54
CG2 QLG D 66 15.79 10.87 -31.69
CD1 QLG D 66 15.92 11.78 -30.51
CD2 QLG D 66 16.61 11.83 -32.53
CD3 QLG D 66 17.60 3.54 -31.97
NE1 QLG D 66 16.71 4.03 -31.12
OE1 QLG D 66 17.58 2.27 -32.27
C1 QLG D 66 19.72 8.07 -31.73
C2 QLG D 66 18.97 9.87 -30.54
N2 QLG D 66 18.45 8.25 -32.08
O2 QLG D 66 18.87 10.83 -29.76
N3 QLG D 66 20.12 9.06 -30.78
N SER D 67 21.16 8.87 -33.33
CA SER D 67 21.11 8.75 -34.57
C SER D 67 20.60 9.93 -35.37
N VAL D 68 20.77 11.23 -35.04
CA VAL D 68 19.90 12.34 -35.43
C VAL D 68 20.22 12.78 -36.86
N ALA D 69 21.23 12.27 -37.54
CA ALA D 69 21.43 12.66 -38.94
C ALA D 69 20.57 11.75 -39.81
N ILE D 70 20.08 10.67 -39.21
CA ILE D 70 19.24 9.70 -39.91
C ILE D 70 17.77 9.92 -39.53
N THR D 71 17.18 10.94 -40.13
CA THR D 71 15.79 11.30 -39.88
C THR D 71 15.23 11.94 -41.14
N LYS D 72 14.01 11.58 -41.50
CA LYS D 72 13.38 12.16 -42.67
C LYS D 72 12.87 13.55 -42.29
N TYR D 73 13.55 14.60 -42.76
CA TYR D 73 13.12 15.96 -42.47
C TYR D 73 12.13 16.42 -43.51
N THR D 74 10.87 16.48 -43.12
CA THR D 74 9.78 16.87 -44.01
C THR D 74 9.39 18.34 -43.85
N SER D 75 8.35 18.72 -44.58
CA SER D 75 7.77 20.06 -44.53
C SER D 75 8.68 21.26 -44.77
N GLY D 76 9.83 21.02 -45.39
CA GLY D 76 10.74 22.12 -45.67
C GLY D 76 11.51 22.60 -44.45
N ILE D 77 11.41 21.87 -43.35
CA ILE D 77 12.10 22.24 -42.13
C ILE D 77 13.61 22.11 -42.29
N PRO D 78 14.36 23.22 -42.13
CA PRO D 78 15.81 23.11 -42.28
C PRO D 78 16.37 22.01 -41.38
N ASP D 79 17.20 21.17 -41.98
CA ASP D 79 17.81 20.03 -41.30
C ASP D 79 19.18 20.41 -40.74
N TYR D 80 19.20 20.74 -39.46
CA TYR D 80 20.41 21.16 -38.75
C TYR D 80 21.55 20.16 -38.82
N PHE D 81 21.23 18.87 -38.82
CA PHE D 81 22.24 17.85 -38.85
C PHE D 81 22.90 17.63 -40.21
N LYS D 82 22.10 17.49 -41.25
CA LYS D 82 22.65 17.29 -42.60
C LYS D 82 23.43 18.50 -43.08
N GLN D 83 22.97 19.70 -42.70
CA GLN D 83 23.67 20.92 -43.11
C GLN D 83 25.08 20.97 -42.52
N SER D 84 25.28 20.26 -41.41
CA SER D 84 26.57 20.26 -40.70
C SER D 84 27.73 19.54 -41.39
N PHE D 85 27.42 18.55 -42.22
CA PHE D 85 28.46 17.80 -42.92
C PHE D 85 29.12 18.69 -43.98
N PRO D 86 30.37 18.38 -44.34
CA PRO D 86 31.22 17.29 -43.85
C PRO D 86 31.77 17.45 -42.43
N GLU D 87 31.90 18.69 -41.96
CA GLU D 87 32.44 18.93 -40.63
C GLU D 87 31.84 18.02 -39.56
N GLY D 88 30.51 17.90 -39.55
CA GLY D 88 29.87 17.04 -38.58
C GLY D 88 29.34 17.79 -37.37
N PHE D 89 29.13 17.08 -36.27
CA PHE D 89 28.60 17.69 -35.06
C PHE D 89 28.75 16.81 -33.84
N THR D 90 28.34 17.34 -32.69
CA THR D 90 28.38 16.62 -31.44
C THR D 90 27.07 16.94 -30.72
N TRP D 91 26.71 16.12 -29.73
CA TRP D 91 25.51 16.45 -28.93
C TRP D 91 25.79 15.95 -27.50
N GLU D 92 25.08 16.54 -26.55
CA GLU D 92 25.26 16.24 -25.15
C GLU D 92 23.88 16.13 -24.54
N ARG D 93 23.72 15.25 -23.57
CA ARG D 93 22.41 15.03 -22.99
C ARG D 93 22.41 14.36 -21.62
N THR D 94 21.36 14.62 -20.87
CA THR D 94 21.17 13.98 -19.58
C THR D 94 19.76 13.42 -19.63
N THR D 95 19.63 12.18 -19.21
CA THR D 95 18.33 11.50 -19.17
C THR D 95 17.94 11.32 -17.71
N ILE D 96 16.81 11.91 -17.32
CA ILE D 96 16.31 11.81 -15.95
C ILE D 96 15.18 10.78 -15.86
N TYR D 97 15.41 9.69 -15.14
CA TYR D 97 14.38 8.65 -14.97
C TYR D 97 13.51 8.97 -13.75
N GLU D 98 12.24 8.58 -13.80
CA GLU D 98 11.32 8.87 -12.70
C GLU D 98 11.67 8.22 -11.37
N ASP D 99 12.41 7.12 -11.39
CA ASP D 99 12.80 6.46 -10.14
C ASP D 99 14.16 6.93 -9.61
N GLY D 100 14.56 8.13 -10.03
CA GLY D 100 15.81 8.72 -9.55
C GLY D 100 17.12 8.45 -10.26
N ALA D 101 17.11 7.69 -11.34
CA ALA D 101 18.36 7.41 -12.04
C ALA D 101 18.68 8.54 -13.02
N TYR D 102 19.96 8.75 -13.27
CA TYR D 102 20.42 9.77 -14.21
C TYR D 102 21.47 9.14 -15.10
N LEU D 103 21.42 9.48 -16.38
CA LEU D 103 22.40 8.97 -17.34
C LEU D 103 22.75 10.14 -18.25
N THR D 104 24.02 10.50 -18.25
CA THR D 104 24.50 11.62 -19.05
C THR D 104 25.34 11.13 -20.20
N THR D 105 25.20 11.78 -21.35
CA THR D 105 25.88 11.38 -22.57
C THR D 105 26.60 12.50 -23.34
N GLN D 106 27.72 12.15 -23.96
CA GLN D 106 28.51 13.07 -24.77
C GLN D 106 28.81 12.30 -26.04
N GLN D 107 28.39 12.83 -27.18
CA GLN D 107 28.59 12.13 -28.45
C GLN D 107 29.20 12.97 -29.55
N GLU D 108 30.03 12.35 -30.36
CA GLU D 108 30.65 13.03 -31.50
C GLU D 108 30.24 12.29 -32.77
N THR D 109 29.84 13.02 -33.79
CA THR D 109 29.44 12.40 -35.05
C THR D 109 30.24 13.00 -36.20
N LYS D 110 30.90 12.14 -36.97
CA LYS D 110 31.66 12.60 -38.12
C LYS D 110 31.35 11.71 -39.31
N LEU D 111 31.55 12.26 -40.50
CA LEU D 111 31.29 11.50 -41.72
C LEU D 111 32.62 11.21 -42.41
N ASP D 112 33.03 9.95 -42.35
CA ASP D 112 34.29 9.51 -42.96
C ASP D 112 33.97 8.85 -44.29
N GLY D 113 34.00 9.65 -45.36
CA GLY D 113 33.66 9.14 -46.67
C GLY D 113 32.16 8.94 -46.69
N ASN D 114 31.74 7.68 -46.88
CA ASN D 114 30.32 7.35 -46.89
C ASN D 114 29.98 6.55 -45.63
N CYS D 115 30.77 6.78 -44.58
CA CYS D 115 30.56 6.09 -43.32
C CYS D 115 30.41 7.05 -42.15
N LEU D 116 29.23 7.06 -41.53
CA LEU D 116 28.98 7.90 -40.37
C LEU D 116 29.62 7.20 -39.18
N VAL D 117 30.40 7.94 -38.40
CA VAL D 117 31.07 7.37 -37.24
C VAL D 117 30.60 8.02 -35.94
N TYR D 118 30.14 7.20 -35.01
CA TYR D 118 29.64 7.66 -33.72
C TYR D 118 30.58 7.30 -32.57
N ASN D 119 30.97 8.28 -31.78
CA ASN D 119 31.84 8.07 -30.62
C ASN D 119 31.01 8.53 -29.42
N ILE D 120 30.70 7.58 -28.54
CA ILE D 120 29.85 7.85 -27.38
C ILE D 120 30.47 7.61 -26.00
N LYS D 121 30.31 8.60 -25.11
CA LYS D 121 30.80 8.53 -23.73
C LYS D 121 29.59 8.62 -22.82
N ILE D 122 29.54 7.74 -21.82
CA ILE D 122 28.39 7.68 -20.90
C ILE D 122 28.74 7.49 -19.42
N LEU D 123 27.99 8.17 -18.57
CA LEU D 123 28.13 8.03 -17.12
C LEU D 123 26.71 7.99 -16.60
N GLY D 124 26.36 6.90 -15.92
CA GLY D 124 25.03 6.73 -15.36
C GLY D 124 25.14 6.48 -13.86
N CYS D 125 24.13 6.90 -13.11
CA CYS D 125 24.18 6.72 -11.66
C CYS D 125 22.83 6.60 -10.98
N ASN D 126 22.87 6.10 -9.75
CA ASN D 126 21.69 5.97 -8.90
C ASN D 126 20.54 5.12 -9.43
N PHE D 127 20.81 4.17 -10.30
CA PHE D 127 19.72 3.31 -10.77
C PHE D 127 19.38 2.39 -9.61
N PRO D 128 18.11 2.35 -9.19
CA PRO D 128 17.73 1.47 -8.08
C PRO D 128 17.95 0.00 -8.41
N PRO D 129 18.61 -0.73 -7.50
CA PRO D 129 18.98 -2.14 -7.69
C PRO D 129 17.76 -3.05 -7.88
N ASN D 130 16.61 -2.63 -7.37
CA ASN D 130 15.40 -3.43 -7.51
C ASN D 130 14.45 -2.88 -8.57
N GLY D 131 14.90 -1.84 -9.27
CA GLY D 131 14.08 -1.25 -10.32
C GLY D 131 14.14 -2.13 -11.56
N PRO D 132 13.27 -1.90 -12.56
CA PRO D 132 13.25 -2.71 -13.78
C PRO D 132 14.52 -2.68 -14.65
N VAL D 133 15.29 -1.60 -14.58
CA VAL D 133 16.52 -1.51 -15.37
C VAL D 133 17.59 -2.46 -14.85
N MSE D 134 17.96 -2.32 -13.57
CA MSE D 134 18.97 -3.19 -12.99
C MSE D 134 18.50 -4.65 -12.92
O MSE D 134 19.32 -5.56 -12.96
CB MSE D 134 19.34 -2.72 -11.57
CG MSE D 134 20.06 -1.37 -11.51
SE MSE D 134 21.63 -1.26 -12.65
CE MSE D 134 22.81 -2.43 -11.71
N GLN D 135 17.19 -4.85 -12.84
CA GLN D 135 16.63 -6.20 -12.78
C GLN D 135 16.42 -6.84 -14.14
N LYS D 136 16.70 -6.10 -15.21
CA LYS D 136 16.52 -6.60 -16.57
C LYS D 136 15.07 -7.04 -16.76
N LYS D 137 14.14 -6.13 -16.50
CA LYS D 137 12.71 -6.41 -16.62
C LYS D 137 12.02 -5.47 -17.60
N THR D 138 12.79 -4.72 -18.38
CA THR D 138 12.21 -3.82 -19.36
C THR D 138 12.11 -4.56 -20.68
N GLN D 139 11.19 -4.16 -21.54
CA GLN D 139 10.99 -4.84 -22.81
C GLN D 139 10.93 -3.88 -24.00
N GLY D 140 11.87 -2.94 -24.05
CA GLY D 140 11.91 -2.01 -25.17
C GLY D 140 11.18 -0.70 -24.94
N TRP D 141 11.49 0.28 -25.78
CA TRP D 141 10.88 1.60 -25.69
C TRP D 141 9.61 1.74 -26.52
N GLU D 142 8.77 2.66 -26.08
CA GLU D 142 7.55 2.97 -26.77
C GLU D 142 8.04 4.07 -27.71
N PRO D 143 7.34 4.31 -28.83
CA PRO D 143 7.86 5.40 -29.69
C PRO D 143 7.76 6.70 -28.91
N CYS D 144 8.37 7.77 -29.40
CA CYS D 144 8.33 9.05 -28.69
C CYS D 144 8.34 10.25 -29.62
N CYS D 145 8.19 11.44 -29.03
CA CYS D 145 8.15 12.68 -29.79
C CYS D 145 9.04 13.75 -29.17
N GLU D 146 10.13 14.11 -29.87
CA GLU D 146 11.05 15.11 -29.36
C GLU D 146 10.66 16.52 -29.80
N MSE D 147 10.81 17.45 -28.86
CA MSE D 147 10.52 18.86 -29.07
C MSE D 147 11.86 19.52 -29.42
O MSE D 147 12.82 19.36 -28.67
CB MSE D 147 9.96 19.40 -27.76
CG MSE D 147 9.61 20.85 -27.72
SE MSE D 147 8.65 21.18 -26.06
CE MSE D 147 10.15 21.39 -24.87
N ARG D 148 11.92 20.24 -30.54
CA ARG D 148 13.16 20.89 -30.96
C ARG D 148 13.02 22.38 -31.19
N TYR D 149 13.97 23.16 -30.67
CA TYR D 149 13.94 24.61 -30.78
C TYR D 149 15.34 25.20 -30.63
N THR D 150 15.60 26.31 -31.30
CA THR D 150 16.90 26.92 -31.21
C THR D 150 17.02 27.79 -29.97
N ARG D 151 18.26 28.01 -29.53
CA ARG D 151 18.56 28.85 -28.38
C ARG D 151 20.06 29.10 -28.35
N ASP D 152 20.43 30.37 -28.23
CA ASP D 152 21.84 30.77 -28.20
C ASP D 152 22.70 30.16 -29.30
N GLY D 153 22.21 30.23 -30.54
CA GLY D 153 22.98 29.71 -31.66
C GLY D 153 23.07 28.20 -31.84
N VAL D 154 22.42 27.43 -30.99
CA VAL D 154 22.47 25.97 -31.14
C VAL D 154 21.05 25.41 -31.18
N LEU D 155 20.93 24.09 -31.34
CA LEU D 155 19.61 23.47 -31.39
C LEU D 155 19.40 22.63 -30.14
N CYS D 156 18.32 22.93 -29.41
CA CYS D 156 18.00 22.19 -28.20
C CYS D 156 16.89 21.19 -28.45
N GLY D 157 16.81 20.19 -27.57
CA GLY D 157 15.78 19.19 -27.69
C GLY D 157 15.38 18.65 -26.33
N GLN D 158 14.14 18.23 -26.21
CA GLN D 158 13.62 17.65 -24.98
C GLN D 158 12.65 16.57 -25.41
N THR D 159 12.73 15.41 -24.77
CA THR D 159 11.86 14.30 -25.11
C THR D 159 11.49 13.54 -23.85
N LEU D 160 10.29 13.00 -23.84
CA LEU D 160 9.83 12.19 -22.73
C LEU D 160 9.72 10.81 -23.37
N MSE D 161 10.24 9.79 -22.69
CA MSE D 161 10.17 8.43 -23.21
C MSE D 161 9.60 7.47 -22.16
O MSE D 161 9.62 7.77 -20.96
CB MSE D 161 11.56 7.97 -23.66
CG MSE D 161 12.21 8.88 -24.71
SE MSE D 161 13.79 8.13 -25.55
CE MSE D 161 14.84 7.74 -23.97
N ALA D 162 9.10 6.33 -22.62
CA ALA D 162 8.52 5.35 -21.72
C ALA D 162 8.99 3.93 -22.01
N LEU D 163 9.65 3.33 -21.02
CA LEU D 163 10.14 1.96 -21.13
C LEU D 163 9.03 1.01 -20.70
N LYS D 164 8.80 -0.03 -21.50
CA LYS D 164 7.78 -1.02 -21.19
C LYS D 164 8.37 -2.00 -20.20
N CYS D 165 7.66 -2.24 -19.11
CA CYS D 165 8.12 -3.18 -18.10
C CYS D 165 7.42 -4.52 -18.23
N ALA D 166 8.07 -5.57 -17.73
CA ALA D 166 7.51 -6.91 -17.79
C ALA D 166 6.12 -6.98 -17.14
N ASP D 167 5.98 -6.35 -15.97
CA ASP D 167 4.70 -6.38 -15.26
C ASP D 167 3.59 -5.59 -15.97
N GLY D 168 3.92 -4.93 -17.07
CA GLY D 168 2.93 -4.17 -17.80
C GLY D 168 2.99 -2.66 -17.60
N ASN D 169 3.66 -2.24 -16.53
CA ASN D 169 3.80 -0.82 -16.25
C ASN D 169 4.76 -0.16 -17.25
N HIS D 170 4.92 1.15 -17.09
CA HIS D 170 5.83 1.93 -17.93
C HIS D 170 6.76 2.72 -17.01
N LEU D 171 8.03 2.77 -17.35
CA LEU D 171 9.01 3.53 -16.58
C LEU D 171 9.34 4.72 -17.47
N THR D 172 9.05 5.93 -16.99
CA THR D 172 9.29 7.13 -17.80
C THR D 172 10.57 7.87 -17.46
N CYS D 173 11.04 8.65 -18.42
CA CYS D 173 12.25 9.47 -18.26
C CYS D 173 12.15 10.71 -19.13
N HIS D 174 12.99 11.69 -18.81
CA HIS D 174 13.01 12.97 -19.49
C HIS D 174 14.41 13.26 -20.03
N LEU D 175 14.51 13.48 -21.34
CA LEU D 175 15.79 13.79 -21.99
C LEU D 175 15.94 15.28 -22.28
N ARG D 176 17.09 15.85 -21.94
CA ARG D 176 17.36 17.27 -22.18
C ARG D 176 18.62 17.27 -23.03
N THR D 177 18.50 17.70 -24.28
CA THR D 177 19.62 17.67 -25.20
C THR D 177 20.02 19.00 -25.82
N THR D 178 21.30 19.12 -26.14
CA THR D 178 21.83 20.28 -26.84
C THR D 178 22.61 19.68 -27.99
N TYR D 179 22.31 20.11 -29.21
CA TYR D 179 23.00 19.63 -30.39
C TYR D 179 23.94 20.75 -30.86
N ARG D 180 25.20 20.42 -31.09
CA ARG D 180 26.19 21.42 -31.49
C ARG D 180 26.85 21.14 -32.85
N SER D 181 26.52 21.93 -33.85
CA SER D 181 27.12 21.76 -35.18
C SER D 181 28.58 22.20 -35.13
N LYS D 182 29.39 21.62 -36.02
CA LYS D 182 30.80 21.99 -36.09
C LYS D 182 30.98 23.16 -37.03
N LYS D 183 29.88 23.56 -37.68
CA LYS D 183 29.91 24.71 -38.58
C LYS D 183 29.43 25.91 -37.76
N ALA D 184 29.82 27.11 -38.17
CA ALA D 184 29.39 28.32 -37.48
C ALA D 184 27.92 28.55 -37.80
N ALA D 185 27.18 29.10 -36.85
CA ALA D 185 25.76 29.37 -37.05
C ALA D 185 25.54 30.24 -38.28
N LYS D 186 26.59 30.95 -38.69
CA LYS D 186 26.55 31.84 -39.85
C LYS D 186 26.25 31.09 -41.14
N ALA D 187 26.91 29.95 -41.33
CA ALA D 187 26.73 29.15 -42.53
C ALA D 187 25.59 28.16 -42.42
N LEU D 188 24.72 28.37 -41.44
CA LEU D 188 23.60 27.46 -41.22
C LEU D 188 22.25 28.15 -41.26
N GLN D 189 21.24 27.44 -41.75
CA GLN D 189 19.89 27.97 -41.80
C GLN D 189 19.21 27.32 -40.60
N MSE D 190 19.07 28.06 -39.50
CA MSE D 190 18.44 27.55 -38.29
C MSE D 190 16.96 27.23 -38.51
O MSE D 190 16.27 27.98 -39.20
CB MSE D 190 18.60 28.55 -37.16
CG MSE D 190 20.04 28.88 -36.79
SE MSE D 190 21.11 27.31 -36.33
CE MSE D 190 20.72 27.24 -34.44
N PRO D 191 16.47 26.09 -37.98
CA PRO D 191 15.06 25.74 -38.06
C PRO D 191 14.11 26.38 -37.07
N PRO D 192 12.81 26.51 -37.42
CA PRO D 192 11.83 26.97 -36.47
C PRO D 192 11.49 25.88 -35.52
N PHE D 193 10.69 26.15 -34.50
CA PHE D 193 10.28 25.12 -33.56
C PHE D 193 9.64 23.96 -34.33
N HIS D 194 9.95 22.72 -33.97
CA HIS D 194 9.34 21.57 -34.63
C HIS D 194 9.49 20.29 -33.81
N PHE D 195 8.96 19.19 -34.35
CA PHE D 195 9.00 17.92 -33.65
C PHE D 195 9.70 16.83 -34.45
N SER D 196 10.04 15.75 -33.77
CA SER D 196 10.64 14.60 -34.41
C SER D 196 10.10 13.34 -33.75
N ASP D 197 9.40 12.52 -34.53
CA ASP D 197 8.89 11.27 -34.00
C ASP D 197 10.04 10.28 -34.12
N HIS D 198 10.11 9.35 -33.16
CA HIS D 198 11.17 8.36 -33.14
C HIS D 198 10.62 7.00 -32.71
N ARG D 199 11.00 5.95 -33.36
CA ARG D 199 10.56 4.61 -33.01
C ARG D 199 11.74 3.65 -32.94
N PRO D 200 12.39 3.56 -31.77
CA PRO D 200 13.46 2.61 -31.56
C PRO D 200 12.98 1.19 -31.30
N GLU D 201 13.61 0.20 -31.90
CA GLU D 201 13.20 -1.18 -31.67
C GLU D 201 14.39 -2.14 -31.67
N ILE D 202 14.33 -3.16 -30.83
CA ILE D 202 15.37 -4.18 -30.80
C ILE D 202 14.65 -5.38 -31.41
N VAL D 203 15.13 -5.84 -32.56
CA VAL D 203 14.49 -6.95 -33.25
C VAL D 203 15.17 -8.31 -33.05
N LYS D 204 16.34 -8.31 -32.43
CA LYS D 204 17.04 -9.56 -32.19
C LYS D 204 18.11 -9.45 -31.12
N VAL D 205 18.21 -10.49 -30.31
CA VAL D 205 19.21 -10.56 -29.24
C VAL D 205 19.86 -11.94 -29.34
N SER D 206 21.19 -11.97 -29.30
CA SER D 206 21.91 -13.24 -29.38
C SER D 206 23.26 -13.18 -28.70
N GLU D 207 24.05 -14.22 -28.88
CA GLU D 207 25.38 -14.32 -28.30
C GLU D 207 25.36 -14.05 -26.80
N ASN D 208 24.55 -14.82 -26.09
CA ASN D 208 24.42 -14.71 -24.64
C ASN D 208 24.06 -13.28 -24.20
N GLY D 209 23.14 -12.67 -24.93
CA GLY D 209 22.70 -11.32 -24.60
C GLY D 209 23.76 -10.24 -24.68
N THR D 210 24.64 -10.33 -25.67
CA THR D 210 25.70 -9.34 -25.85
C THR D 210 25.66 -8.75 -27.25
N LEU D 211 24.78 -9.27 -28.10
CA LEU D 211 24.63 -8.80 -29.48
C LEU D 211 23.19 -8.39 -29.73
N PHE D 212 22.96 -7.14 -30.13
CA PHE D 212 21.60 -6.66 -30.37
C PHE D 212 21.38 -6.03 -31.74
N GLU D 213 20.39 -6.51 -32.48
CA GLU D 213 20.08 -5.93 -33.78
C GLU D 213 19.09 -4.83 -33.46
N GLN D 214 19.54 -3.59 -33.62
CA GLN D 214 18.73 -2.43 -33.29
C GLN D 214 18.27 -1.69 -34.54
N HIS D 215 17.03 -1.20 -34.51
CA HIS D 215 16.49 -0.46 -35.65
C HIS D 215 15.75 0.80 -35.21
N GLU D 216 15.66 1.74 -36.13
CA GLU D 216 14.95 2.97 -35.81
C GLU D 216 14.42 3.70 -37.02
N SER D 217 13.29 4.36 -36.79
CA SER D 217 12.61 5.15 -37.80
C SER D 217 12.33 6.49 -37.13
N SER D 218 12.56 7.59 -37.85
CA SER D 218 12.32 8.91 -37.30
C SER D 218 11.92 9.90 -38.40
N VAL D 219 11.05 10.83 -38.04
CA VAL D 219 10.53 11.83 -38.97
C VAL D 219 10.38 13.18 -38.27
N ALA D 220 10.95 14.23 -38.85
CA ALA D 220 10.85 15.58 -38.30
C ALA D 220 9.68 16.23 -39.01
N ARG D 221 8.78 16.86 -38.23
CA ARG D 221 7.58 17.46 -38.78
C ARG D 221 7.05 18.57 -37.88
N TYR D 222 5.89 19.12 -38.28
CA TYR D 222 5.17 20.13 -37.53
C TYR D 222 3.94 19.36 -37.06
N CYS D 223 3.08 19.98 -36.26
CA CYS D 223 1.87 19.31 -35.80
C CYS D 223 0.94 19.31 -37.01
N GLN D 224 0.63 18.13 -37.53
CA GLN D 224 -0.22 18.02 -38.71
C GLN D 224 -1.67 17.58 -38.43
N THR D 225 -1.92 17.15 -37.21
CA THR D 225 -3.25 16.67 -36.83
C THR D 225 -4.20 17.75 -36.33
N CYS D 226 -3.65 18.90 -35.91
CA CYS D 226 -4.48 19.98 -35.39
C CYS D 226 -4.30 21.28 -36.17
N PRO D 227 -5.29 21.64 -36.96
CA PRO D 227 -5.28 22.90 -37.74
C PRO D 227 -5.16 24.16 -36.89
N SER D 228 -4.39 25.13 -37.37
CA SER D 228 -4.21 26.38 -36.65
C SER D 228 -5.25 27.41 -37.06
N LYS D 229 -5.93 27.96 -36.08
CA LYS D 229 -6.94 28.98 -36.32
C LYS D 229 -6.23 30.28 -36.72
N LEU D 230 -5.17 30.61 -35.98
CA LEU D 230 -4.40 31.83 -36.20
C LEU D 230 -3.45 31.79 -37.39
N GLY D 231 -3.10 30.60 -37.87
CA GLY D 231 -2.21 30.53 -39.02
C GLY D 231 -0.75 30.19 -38.74
N HIS D 232 -0.47 29.56 -37.61
CA HIS D 232 0.91 29.17 -37.27
C HIS D 232 1.16 27.72 -37.67
N ASN D 233 2.44 27.35 -37.73
CA ASN D 233 2.82 25.98 -38.07
C ASN D 233 2.29 25.09 -36.96
N ILE E 8 17.60 -30.86 29.99
CA ILE E 8 18.28 -29.76 29.24
C ILE E 8 19.06 -28.90 30.23
N SER E 9 20.18 -28.34 29.79
CA SER E 9 21.00 -27.50 30.66
C SER E 9 20.40 -26.11 30.82
N ASP E 10 20.92 -25.33 31.75
CA ASP E 10 20.42 -23.99 32.00
C ASP E 10 20.98 -23.00 30.99
N ASN E 11 21.86 -23.49 30.10
CA ASN E 11 22.44 -22.66 29.07
C ASN E 11 22.61 -23.52 27.81
N VAL E 12 21.87 -23.18 26.76
CA VAL E 12 21.96 -23.94 25.52
C VAL E 12 22.26 -23.07 24.32
N ARG E 13 22.81 -23.70 23.28
CA ARG E 13 23.09 -23.02 22.04
C ARG E 13 21.88 -23.28 21.17
N ILE E 14 21.65 -22.44 20.18
CA ILE E 14 20.50 -22.63 19.31
C ILE E 14 20.87 -22.51 17.84
N LYS E 15 20.33 -23.43 17.04
CA LYS E 15 20.54 -23.44 15.61
C LYS E 15 19.15 -23.58 14.98
N LEU E 16 18.86 -22.73 14.01
CA LEU E 16 17.57 -22.75 13.37
C LEU E 16 17.63 -22.80 11.85
N TYR E 17 16.74 -23.59 11.27
CA TYR E 17 16.62 -23.71 9.82
C TYR E 17 15.16 -23.45 9.49
N MSE E 18 14.92 -22.58 8.53
CA MSE E 18 13.57 -22.25 8.13
C MSE E 18 13.43 -22.12 6.63
O MSE E 18 14.30 -21.55 5.94
CB MSE E 18 13.16 -20.91 8.76
CG MSE E 18 11.77 -20.43 8.36
SE MSE E 18 11.42 -18.61 8.96
CE MSE E 18 10.88 -18.99 10.76
N GLU E 19 12.35 -22.68 6.11
CA GLU E 19 12.06 -22.59 4.69
C GLU E 19 10.56 -22.37 4.53
N GLY E 20 10.19 -21.51 3.59
CA GLY E 20 8.77 -21.29 3.39
C GLY E 20 8.44 -20.59 2.09
N THR E 21 7.14 -20.40 1.87
CA THR E 21 6.61 -19.73 0.71
C THR E 21 5.36 -18.98 1.18
N VAL E 22 5.38 -17.66 1.02
CA VAL E 22 4.25 -16.81 1.41
C VAL E 22 3.86 -16.00 0.18
N ASN E 23 2.60 -16.08 -0.22
CA ASN E 23 2.11 -15.38 -1.41
C ASN E 23 2.99 -15.67 -2.63
N ASN E 24 3.37 -16.93 -2.79
CA ASN E 24 4.19 -17.38 -3.92
C ASN E 24 5.65 -16.91 -3.87
N HIS E 25 6.09 -16.45 -2.69
CA HIS E 25 7.48 -16.02 -2.56
C HIS E 25 8.27 -16.98 -1.68
N HIS E 26 9.18 -17.72 -2.30
CA HIS E 26 10.02 -18.69 -1.62
C HIS E 26 11.14 -17.99 -0.87
N PHE E 27 11.48 -18.51 0.31
CA PHE E 27 12.55 -17.92 1.11
C PHE E 27 13.14 -18.94 2.08
N MSE E 28 14.34 -18.65 2.56
CA MSE E 28 15.02 -19.52 3.51
C MSE E 28 15.72 -18.66 4.55
O MSE E 28 16.27 -17.61 4.25
CB MSE E 28 16.04 -20.41 2.81
CG MSE E 28 15.43 -21.49 1.91
SE MSE E 28 16.78 -22.71 1.18
CE MSE E 28 16.92 -23.91 2.68
N CYS E 29 15.68 -19.12 5.81
CA CYS E 29 16.33 -18.42 6.90
C CYS E 29 17.12 -19.40 7.72
N GLU E 30 18.16 -18.88 8.37
CA GLU E 30 19.03 -19.66 9.23
C GLU E 30 19.44 -18.76 10.37
N ALA E 31 19.54 -19.32 11.57
CA ALA E 31 19.91 -18.50 12.72
C ALA E 31 20.73 -19.26 13.74
N GLU E 32 21.50 -18.51 14.51
CA GLU E 32 22.32 -19.05 15.58
C GLU E 32 22.02 -18.17 16.79
N GLY E 33 21.85 -18.79 17.94
CA GLY E 33 21.55 -18.02 19.13
C GLY E 33 21.82 -18.81 20.40
N GLU E 34 21.16 -18.42 21.47
CA GLU E 34 21.33 -19.10 22.76
C GLU E 34 20.14 -18.78 23.64
N GLY E 35 19.99 -19.53 24.72
CA GLY E 35 18.89 -19.29 25.63
C GLY E 35 19.06 -19.97 26.97
N LYS E 36 18.29 -19.52 27.95
CA LYS E 36 18.32 -20.08 29.29
C LYS E 36 16.95 -20.73 29.50
N PRO E 37 16.84 -22.03 29.20
CA PRO E 37 15.59 -22.80 29.26
C PRO E 37 14.76 -22.53 30.51
N TYR E 38 15.43 -22.44 31.66
CA TYR E 38 14.71 -22.21 32.91
C TYR E 38 14.47 -20.76 33.26
N GLU E 39 15.14 -19.84 32.59
CA GLU E 39 14.94 -18.41 32.84
C GLU E 39 13.86 -17.89 31.88
N GLY E 40 13.63 -18.64 30.81
CA GLY E 40 12.63 -18.25 29.84
C GLY E 40 13.07 -17.18 28.87
N THR E 41 14.39 -17.03 28.69
CA THR E 41 14.91 -16.02 27.79
C THR E 41 15.70 -16.64 26.64
N GLN E 42 15.57 -16.05 25.45
CA GLN E 42 16.25 -16.55 24.26
C GLN E 42 16.60 -15.42 23.32
N MSE E 43 17.66 -15.61 22.54
CA MSE E 43 18.06 -14.61 21.57
C MSE E 43 18.60 -15.31 20.33
O MSE E 43 19.24 -16.36 20.44
CB MSE E 43 19.12 -13.66 22.16
CG MSE E 43 20.55 -14.17 22.12
SE MSE E 43 21.37 -13.95 20.38
CE MSE E 43 21.78 -12.06 20.50
N GLU E 44 18.33 -14.75 19.17
CA GLU E 44 18.79 -15.34 17.93
C GLU E 44 19.15 -14.26 16.91
N ASN E 45 20.15 -14.58 16.08
CA ASN E 45 20.56 -13.70 15.01
C ASN E 45 20.07 -14.45 13.78
N ILE E 46 18.90 -14.06 13.27
CA ILE E 46 18.30 -14.72 12.11
C ILE E 46 18.69 -14.03 10.81
N LYS E 47 19.19 -14.83 9.87
CA LYS E 47 19.60 -14.29 8.58
C LYS E 47 18.73 -14.86 7.46
N VAL E 48 18.31 -13.99 6.55
CA VAL E 48 17.52 -14.44 5.40
C VAL E 48 18.56 -14.87 4.40
N THR E 49 18.78 -16.19 4.32
CA THR E 49 19.79 -16.75 3.43
C THR E 49 19.36 -16.86 1.97
N LYS E 50 18.06 -16.80 1.72
CA LYS E 50 17.56 -16.88 0.36
C LYS E 50 16.21 -16.20 0.26
N GLY E 51 16.04 -15.41 -0.79
CA GLY E 51 14.79 -14.71 -1.00
C GLY E 51 14.75 -13.36 -0.31
N GLY E 52 15.86 -12.93 0.27
CA GLY E 52 15.90 -11.65 0.97
C GLY E 52 16.57 -10.54 0.17
N PRO E 53 16.23 -9.27 0.42
CA PRO E 53 15.26 -8.79 1.41
C PRO E 53 13.87 -9.31 1.07
N LEU E 54 13.10 -9.68 2.10
CA LEU E 54 11.76 -10.20 1.89
C LEU E 54 10.79 -9.14 1.39
N PRO E 55 9.86 -9.51 0.51
CA PRO E 55 8.86 -8.60 -0.04
C PRO E 55 7.73 -8.35 0.95
N PHE E 56 7.97 -8.72 2.21
CA PHE E 56 7.00 -8.54 3.28
C PHE E 56 7.70 -8.36 4.61
N SER E 57 6.96 -7.93 5.62
CA SER E 57 7.53 -7.70 6.95
C SER E 57 8.02 -8.98 7.63
N PHE E 58 9.24 -8.94 8.13
CA PHE E 58 9.85 -10.08 8.80
C PHE E 58 9.05 -10.44 10.07
N ASP E 59 8.24 -9.50 10.54
CA ASP E 59 7.44 -9.71 11.74
C ASP E 59 6.60 -10.99 11.71
N ILE E 60 6.05 -11.34 10.55
CA ILE E 60 5.22 -12.55 10.48
C ILE E 60 6.02 -13.83 10.68
N LEU E 61 7.34 -13.77 10.53
CA LEU E 61 8.19 -14.94 10.71
C LEU E 61 8.66 -15.14 12.15
N THR E 62 8.88 -14.03 12.86
CA THR E 62 9.35 -14.07 14.24
C THR E 62 8.71 -15.09 15.17
N PRO E 63 7.37 -15.07 15.31
CA PRO E 63 6.69 -16.02 16.19
C PRO E 63 6.84 -17.52 15.88
N ASN E 64 7.46 -17.85 14.75
CA ASN E 64 7.67 -19.26 14.39
C ASN E 64 9.01 -19.74 14.94
N CYS E 65 9.81 -18.68 15.27
CA CYS E 65 11.12 -18.97 15.82
C CYS E 65 10.87 -19.15 17.32
N1 QLG E 66 9.52 -18.70 17.53
CA1 QLG E 66 8.84 -18.04 18.75
CA2 QLG E 66 6.76 -18.88 20.83
CA3 QLG E 66 8.00 -21.36 18.58
C3 QLG E 66 9.23 -21.94 19.22
O3 QLG E 66 9.38 -23.12 18.91
CB1 QLG E 66 10.05 -17.16 18.88
CB2 QLG E 66 6.03 -18.04 21.85
CG1 QLG E 66 10.84 -16.10 19.59
CG2 QLG E 66 5.00 -18.65 22.77
CD1 QLG E 66 3.75 -19.16 22.12
CD2 QLG E 66 5.33 -20.06 23.24
CD3 QLG E 66 10.50 -14.63 19.51
NE1 QLG E 66 9.25 -14.23 19.56
OE1 QLG E 66 11.45 -13.77 19.32
C1 QLG E 66 8.58 -19.25 19.59
C2 QLG E 66 6.36 -19.81 19.74
N2 QLG E 66 8.09 -18.62 20.65
O2 QLG E 66 5.24 -20.28 19.54
N3 QLG E 66 7.55 -20.04 18.98
N SER E 67 9.57 -21.25 20.30
CA SER E 67 10.74 -21.69 21.04
C SER E 67 10.19 -22.03 22.42
N VAL E 68 9.18 -22.89 22.41
CA VAL E 68 8.46 -23.33 23.61
C VAL E 68 9.21 -24.07 24.71
N ALA E 69 10.47 -24.44 24.47
CA ALA E 69 11.24 -25.12 25.50
C ALA E 69 11.92 -24.05 26.34
N ILE E 70 12.05 -22.85 25.79
CA ILE E 70 12.68 -21.75 26.51
C ILE E 70 11.60 -20.87 27.14
N THR E 71 11.06 -21.34 28.25
CA THR E 71 10.02 -20.64 28.98
C THR E 71 10.14 -20.97 30.46
N LYS E 72 10.02 -19.96 31.32
CA LYS E 72 10.10 -20.24 32.75
C LYS E 72 8.76 -20.78 33.25
N TYR E 73 8.73 -22.07 33.55
CA TYR E 73 7.50 -22.68 34.06
C TYR E 73 7.44 -22.49 35.58
N THR E 74 6.46 -21.70 36.01
CA THR E 74 6.29 -21.40 37.43
C THR E 74 5.14 -22.20 38.07
N SER E 75 4.94 -21.95 39.36
CA SER E 75 3.88 -22.58 40.14
C SER E 75 3.81 -24.10 40.07
N GLY E 76 4.93 -24.73 39.75
CA GLY E 76 4.95 -26.19 39.67
C GLY E 76 4.15 -26.78 38.53
N ILE E 77 3.77 -25.94 37.56
CA ILE E 77 3.01 -26.43 36.42
C ILE E 77 3.92 -27.39 35.66
N PRO E 78 3.50 -28.64 35.45
CA PRO E 78 4.31 -29.52 34.61
C PRO E 78 4.70 -28.91 33.27
N ASP E 79 5.98 -29.08 32.92
CA ASP E 79 6.54 -28.53 31.69
C ASP E 79 6.52 -29.57 30.57
N TYR E 80 5.46 -29.55 29.78
CA TYR E 80 5.28 -30.49 28.68
C TYR E 80 6.47 -30.53 27.73
N PHE E 81 7.11 -29.37 27.54
CA PHE E 81 8.23 -29.29 26.61
C PHE E 81 9.56 -29.80 27.16
N LYS E 82 9.97 -29.32 28.33
CA LYS E 82 11.21 -29.78 28.93
C LYS E 82 11.10 -31.27 29.25
N GLN E 83 9.89 -31.74 29.57
CA GLN E 83 9.68 -33.15 29.87
C GLN E 83 9.93 -34.04 28.65
N SER E 84 9.73 -33.48 27.46
CA SER E 84 9.89 -34.21 26.21
C SER E 84 11.30 -34.65 25.85
N PHE E 85 12.31 -34.05 26.46
CA PHE E 85 13.68 -34.44 26.16
C PHE E 85 14.03 -35.70 26.94
N PRO E 86 14.96 -36.53 26.41
CA PRO E 86 15.73 -36.37 25.17
C PRO E 86 14.99 -36.61 23.86
N GLU E 87 13.84 -37.28 23.91
CA GLU E 87 13.10 -37.58 22.68
C GLU E 87 12.91 -36.38 21.76
N GLY E 88 12.43 -35.28 22.31
CA GLY E 88 12.20 -34.09 21.50
C GLY E 88 10.70 -33.95 21.26
N PHE E 89 10.32 -33.07 20.35
CA PHE E 89 8.91 -32.85 20.07
C PHE E 89 8.74 -32.03 18.80
N THR E 90 7.51 -31.93 18.32
CA THR E 90 7.22 -31.14 17.13
C THR E 90 5.97 -30.34 17.48
N TRP E 91 5.64 -29.38 16.64
CA TRP E 91 4.38 -28.63 16.84
C TRP E 91 3.93 -28.09 15.49
N GLU E 92 2.61 -27.89 15.40
CA GLU E 92 1.98 -27.44 14.18
C GLU E 92 1.03 -26.30 14.50
N ARG E 93 0.88 -25.37 13.58
CA ARG E 93 0.03 -24.21 13.84
C ARG E 93 -0.45 -23.50 12.58
N THR E 94 -1.59 -22.81 12.72
CA THR E 94 -2.12 -21.99 11.65
C THR E 94 -2.45 -20.66 12.31
N THR E 95 -1.92 -19.59 11.73
CA THR E 95 -2.15 -18.24 12.23
C THR E 95 -3.12 -17.58 11.25
N ILE E 96 -4.26 -17.11 11.78
CA ILE E 96 -5.28 -16.47 10.96
C ILE E 96 -5.31 -14.96 11.22
N TYR E 97 -4.94 -14.18 10.21
CA TYR E 97 -4.94 -12.72 10.34
C TYR E 97 -6.34 -12.16 10.06
N GLU E 98 -6.66 -11.05 10.70
CA GLU E 98 -7.98 -10.46 10.52
C GLU E 98 -8.28 -9.94 9.11
N ASP E 99 -7.24 -9.72 8.31
CA ASP E 99 -7.49 -9.24 6.96
C ASP E 99 -7.46 -10.35 5.90
N GLY E 100 -7.77 -11.57 6.31
CA GLY E 100 -7.84 -12.69 5.39
C GLY E 100 -6.61 -13.56 5.14
N ALA E 101 -5.46 -13.19 5.68
CA ALA E 101 -4.24 -13.95 5.48
C ALA E 101 -4.14 -15.19 6.38
N TYR E 102 -3.57 -16.26 5.85
CA TYR E 102 -3.38 -17.48 6.63
C TYR E 102 -1.91 -17.90 6.53
N LEU E 103 -1.35 -18.38 7.63
CA LEU E 103 0.05 -18.83 7.63
C LEU E 103 0.10 -20.11 8.46
N THR E 104 0.49 -21.20 7.82
CA THR E 104 0.57 -22.49 8.50
C THR E 104 2.02 -22.89 8.71
N THR E 105 2.30 -23.46 9.88
CA THR E 105 3.64 -23.86 10.26
C THR E 105 3.75 -25.29 10.78
N GLN E 106 4.87 -25.93 10.47
CA GLN E 106 5.19 -27.28 10.94
C GLN E 106 6.61 -27.13 11.50
N GLN E 107 6.81 -27.49 12.75
CA GLN E 107 8.12 -27.37 13.37
C GLN E 107 8.58 -28.61 14.12
N GLU E 108 9.88 -28.85 14.08
CA GLU E 108 10.51 -29.98 14.75
C GLU E 108 11.62 -29.45 15.67
N THR E 109 11.62 -29.88 16.92
CA THR E 109 12.64 -29.44 17.88
C THR E 109 13.43 -30.64 18.41
N LYS E 110 14.75 -30.52 18.35
CA LYS E 110 15.65 -31.59 18.81
C LYS E 110 16.74 -31.01 19.70
N LEU E 111 17.20 -31.82 20.65
CA LEU E 111 18.26 -31.42 21.57
C LEU E 111 19.48 -32.34 21.39
N ASP E 112 20.50 -31.81 20.71
CA ASP E 112 21.73 -32.54 20.46
C ASP E 112 22.79 -31.98 21.39
N GLY E 113 23.03 -32.67 22.51
CA GLY E 113 24.00 -32.19 23.47
C GLY E 113 23.33 -31.05 24.20
N ASN E 114 23.88 -29.84 24.06
CA ASN E 114 23.26 -28.69 24.70
C ASN E 114 22.91 -27.68 23.62
N CYS E 115 22.67 -28.17 22.41
CA CYS E 115 22.30 -27.32 21.29
C CYS E 115 20.88 -27.68 20.86
N LEU E 116 19.98 -26.69 20.93
CA LEU E 116 18.59 -26.91 20.51
C LEU E 116 18.54 -26.65 19.01
N VAL E 117 17.93 -27.56 18.27
CA VAL E 117 17.83 -27.41 16.83
C VAL E 117 16.38 -27.31 16.38
N TYR E 118 16.08 -26.23 15.65
CA TYR E 118 14.75 -25.95 15.15
C TYR E 118 14.68 -26.09 13.62
N ASN E 119 13.75 -26.89 13.14
CA ASN E 119 13.52 -27.08 11.70
C ASN E 119 12.09 -26.60 11.45
N ILE E 120 11.95 -25.55 10.65
CA ILE E 120 10.66 -24.92 10.37
C ILE E 120 10.21 -24.89 8.91
N LYS E 121 8.97 -25.28 8.66
CA LYS E 121 8.39 -25.27 7.32
C LYS E 121 7.17 -24.33 7.37
N ILE E 122 7.05 -23.46 6.37
CA ILE E 122 5.96 -22.50 6.34
C ILE E 122 5.29 -22.34 4.98
N LEU E 123 3.98 -22.14 5.01
CA LEU E 123 3.20 -21.89 3.80
C LEU E 123 2.21 -20.81 4.20
N GLY E 124 2.32 -19.65 3.55
CA GLY E 124 1.41 -18.54 3.84
C GLY E 124 0.71 -18.10 2.56
N CYS E 125 -0.53 -17.66 2.68
CA CYS E 125 -1.30 -17.24 1.51
C CYS E 125 -2.31 -16.15 1.81
N ASN E 126 -2.83 -15.56 0.74
CA ASN E 126 -3.84 -14.52 0.80
C ASN E 126 -3.52 -13.23 1.56
N PHE E 127 -2.24 -12.92 1.74
CA PHE E 127 -1.91 -11.66 2.41
C PHE E 127 -2.26 -10.54 1.44
N PRO E 128 -3.14 -9.61 1.83
CA PRO E 128 -3.49 -8.52 0.91
C PRO E 128 -2.27 -7.66 0.56
N PRO E 129 -2.04 -7.40 -0.73
CA PRO E 129 -0.87 -6.65 -1.22
C PRO E 129 -0.74 -5.25 -0.61
N ASN E 130 -1.87 -4.65 -0.23
CA ASN E 130 -1.86 -3.32 0.37
C ASN E 130 -2.08 -3.36 1.87
N GLY E 131 -1.91 -4.54 2.47
CA GLY E 131 -2.09 -4.69 3.90
C GLY E 131 -0.81 -4.34 4.66
N PRO E 132 -0.89 -4.16 5.98
CA PRO E 132 0.30 -3.82 6.76
C PRO E 132 1.50 -4.75 6.61
N VAL E 133 1.26 -6.03 6.33
CA VAL E 133 2.37 -6.97 6.17
C VAL E 133 3.10 -6.82 4.82
N MSE E 134 2.38 -6.94 3.71
CA MSE E 134 3.01 -6.83 2.40
C MSE E 134 3.59 -5.43 2.13
O MSE E 134 4.52 -5.29 1.34
CB MSE E 134 2.02 -7.21 1.29
CG MSE E 134 1.61 -8.69 1.25
SE MSE E 134 3.09 -9.96 1.04
CE MSE E 134 2.91 -10.88 2.71
N GLN E 135 3.06 -4.42 2.81
CA GLN E 135 3.53 -3.05 2.64
C GLN E 135 4.60 -2.69 3.65
N LYS E 136 4.89 -3.62 4.55
CA LYS E 136 5.90 -3.41 5.58
C LYS E 136 5.59 -2.16 6.41
N LYS E 137 4.40 -2.12 7.00
CA LYS E 137 3.99 -0.97 7.80
C LYS E 137 4.03 -1.29 9.29
N THR E 138 4.41 -2.53 9.63
CA THR E 138 4.46 -2.97 11.02
C THR E 138 5.69 -2.57 11.82
N GLN E 139 5.55 -2.58 13.14
CA GLN E 139 6.63 -2.19 14.03
C GLN E 139 6.77 -3.19 15.18
N GLY E 140 6.72 -4.47 14.87
CA GLY E 140 6.85 -5.49 15.90
C GLY E 140 5.55 -5.85 16.59
N TRP E 141 5.60 -6.92 17.37
CA TRP E 141 4.44 -7.43 18.11
C TRP E 141 4.33 -6.92 19.52
N GLU E 142 3.10 -6.91 20.03
CA GLU E 142 2.82 -6.53 21.40
C GLU E 142 3.05 -7.84 22.16
N PRO E 143 3.34 -7.77 23.47
CA PRO E 143 3.47 -9.06 24.15
C PRO E 143 2.13 -9.77 24.10
N CYS E 144 2.11 -11.09 24.31
CA CYS E 144 0.85 -11.82 24.26
C CYS E 144 0.69 -12.85 25.36
N CYS E 145 -0.51 -13.43 25.43
CA CYS E 145 -0.82 -14.45 26.43
C CYS E 145 -1.44 -15.67 25.77
N GLU E 146 -0.73 -16.79 25.82
CA GLU E 146 -1.23 -18.02 25.22
C GLU E 146 -2.03 -18.81 26.24
N MSE E 147 -3.05 -19.49 25.74
CA MSE E 147 -3.94 -20.33 26.53
C MSE E 147 -3.52 -21.77 26.21
O MSE E 147 -3.48 -22.15 25.04
CB MSE E 147 -5.38 -20.05 26.08
CG MSE E 147 -6.49 -20.83 26.74
SE MSE E 147 -8.23 -20.14 26.12
CE MSE E 147 -8.48 -21.19 24.51
N ARG E 148 -3.20 -22.57 27.23
CA ARG E 148 -2.77 -23.95 27.01
C ARG E 148 -3.64 -24.96 27.77
N TYR E 149 -4.00 -26.04 27.09
CA TYR E 149 -4.84 -27.09 27.65
C TYR E 149 -4.65 -28.39 26.88
N THR E 150 -4.82 -29.51 27.54
CA THR E 150 -4.65 -30.79 26.89
C THR E 150 -5.92 -31.24 26.17
N ARG E 151 -5.75 -32.13 25.20
CA ARG E 151 -6.85 -32.70 24.44
C ARG E 151 -6.32 -33.90 23.67
N ASP E 152 -7.04 -35.01 23.79
CA ASP E 152 -6.67 -36.25 23.11
C ASP E 152 -5.20 -36.65 23.31
N GLY E 153 -4.68 -36.48 24.51
CA GLY E 153 -3.31 -36.87 24.77
C GLY E 153 -2.21 -35.94 24.34
N VAL E 154 -2.55 -34.80 23.75
CA VAL E 154 -1.53 -33.83 23.34
C VAL E 154 -1.82 -32.47 23.96
N LEU E 155 -0.87 -31.54 23.82
CA LEU E 155 -1.04 -30.21 24.39
C LEU E 155 -1.44 -29.18 23.33
N CYS E 156 -2.55 -28.50 23.58
CA CYS E 156 -3.05 -27.48 22.66
C CYS E 156 -2.81 -26.08 23.15
N GLY E 157 -2.76 -25.14 22.19
CA GLY E 157 -2.57 -23.75 22.53
C GLY E 157 -3.31 -22.86 21.55
N GLN E 158 -3.73 -21.69 22.04
CA GLN E 158 -4.43 -20.69 21.23
C GLN E 158 -3.97 -19.34 21.76
N THR E 159 -3.60 -18.45 20.87
CA THR E 159 -3.11 -17.13 21.25
C THR E 159 -3.63 -16.06 20.32
N LEU E 160 -3.94 -14.90 20.86
CA LEU E 160 -4.36 -13.77 20.05
C LEU E 160 -3.14 -12.85 20.13
N MSE E 161 -2.71 -12.34 18.98
CA MSE E 161 -1.56 -11.45 18.95
C MSE E 161 -1.89 -10.20 18.16
O MSE E 161 -2.84 -10.20 17.38
CB MSE E 161 -0.35 -12.17 18.33
CG MSE E 161 0.22 -13.29 19.20
SE MSE E 161 1.84 -14.03 18.46
CE MSE E 161 3.08 -12.70 19.10
N ALA E 162 -1.11 -9.14 18.34
CA ALA E 162 -1.36 -7.89 17.66
C ALA E 162 -0.09 -7.20 17.15
N LEU E 163 -0.09 -6.88 15.86
CA LEU E 163 1.04 -6.21 15.23
C LEU E 163 0.83 -4.71 15.25
N LYS E 164 1.86 -3.98 15.68
CA LYS E 164 1.79 -2.52 15.72
C LYS E 164 2.01 -1.95 14.32
N CYS E 165 1.20 -0.96 13.95
CA CYS E 165 1.30 -0.33 12.65
C CYS E 165 1.72 1.13 12.82
N ALA E 166 2.50 1.63 11.87
CA ALA E 166 2.99 3.00 11.89
C ALA E 166 1.82 3.95 12.14
N ASP E 167 0.67 3.58 11.61
CA ASP E 167 -0.58 4.33 11.71
C ASP E 167 -1.11 4.44 13.14
N GLY E 168 -0.63 3.57 14.02
CA GLY E 168 -1.12 3.58 15.39
C GLY E 168 -2.14 2.48 15.61
N ASN E 169 -2.58 1.88 14.51
CA ASN E 169 -3.55 0.78 14.59
C ASN E 169 -2.78 -0.48 14.94
N HIS E 170 -3.51 -1.58 15.04
CA HIS E 170 -2.93 -2.89 15.33
C HIS E 170 -3.61 -3.87 14.39
N LEU E 171 -2.84 -4.80 13.84
CA LEU E 171 -3.39 -5.83 12.96
C LEU E 171 -3.40 -7.07 13.84
N THR E 172 -4.57 -7.64 14.07
CA THR E 172 -4.71 -8.79 14.95
C THR E 172 -4.76 -10.13 14.25
N CYS E 173 -4.40 -11.18 14.98
CA CYS E 173 -4.40 -12.52 14.44
C CYS E 173 -4.67 -13.54 15.54
N HIS E 174 -5.01 -14.75 15.11
CA HIS E 174 -5.36 -15.84 16.00
C HIS E 174 -4.47 -17.06 15.69
N LEU E 175 -3.73 -17.54 16.69
CA LEU E 175 -2.87 -18.71 16.53
C LEU E 175 -3.55 -19.93 17.15
N ARG E 176 -3.61 -21.01 16.40
CA ARG E 176 -4.21 -22.27 16.86
C ARG E 176 -3.11 -23.32 16.72
N THR E 177 -2.62 -23.80 17.86
CA THR E 177 -1.49 -24.72 17.89
C THR E 177 -1.68 -26.07 18.58
N THR E 178 -0.99 -27.08 18.06
CA THR E 178 -0.99 -28.41 18.65
C THR E 178 0.48 -28.78 18.86
N TYR E 179 0.86 -29.04 20.11
CA TYR E 179 2.23 -29.43 20.44
C TYR E 179 2.25 -30.95 20.62
N ARG E 180 3.23 -31.62 20.01
CA ARG E 180 3.34 -33.07 20.08
C ARG E 180 4.65 -33.62 20.64
N SER E 181 4.60 -34.14 21.86
CA SER E 181 5.79 -34.70 22.48
C SER E 181 6.14 -36.02 21.81
N LYS E 182 7.43 -36.34 21.72
CA LYS E 182 7.84 -37.60 21.12
C LYS E 182 7.83 -38.69 22.17
N LYS E 183 7.57 -38.30 23.41
CA LYS E 183 7.46 -39.24 24.52
C LYS E 183 6.01 -39.69 24.46
N ALA E 184 5.71 -40.86 25.01
CA ALA E 184 4.33 -41.34 25.03
C ALA E 184 3.61 -40.60 26.16
N ALA E 185 2.29 -40.48 26.04
CA ALA E 185 1.52 -39.78 27.06
C ALA E 185 1.73 -40.39 28.45
N LYS E 186 1.95 -41.70 28.51
CA LYS E 186 2.15 -42.39 29.78
C LYS E 186 3.45 -41.99 30.47
N ALA E 187 4.44 -41.55 29.70
CA ALA E 187 5.73 -41.16 30.26
C ALA E 187 5.79 -39.69 30.61
N LEU E 188 4.64 -39.03 30.53
CA LEU E 188 4.56 -37.60 30.81
C LEU E 188 3.54 -37.25 31.87
N GLN E 189 3.80 -36.16 32.58
CA GLN E 189 2.88 -35.65 33.57
C GLN E 189 2.20 -34.52 32.83
N MSE E 190 0.96 -34.75 32.38
CA MSE E 190 0.21 -33.74 31.65
C MSE E 190 -0.18 -32.57 32.54
O MSE E 190 -0.65 -32.75 33.67
CB MSE E 190 -1.04 -34.36 31.02
CG MSE E 190 -0.73 -35.52 30.06
SE MSE E 190 0.37 -35.01 28.54
CE MSE E 190 -1.02 -34.45 27.33
N PRO E 191 0.02 -31.33 32.06
CA PRO E 191 -0.34 -30.14 32.82
C PRO E 191 -1.80 -29.77 32.79
N PRO E 192 -2.29 -29.04 33.79
CA PRO E 192 -3.66 -28.55 33.76
C PRO E 192 -3.72 -27.32 32.86
N PHE E 193 -4.89 -26.69 32.80
CA PHE E 193 -5.04 -25.46 32.02
C PHE E 193 -4.17 -24.37 32.63
N HIS E 194 -3.40 -23.68 31.81
CA HIS E 194 -2.56 -22.61 32.31
C HIS E 194 -2.30 -21.61 31.20
N PHE E 195 -1.53 -20.56 31.51
CA PHE E 195 -1.23 -19.54 30.52
C PHE E 195 0.27 -19.42 30.31
N SER E 196 0.63 -18.71 29.25
CA SER E 196 2.03 -18.47 28.95
C SER E 196 2.14 -17.07 28.34
N ASP E 197 2.80 -16.17 29.07
CA ASP E 197 3.02 -14.81 28.57
C ASP E 197 4.22 -14.87 27.64
N HIS E 198 4.18 -14.08 26.58
CA HIS E 198 5.26 -14.05 25.60
C HIS E 198 5.56 -12.61 25.20
N ARG E 199 6.84 -12.27 25.13
CA ARG E 199 7.25 -10.93 24.73
C ARG E 199 8.35 -10.98 23.68
N PRO E 200 7.96 -11.13 22.36
CA PRO E 200 8.93 -11.07 21.30
C PRO E 200 9.41 -9.69 20.94
N GLU E 201 10.71 -9.53 20.70
CA GLU E 201 11.27 -8.24 20.34
C GLU E 201 12.44 -8.35 19.37
N ILE E 202 12.45 -7.48 18.38
CA ILE E 202 13.54 -7.42 17.43
C ILE E 202 14.29 -6.15 17.85
N VAL E 203 15.50 -6.33 18.38
CA VAL E 203 16.28 -5.20 18.86
C VAL E 203 17.25 -4.61 17.85
N LYS E 204 17.48 -5.30 16.74
CA LYS E 204 18.37 -4.79 15.71
C LYS E 204 18.16 -5.43 14.35
N VAL E 205 18.29 -4.60 13.31
CA VAL E 205 18.14 -5.04 11.94
C VAL E 205 19.35 -4.53 11.16
N SER E 206 19.93 -5.38 10.33
CA SER E 206 21.09 -4.99 9.55
C SER E 206 21.21 -5.78 8.25
N GLU E 207 22.27 -5.50 7.50
CA GLU E 207 22.52 -6.16 6.23
C GLU E 207 21.34 -5.96 5.28
N ASN E 208 20.95 -4.70 5.13
CA ASN E 208 19.85 -4.31 4.26
C ASN E 208 18.59 -5.11 4.55
N GLY E 209 18.22 -5.18 5.83
CA GLY E 209 17.03 -5.89 6.23
C GLY E 209 17.03 -7.40 6.02
N THR E 210 18.18 -8.05 6.19
CA THR E 210 18.24 -9.49 6.03
C THR E 210 18.74 -10.20 7.29
N LEU E 211 19.24 -9.43 8.25
CA LEU E 211 19.72 -10.02 9.50
C LEU E 211 18.99 -9.37 10.67
N PHE E 212 18.31 -10.19 11.47
CA PHE E 212 17.55 -9.68 12.61
C PHE E 212 17.97 -10.26 13.94
N GLU E 213 18.25 -9.38 14.90
CA GLU E 213 18.64 -9.81 16.23
C GLU E 213 17.33 -9.90 16.99
N GLN E 214 16.88 -11.12 17.24
CA GLN E 214 15.61 -11.37 17.90
C GLN E 214 15.73 -11.89 19.33
N HIS E 215 14.92 -11.31 20.21
CA HIS E 215 14.91 -11.71 21.62
C HIS E 215 13.50 -12.08 22.08
N GLU E 216 13.43 -12.84 23.16
CA GLU E 216 12.14 -13.22 23.72
C GLU E 216 12.20 -13.71 25.16
N SER E 217 11.18 -13.33 25.92
CA SER E 217 11.04 -13.71 27.32
C SER E 217 9.66 -14.34 27.42
N SER E 218 9.56 -15.48 28.10
CA SER E 218 8.28 -16.14 28.26
C SER E 218 8.15 -16.76 29.65
N VAL E 219 6.92 -16.79 30.15
CA VAL E 219 6.64 -17.33 31.47
C VAL E 219 5.30 -18.06 31.48
N ALA E 220 5.30 -19.28 32.02
CA ALA E 220 4.08 -20.08 32.12
C ALA E 220 3.55 -19.86 33.53
N ARG E 221 2.25 -19.65 33.67
CA ARG E 221 1.66 -19.36 34.98
C ARG E 221 0.15 -19.54 35.00
N TYR E 222 -0.41 -19.37 36.19
CA TYR E 222 -1.85 -19.43 36.40
C TYR E 222 -2.25 -17.97 36.51
N CYS E 223 -3.54 -17.68 36.63
CA CYS E 223 -3.98 -16.30 36.78
C CYS E 223 -3.90 -15.95 38.26
N GLN E 224 -2.96 -15.08 38.63
CA GLN E 224 -2.83 -14.70 40.04
C GLN E 224 -3.22 -13.26 40.34
N THR E 225 -3.64 -12.53 39.32
CA THR E 225 -4.06 -11.15 39.52
C THR E 225 -5.49 -11.16 40.06
N CYS E 226 -6.25 -12.18 39.65
CA CYS E 226 -7.64 -12.33 40.08
C CYS E 226 -7.79 -13.57 40.95
N PRO E 227 -8.11 -13.36 42.23
CA PRO E 227 -8.30 -14.44 43.22
C PRO E 227 -9.53 -15.29 42.96
N SER E 228 -9.36 -16.60 43.05
CA SER E 228 -10.48 -17.51 42.84
C SER E 228 -11.28 -17.55 44.14
N LYS E 229 -12.60 -17.60 44.00
CA LYS E 229 -13.48 -17.64 45.17
C LYS E 229 -13.91 -19.09 45.43
N LEU E 230 -13.36 -20.01 44.64
CA LEU E 230 -13.69 -21.43 44.77
C LEU E 230 -12.45 -22.32 44.91
N GLY E 231 -11.29 -21.68 45.07
CA GLY E 231 -10.05 -22.43 45.24
C GLY E 231 -9.44 -22.97 43.96
N HIS E 232 -9.93 -22.53 42.81
CA HIS E 232 -9.40 -23.01 41.54
C HIS E 232 -8.14 -22.25 41.14
N ASN E 233 -7.37 -22.84 40.22
CA ASN E 233 -6.15 -22.21 39.73
C ASN E 233 -6.50 -20.87 39.07
N ILE F 8 -3.54 -23.92 -25.31
CA ILE F 8 -3.61 -25.33 -24.84
C ILE F 8 -4.57 -26.11 -25.73
N SER F 9 -4.23 -27.37 -26.00
CA SER F 9 -5.06 -28.21 -26.87
C SER F 9 -6.28 -28.83 -26.20
N ASP F 10 -7.11 -29.45 -27.03
CA ASP F 10 -8.34 -30.12 -26.60
C ASP F 10 -8.07 -31.37 -25.77
N ASN F 11 -6.84 -31.87 -25.84
CA ASN F 11 -6.49 -33.08 -25.11
C ASN F 11 -5.06 -32.98 -24.60
N VAL F 12 -4.91 -32.94 -23.29
CA VAL F 12 -3.59 -32.82 -22.69
C VAL F 12 -3.24 -33.93 -21.69
N ARG F 13 -1.95 -34.13 -21.52
CA ARG F 13 -1.43 -35.11 -20.58
C ARG F 13 -1.31 -34.42 -19.23
N ILE F 14 -1.40 -35.19 -18.15
CA ILE F 14 -1.28 -34.62 -16.81
C ILE F 14 -0.30 -35.38 -15.93
N LYS F 15 0.67 -34.64 -15.40
CA LYS F 15 1.66 -35.20 -14.50
C LYS F 15 1.55 -34.38 -13.21
N LEU F 16 1.51 -35.06 -12.08
CA LEU F 16 1.38 -34.39 -10.79
C LEU F 16 2.37 -34.88 -9.74
N TYR F 17 2.91 -33.92 -8.99
CA TYR F 17 3.86 -34.21 -7.91
C TYR F 17 3.38 -33.47 -6.67
N MSE F 18 3.26 -34.20 -5.57
CA MSE F 18 2.79 -33.62 -4.32
C MSE F 18 3.58 -34.07 -3.12
O MSE F 18 4.00 -35.24 -3.04
CB MSE F 18 1.31 -33.97 -4.12
CG MSE F 18 0.76 -33.66 -2.73
SE MSE F 18 -0.97 -34.51 -2.48
CE MSE F 18 -2.02 -33.25 -3.45
N GLU F 19 3.81 -33.17 -2.19
CA GLU F 19 4.51 -33.48 -0.95
C GLU F 19 3.86 -32.69 0.18
N GLY F 20 3.74 -33.30 1.35
CA GLY F 20 3.14 -32.58 2.45
C GLY F 20 3.32 -33.25 3.79
N THR F 21 2.84 -32.58 4.83
CA THR F 21 2.89 -33.10 6.18
C THR F 21 1.60 -32.67 6.85
N VAL F 22 0.83 -33.64 7.29
CA VAL F 22 -0.44 -33.40 7.98
C VAL F 22 -0.38 -34.07 9.34
N ASN F 23 -0.68 -33.32 10.39
CA ASN F 23 -0.64 -33.84 11.76
C ASN F 23 0.69 -34.57 12.02
N ASN F 24 1.77 -33.95 11.57
CA ASN F 24 3.13 -34.46 11.72
C ASN F 24 3.40 -35.73 10.92
N HIS F 25 2.56 -36.03 9.94
CA HIS F 25 2.82 -37.19 9.11
C HIS F 25 3.24 -36.74 7.71
N HIS F 26 4.48 -37.03 7.37
CA HIS F 26 5.06 -36.67 6.08
C HIS F 26 4.67 -37.67 5.00
N PHE F 27 4.42 -37.18 3.79
CA PHE F 27 4.03 -38.06 2.69
C PHE F 27 4.32 -37.42 1.34
N MSE F 28 4.30 -38.25 0.30
CA MSE F 28 4.54 -37.78 -1.06
C MSE F 28 3.60 -38.54 -2.00
O MSE F 28 3.29 -39.71 -1.76
CB MSE F 28 5.98 -38.02 -1.48
CG MSE F 28 7.01 -37.21 -0.70
SE MSE F 28 8.80 -37.40 -1.44
CE MSE F 28 8.67 -36.06 -2.82
N CYS F 29 3.13 -37.86 -3.03
CA CYS F 29 2.25 -38.48 -4.02
C CYS F 29 2.69 -38.08 -5.41
N GLU F 30 2.33 -38.90 -6.39
CA GLU F 30 2.63 -38.65 -7.79
C GLU F 30 1.44 -39.16 -8.58
N ALA F 31 1.11 -38.49 -9.68
CA ALA F 31 -0.02 -38.92 -10.48
C ALA F 31 0.24 -38.80 -11.97
N GLU F 32 -0.54 -39.55 -12.73
CA GLU F 32 -0.45 -39.57 -14.19
C GLU F 32 -1.88 -39.66 -14.70
N GLY F 33 -2.24 -38.79 -15.63
CA GLY F 33 -3.59 -38.81 -16.17
C GLY F 33 -3.77 -37.97 -17.42
N GLU F 34 -5.02 -37.64 -17.72
CA GLU F 34 -5.33 -36.84 -18.89
C GLU F 34 -6.52 -35.92 -18.63
N GLY F 35 -6.66 -34.91 -19.48
CA GLY F 35 -7.75 -33.98 -19.32
C GLY F 35 -8.18 -33.34 -20.63
N LYS F 36 -9.40 -32.83 -20.64
CA LYS F 36 -9.95 -32.16 -21.81
C LYS F 36 -10.30 -30.76 -21.32
N PRO F 37 -9.35 -29.81 -21.45
CA PRO F 37 -9.45 -28.44 -20.97
C PRO F 37 -10.77 -27.72 -21.28
N TYR F 38 -11.30 -27.91 -22.48
CA TYR F 38 -12.53 -27.25 -22.87
C TYR F 38 -13.78 -28.05 -22.57
N GLU F 39 -13.60 -29.30 -22.18
CA GLU F 39 -14.73 -30.17 -21.84
C GLU F 39 -14.93 -30.15 -20.32
N GLY F 40 -13.90 -29.70 -19.61
CA GLY F 40 -13.97 -29.64 -18.16
C GLY F 40 -13.90 -30.98 -17.46
N THR F 41 -13.25 -31.96 -18.09
CA THR F 41 -13.13 -33.29 -17.50
C THR F 41 -11.68 -33.71 -17.32
N GLN F 42 -11.37 -34.28 -16.15
CA GLN F 42 -10.01 -34.73 -15.84
C GLN F 42 -9.99 -36.14 -15.25
N MSE F 43 -8.95 -36.90 -15.61
CA MSE F 43 -8.78 -38.27 -15.16
C MSE F 43 -7.37 -38.42 -14.57
O MSE F 43 -6.39 -38.15 -15.24
CB MSE F 43 -8.93 -39.21 -16.37
CG MSE F 43 -8.98 -40.70 -16.08
SE MSE F 43 -7.43 -41.46 -15.22
CE MSE F 43 -6.35 -41.81 -16.79
N GLU F 44 -7.28 -38.85 -13.31
CA GLU F 44 -5.99 -39.02 -12.64
C GLU F 44 -5.80 -40.33 -11.87
N ASN F 45 -4.60 -40.88 -11.97
CA ASN F 45 -4.22 -42.09 -11.26
C ASN F 45 -3.17 -41.61 -10.26
N ILE F 46 -3.60 -41.41 -9.01
CA ILE F 46 -2.72 -40.91 -7.97
C ILE F 46 -2.17 -41.99 -7.05
N LYS F 47 -0.85 -42.00 -6.91
CA LYS F 47 -0.18 -43.00 -6.09
C LYS F 47 0.57 -42.37 -4.92
N VAL F 48 0.37 -42.89 -3.72
CA VAL F 48 1.09 -42.39 -2.56
C VAL F 48 2.45 -43.08 -2.64
N THR F 49 3.47 -42.33 -3.06
CA THR F 49 4.81 -42.85 -3.24
C THR F 49 5.61 -42.99 -1.95
N LYS F 50 5.29 -42.18 -0.94
CA LYS F 50 5.98 -42.28 0.34
C LYS F 50 5.05 -41.95 1.51
N GLY F 51 5.15 -42.73 2.57
CA GLY F 51 4.32 -42.51 3.74
C GLY F 51 2.94 -43.13 3.69
N GLY F 52 2.71 -44.02 2.73
CA GLY F 52 1.40 -44.65 2.60
C GLY F 52 1.40 -46.11 3.01
N PRO F 53 0.23 -46.68 3.34
CA PRO F 53 -1.08 -46.04 3.37
C PRO F 53 -1.08 -44.89 4.37
N LEU F 54 -1.74 -43.79 4.01
CA LEU F 54 -1.80 -42.62 4.87
C LEU F 54 -2.66 -42.86 6.10
N PRO F 55 -2.26 -42.32 7.24
CA PRO F 55 -3.03 -42.41 8.50
C PRO F 55 -4.30 -41.57 8.50
N PHE F 56 -4.63 -40.99 7.34
CA PHE F 56 -5.83 -40.17 7.22
C PHE F 56 -6.51 -40.46 5.90
N SER F 57 -7.76 -40.02 5.76
CA SER F 57 -8.51 -40.25 4.55
C SER F 57 -7.91 -39.49 3.37
N PHE F 58 -7.78 -40.17 2.24
CA PHE F 58 -7.22 -39.55 1.05
C PHE F 58 -8.12 -38.40 0.56
N ASP F 59 -9.38 -38.40 1.01
CA ASP F 59 -10.33 -37.37 0.59
C ASP F 59 -9.83 -35.94 0.78
N ILE F 60 -9.09 -35.67 1.86
CA ILE F 60 -8.60 -34.30 2.08
C ILE F 60 -7.55 -33.90 1.06
N LEU F 61 -6.98 -34.88 0.36
CA LEU F 61 -5.96 -34.59 -0.65
C LEU F 61 -6.56 -34.32 -2.02
N THR F 62 -7.67 -35.00 -2.34
CA THR F 62 -8.35 -34.85 -3.63
C THR F 62 -8.50 -33.43 -4.17
N PRO F 63 -9.15 -32.54 -3.42
CA PRO F 63 -9.36 -31.15 -3.87
C PRO F 63 -8.10 -30.36 -4.24
N ASN F 64 -6.93 -30.90 -3.93
CA ASN F 64 -5.68 -30.22 -4.24
C ASN F 64 -5.19 -30.59 -5.63
N CYS F 65 -5.73 -31.73 -6.07
CA CYS F 65 -5.30 -32.17 -7.40
C CYS F 65 -6.21 -31.45 -8.39
N1 QLG F 66 -7.33 -30.81 -7.56
CA1 QLG F 66 -8.67 -30.48 -7.80
CA2 QLG F 66 -10.31 -27.93 -8.24
CA3 QLG F 66 -6.75 -27.64 -8.13
C3 QLG F 66 -6.26 -27.86 -9.54
O3 QLG F 66 -5.23 -27.22 -9.76
CB1 QLG F 66 -8.80 -31.83 -8.39
CB2 QLG F 66 -11.81 -27.75 -8.28
CG1 QLG F 66 -9.61 -32.90 -9.09
CG2 QLG F 66 -12.43 -26.38 -8.48
CD1 QLG F 66 -12.22 -25.39 -7.37
CD2 QLG F 66 -11.66 -25.48 -9.44
CD3 QLG F 66 -10.66 -33.72 -8.39
NE1 QLG F 66 -11.48 -33.17 -7.52
OE1 QLG F 66 -10.70 -35.01 -8.60
C1 QLG F 66 -8.52 -29.21 -8.60
C2 QLG F 66 -9.18 -27.33 -7.48
N2 QLG F 66 -9.81 -29.04 -8.87
O2 QLG F 66 -9.22 -26.32 -6.77
N3 QLG F 66 -8.06 -28.16 -7.75
N SER F 67 -7.00 -28.21 -10.28
CA SER F 67 -6.83 -28.48 -11.71
C SER F 67 -7.76 -27.50 -12.40
N VAL F 68 -7.65 -26.23 -12.03
CA VAL F 68 -8.48 -25.17 -12.54
C VAL F 68 -8.35 -24.82 -14.02
N ALA F 69 -7.37 -25.40 -14.71
CA ALA F 69 -7.22 -25.14 -16.13
C ALA F 69 -8.15 -26.07 -16.90
N ILE F 70 -8.58 -27.15 -16.25
CA ILE F 70 -9.49 -28.11 -16.87
C ILE F 70 -10.93 -27.87 -16.41
N THR F 71 -11.52 -26.79 -16.93
CA THR F 71 -12.87 -26.41 -16.60
C THR F 71 -13.55 -25.84 -17.84
N LYS F 72 -14.78 -26.27 -18.09
CA LYS F 72 -15.50 -25.76 -19.25
C LYS F 72 -16.02 -24.36 -18.93
N TYR F 73 -15.36 -23.35 -19.47
CA TYR F 73 -15.78 -21.97 -19.26
C TYR F 73 -16.84 -21.58 -20.28
N THR F 74 -18.04 -21.27 -19.78
CA THR F 74 -19.16 -20.92 -20.65
C THR F 74 -19.54 -19.43 -20.58
N SER F 75 -20.59 -19.10 -21.33
CA SER F 75 -21.18 -17.77 -21.40
C SER F 75 -20.27 -16.59 -21.71
N GLY F 76 -19.22 -16.82 -22.50
CA GLY F 76 -18.33 -15.73 -22.83
C GLY F 76 -17.46 -15.28 -21.67
N ILE F 77 -17.63 -15.92 -20.51
CA ILE F 77 -16.84 -15.56 -19.33
C ILE F 77 -15.35 -15.81 -19.62
N PRO F 78 -14.54 -14.76 -19.57
CA PRO F 78 -13.10 -14.94 -19.83
C PRO F 78 -12.47 -15.99 -18.91
N ASP F 79 -11.68 -16.87 -19.50
CA ASP F 79 -11.01 -17.94 -18.79
C ASP F 79 -9.60 -17.53 -18.36
N TYR F 80 -9.49 -17.13 -17.10
CA TYR F 80 -8.24 -16.68 -16.51
C TYR F 80 -7.07 -17.65 -16.60
N PHE F 81 -7.38 -18.94 -16.48
CA PHE F 81 -6.35 -19.96 -16.50
C PHE F 81 -5.80 -20.33 -17.88
N LYS F 82 -6.68 -20.50 -18.86
CA LYS F 82 -6.23 -20.84 -20.20
C LYS F 82 -5.52 -19.64 -20.85
N GLN F 83 -5.88 -18.43 -20.42
CA GLN F 83 -5.24 -17.22 -20.96
C GLN F 83 -3.83 -17.05 -20.45
N SER F 84 -3.48 -17.77 -19.39
CA SER F 84 -2.15 -17.65 -18.79
C SER F 84 -1.05 -18.42 -19.52
N PHE F 85 -1.45 -19.38 -20.35
CA PHE F 85 -0.47 -20.15 -21.09
C PHE F 85 0.14 -19.29 -22.20
N PRO F 86 1.39 -19.58 -22.57
CA PRO F 86 2.23 -20.66 -22.06
C PRO F 86 2.92 -20.40 -20.70
N GLU F 87 2.95 -19.15 -20.25
CA GLU F 87 3.61 -18.83 -18.99
C GLU F 87 3.13 -19.59 -17.75
N GLY F 88 1.85 -19.98 -17.74
CA GLY F 88 1.33 -20.72 -16.60
C GLY F 88 0.79 -19.88 -15.46
N PHE F 89 0.69 -20.49 -14.27
CA PHE F 89 0.17 -19.82 -13.09
C PHE F 89 0.36 -20.64 -11.83
N THR F 90 0.09 -20.02 -10.68
CA THR F 90 0.19 -20.71 -9.40
C THR F 90 -1.07 -20.34 -8.61
N TRP F 91 -1.38 -21.15 -7.60
CA TRP F 91 -2.51 -20.80 -6.73
C TRP F 91 -2.15 -21.24 -5.30
N GLU F 92 -2.72 -20.52 -4.35
CA GLU F 92 -2.47 -20.74 -2.95
C GLU F 92 -3.83 -20.82 -2.29
N ARG F 93 -3.91 -21.56 -1.20
CA ARG F 93 -5.20 -21.73 -0.54
C ARG F 93 -5.11 -22.28 0.88
N THR F 94 -6.12 -21.95 1.67
CA THR F 94 -6.21 -22.49 3.02
C THR F 94 -7.64 -23.03 3.14
N THR F 95 -7.73 -24.26 3.63
CA THR F 95 -9.00 -24.92 3.82
C THR F 95 -9.26 -25.01 5.34
N ILE F 96 -10.38 -24.44 5.78
CA ILE F 96 -10.73 -24.44 7.19
C ILE F 96 -11.89 -25.42 7.47
N TYR F 97 -11.60 -26.51 8.16
CA TYR F 97 -12.64 -27.49 8.49
C TYR F 97 -13.42 -27.05 9.73
N GLU F 98 -14.70 -27.45 9.82
CA GLU F 98 -15.53 -27.06 10.96
C GLU F 98 -15.10 -27.63 12.30
N ASP F 99 -14.31 -28.70 12.28
CA ASP F 99 -13.85 -29.29 13.53
C ASP F 99 -12.45 -28.81 13.94
N GLY F 100 -12.04 -27.66 13.40
CA GLY F 100 -10.76 -27.08 13.77
C GLY F 100 -9.51 -27.41 12.97
N ALA F 101 -9.61 -28.28 11.97
CA ALA F 101 -8.44 -28.62 11.17
C ALA F 101 -8.21 -27.60 10.08
N TYR F 102 -6.93 -27.38 9.76
CA TYR F 102 -6.57 -26.44 8.72
C TYR F 102 -5.61 -27.15 7.75
N LEU F 103 -5.71 -26.83 6.47
CA LEU F 103 -4.82 -27.41 5.47
C LEU F 103 -4.50 -26.32 4.46
N THR F 104 -3.22 -25.97 4.38
CA THR F 104 -2.77 -24.91 3.48
C THR F 104 -2.00 -25.49 2.31
N THR F 105 -2.34 -25.01 1.11
CA THR F 105 -1.72 -25.48 -0.12
C THR F 105 -1.03 -24.41 -0.96
N GLN F 106 0.02 -24.81 -1.67
CA GLN F 106 0.75 -23.94 -2.58
C GLN F 106 0.96 -24.80 -3.81
N GLN F 107 0.53 -24.31 -4.97
CA GLN F 107 0.67 -25.08 -6.19
C GLN F 107 1.13 -24.26 -7.39
N GLU F 108 1.92 -24.90 -8.25
CA GLU F 108 2.41 -24.28 -9.46
C GLU F 108 1.92 -25.14 -10.63
N THR F 109 1.45 -24.49 -11.70
CA THR F 109 0.97 -25.21 -12.86
C THR F 109 1.71 -24.73 -14.10
N LYS F 110 2.29 -25.67 -14.83
CA LYS F 110 3.04 -25.32 -16.03
C LYS F 110 2.64 -26.23 -17.17
N LEU F 111 2.78 -25.73 -18.40
CA LEU F 111 2.44 -26.49 -19.59
C LEU F 111 3.73 -26.81 -20.35
N ASP F 112 4.19 -28.05 -20.20
CA ASP F 112 5.40 -28.50 -20.85
C ASP F 112 4.97 -29.27 -22.08
N GLY F 113 4.97 -28.59 -23.23
CA GLY F 113 4.54 -29.22 -24.46
C GLY F 113 3.04 -29.36 -24.44
N ASN F 114 2.56 -30.60 -24.37
CA ASN F 114 1.13 -30.87 -24.34
C ASN F 114 0.83 -31.63 -23.04
N CYS F 115 1.63 -31.34 -22.02
CA CYS F 115 1.47 -31.98 -20.73
C CYS F 115 1.44 -30.93 -19.62
N LEU F 116 0.35 -30.92 -18.87
CA LEU F 116 0.20 -29.99 -17.75
C LEU F 116 0.93 -30.63 -16.59
N VAL F 117 1.75 -29.86 -15.90
CA VAL F 117 2.49 -30.39 -14.76
C VAL F 117 2.08 -29.65 -13.48
N TYR F 118 1.70 -30.42 -12.47
CA TYR F 118 1.29 -29.86 -11.18
C TYR F 118 2.32 -30.17 -10.08
N ASN F 119 2.77 -29.13 -9.39
CA ASN F 119 3.71 -29.28 -8.29
C ASN F 119 2.98 -28.74 -7.07
N ILE F 120 2.66 -29.64 -6.13
CA ILE F 120 1.89 -29.28 -4.94
C ILE F 120 2.62 -29.45 -3.62
N LYS F 121 2.52 -28.44 -2.74
CA LYS F 121 3.12 -28.49 -1.40
C LYS F 121 1.97 -28.31 -0.41
N ILE F 122 1.99 -29.11 0.65
CA ILE F 122 0.92 -29.07 1.64
C ILE F 122 1.37 -29.16 3.10
N LEU F 123 0.67 -28.41 3.95
CA LEU F 123 0.91 -28.40 5.39
C LEU F 123 -0.46 -28.39 6.04
N GLY F 124 -0.76 -29.43 6.81
CA GLY F 124 -2.04 -29.50 7.49
C GLY F 124 -1.83 -29.70 8.98
N CYS F 125 -2.78 -29.21 9.78
CA CYS F 125 -2.65 -29.33 11.23
C CYS F 125 -3.98 -29.39 11.97
N ASN F 126 -3.88 -29.77 13.24
CA ASN F 126 -5.00 -29.86 14.17
C ASN F 126 -6.18 -30.77 13.82
N PHE F 127 -5.96 -31.78 12.99
CA PHE F 127 -7.08 -32.68 12.68
C PHE F 127 -7.35 -33.50 13.92
N PRO F 128 -8.60 -33.48 14.42
CA PRO F 128 -8.88 -34.29 15.61
C PRO F 128 -8.67 -35.77 15.33
N PRO F 129 -7.91 -36.46 16.20
CA PRO F 129 -7.61 -37.90 16.07
C PRO F 129 -8.82 -38.81 15.99
N ASN F 130 -9.94 -38.39 16.58
CA ASN F 130 -11.16 -39.21 16.56
C ASN F 130 -12.18 -38.68 15.56
N GLY F 131 -11.77 -37.70 14.76
CA GLY F 131 -12.67 -37.14 13.77
C GLY F 131 -12.78 -38.06 12.57
N PRO F 132 -13.73 -37.83 11.65
CA PRO F 132 -13.88 -38.69 10.47
C PRO F 132 -12.69 -38.74 9.51
N VAL F 133 -11.90 -37.68 9.44
CA VAL F 133 -10.74 -37.69 8.55
C VAL F 133 -9.62 -38.59 9.07
N MSE F 134 -9.18 -38.37 10.30
CA MSE F 134 -8.13 -39.18 10.89
C MSE F 134 -8.61 -40.61 11.15
O MSE F 134 -7.80 -41.53 11.26
CB MSE F 134 -7.62 -38.56 12.21
CG MSE F 134 -6.85 -37.25 12.03
SE MSE F 134 -5.31 -37.40 10.86
CE MSE F 134 -5.82 -36.13 9.53
N GLN F 135 -9.92 -40.79 11.23
CA GLN F 135 -10.48 -42.13 11.46
C GLN F 135 -10.83 -42.85 10.17
N LYS F 136 -10.62 -42.17 9.04
CA LYS F 136 -10.94 -42.75 7.74
C LYS F 136 -12.40 -43.18 7.65
N LYS F 137 -13.30 -42.29 8.07
CA LYS F 137 -14.72 -42.57 8.04
C LYS F 137 -15.46 -41.70 7.02
N THR F 138 -14.72 -40.97 6.19
CA THR F 138 -15.37 -40.12 5.20
C THR F 138 -15.51 -40.92 3.92
N GLN F 139 -16.52 -40.59 3.12
CA GLN F 139 -16.76 -41.34 1.89
C GLN F 139 -16.90 -40.46 0.65
N GLY F 140 -15.90 -39.61 0.41
CA GLY F 140 -15.95 -38.76 -0.76
C GLY F 140 -16.66 -37.43 -0.59
N TRP F 141 -16.36 -36.51 -1.50
CA TRP F 141 -16.93 -35.17 -1.50
C TRP F 141 -18.22 -35.05 -2.27
N GLU F 142 -19.06 -34.12 -1.82
CA GLU F 142 -20.32 -33.84 -2.47
C GLU F 142 -19.91 -32.86 -3.58
N PRO F 143 -20.71 -32.71 -4.63
CA PRO F 143 -20.34 -31.66 -5.59
C PRO F 143 -20.34 -30.29 -4.92
N CYS F 144 -19.65 -29.32 -5.50
CA CYS F 144 -19.60 -27.99 -4.89
C CYS F 144 -19.67 -26.85 -5.90
N CYS F 145 -19.81 -25.64 -5.37
CA CYS F 145 -19.91 -24.44 -6.21
C CYS F 145 -18.95 -23.37 -5.72
N GLU F 146 -17.99 -23.01 -6.55
CA GLU F 146 -17.02 -22.00 -6.19
C GLU F 146 -17.43 -20.61 -6.69
N MSE F 147 -17.18 -19.63 -5.84
CA MSE F 147 -17.48 -18.23 -6.11
C MSE F 147 -16.17 -17.60 -6.56
O MSE F 147 -15.18 -17.67 -5.84
CB MSE F 147 -17.99 -17.62 -4.81
CG MSE F 147 -18.26 -16.15 -4.79
SE MSE F 147 -19.06 -15.73 -3.06
CE MSE F 147 -17.48 -15.30 -2.06
N ARG F 148 -16.15 -16.99 -7.76
CA ARG F 148 -14.93 -16.36 -8.29
C ARG F 148 -15.10 -14.89 -8.62
N TYR F 149 -14.14 -14.09 -8.19
CA TYR F 149 -14.16 -12.65 -8.38
C TYR F 149 -12.75 -12.09 -8.34
N THR F 150 -12.53 -10.98 -9.04
CA THR F 150 -11.20 -10.38 -9.08
C THR F 150 -10.94 -9.43 -7.92
N ARG F 151 -9.67 -9.25 -7.59
CA ARG F 151 -9.26 -8.35 -6.53
C ARG F 151 -7.75 -8.11 -6.61
N ASP F 152 -7.35 -6.85 -6.53
CA ASP F 152 -5.93 -6.50 -6.57
C ASP F 152 -5.17 -7.04 -7.77
N GLY F 153 -5.85 -7.20 -8.90
CA GLY F 153 -5.19 -7.67 -10.10
C GLY F 153 -5.05 -9.17 -10.28
N VAL F 154 -5.54 -9.94 -9.31
CA VAL F 154 -5.49 -11.39 -9.39
C VAL F 154 -6.91 -11.93 -9.26
N LEU F 155 -7.07 -13.25 -9.40
CA LEU F 155 -8.38 -13.87 -9.31
C LEU F 155 -8.57 -14.60 -7.97
N CYS F 156 -9.65 -14.27 -7.28
CA CYS F 156 -9.95 -14.87 -5.99
C CYS F 156 -11.05 -15.92 -6.12
N GLY F 157 -11.08 -16.85 -5.17
CA GLY F 157 -12.10 -17.88 -5.16
C GLY F 157 -12.39 -18.35 -3.76
N GLN F 158 -13.67 -18.64 -3.48
CA GLN F 158 -14.10 -19.14 -2.18
C GLN F 158 -15.11 -20.24 -2.39
N THR F 159 -14.92 -21.35 -1.67
CA THR F 159 -15.81 -22.48 -1.81
C THR F 159 -16.18 -23.12 -0.49
N LEU F 160 -17.41 -23.61 -0.40
CA LEU F 160 -17.86 -24.33 0.77
C LEU F 160 -17.95 -25.75 0.24
N MSE F 161 -17.45 -26.71 1.02
CA MSE F 161 -17.49 -28.11 0.59
C MSE F 161 -17.97 -28.97 1.74
O MSE F 161 -17.88 -28.58 2.91
CB MSE F 161 -16.11 -28.56 0.11
CG MSE F 161 -15.65 -27.92 -1.22
SE MSE F 161 -14.01 -28.67 -1.98
CE MSE F 161 -14.78 -30.23 -2.84
N ALA F 162 -18.48 -30.15 1.41
CA ALA F 162 -19.00 -31.07 2.40
C ALA F 162 -18.53 -32.51 2.15
N LEU F 163 -17.86 -33.07 3.14
CA LEU F 163 -17.36 -34.44 3.06
C LEU F 163 -18.45 -35.35 3.62
N LYS F 164 -18.82 -36.38 2.86
CA LYS F 164 -19.84 -37.32 3.32
C LYS F 164 -19.24 -38.23 4.38
N CYS F 165 -19.96 -38.44 5.46
CA CYS F 165 -19.48 -39.30 6.54
C CYS F 165 -20.31 -40.59 6.63
N ALA F 166 -19.67 -41.66 7.10
CA ALA F 166 -20.31 -42.96 7.24
C ALA F 166 -21.48 -42.96 8.21
N ASP F 167 -21.47 -42.06 9.19
CA ASP F 167 -22.56 -42.00 10.15
C ASP F 167 -23.72 -41.13 9.69
N GLY F 168 -23.71 -40.76 8.41
CA GLY F 168 -24.78 -39.95 7.86
C GLY F 168 -24.55 -38.45 7.86
N ASN F 169 -23.56 -38.00 8.61
CA ASN F 169 -23.25 -36.58 8.69
C ASN F 169 -22.40 -36.07 7.53
N HIS F 170 -22.27 -34.76 7.45
CA HIS F 170 -21.44 -34.12 6.45
C HIS F 170 -20.44 -33.29 7.23
N LEU F 171 -19.15 -33.43 6.91
CA LEU F 171 -18.12 -32.64 7.55
C LEU F 171 -17.85 -31.49 6.58
N THR F 172 -18.18 -30.27 6.99
CA THR F 172 -18.02 -29.13 6.11
C THR F 172 -16.72 -28.37 6.30
N CYS F 173 -16.32 -27.65 5.26
CA CYS F 173 -15.10 -26.85 5.28
C CYS F 173 -15.24 -25.67 4.32
N HIS F 174 -14.35 -24.69 4.48
CA HIS F 174 -14.35 -23.46 3.71
C HIS F 174 -13.00 -23.26 3.02
N LEU F 175 -13.01 -23.14 1.70
CA LEU F 175 -11.78 -22.92 0.94
C LEU F 175 -11.66 -21.45 0.55
N ARG F 176 -10.48 -20.87 0.72
CA ARG F 176 -10.19 -19.47 0.39
C ARG F 176 -8.95 -19.50 -0.50
N THR F 177 -9.14 -19.20 -1.78
CA THR F 177 -8.07 -19.27 -2.75
C THR F 177 -7.71 -18.00 -3.51
N THR F 178 -6.44 -17.89 -3.87
CA THR F 178 -5.94 -16.77 -4.67
C THR F 178 -5.23 -17.43 -5.86
N TYR F 179 -5.68 -17.09 -7.07
CA TYR F 179 -5.06 -17.63 -8.29
C TYR F 179 -4.17 -16.54 -8.89
N ARG F 180 -2.91 -16.89 -9.15
CA ARG F 180 -1.94 -15.93 -9.70
C ARG F 180 -1.38 -16.30 -11.07
N SER F 181 -1.79 -15.55 -12.09
CA SER F 181 -1.29 -15.79 -13.44
C SER F 181 0.16 -15.35 -13.52
N LYS F 182 0.91 -15.91 -14.45
CA LYS F 182 2.30 -15.54 -14.62
C LYS F 182 2.43 -14.50 -15.73
N LYS F 183 1.29 -14.06 -16.25
CA LYS F 183 1.26 -13.03 -17.29
C LYS F 183 0.95 -11.69 -16.63
N ALA F 184 1.34 -10.61 -17.28
CA ALA F 184 1.06 -9.27 -16.76
C ALA F 184 -0.45 -9.07 -16.89
N ALA F 185 -1.05 -8.46 -15.87
CA ALA F 185 -2.48 -8.22 -15.88
C ALA F 185 -2.95 -7.55 -17.19
N LYS F 186 -2.15 -6.62 -17.68
CA LYS F 186 -2.50 -5.90 -18.92
C LYS F 186 -2.60 -6.80 -20.15
N ALA F 187 -2.21 -8.06 -20.01
CA ALA F 187 -2.26 -9.00 -21.13
C ALA F 187 -3.39 -10.02 -20.93
N LEU F 188 -4.16 -9.83 -19.86
CA LEU F 188 -5.25 -10.73 -19.55
C LEU F 188 -6.62 -10.07 -19.63
N GLN F 189 -7.61 -10.86 -20.01
CA GLN F 189 -8.99 -10.38 -20.09
C GLN F 189 -9.59 -10.81 -18.75
N MSE F 190 -9.55 -9.90 -17.78
CA MSE F 190 -10.06 -10.16 -16.44
C MSE F 190 -11.56 -10.46 -16.44
O MSE F 190 -12.35 -9.72 -17.02
CB MSE F 190 -9.73 -8.99 -15.52
CG MSE F 190 -8.91 -9.38 -14.30
SE MSE F 190 -7.35 -10.47 -14.67
CE MSE F 190 -5.96 -9.18 -14.34
N PRO F 191 -11.97 -11.54 -15.77
CA PRO F 191 -13.36 -11.97 -15.63
C PRO F 191 -14.21 -11.28 -14.60
N PRO F 192 -15.51 -11.14 -14.85
CA PRO F 192 -16.45 -10.62 -13.87
C PRO F 192 -16.80 -11.69 -12.84
N PHE F 193 -17.54 -11.33 -11.81
CA PHE F 193 -17.95 -12.30 -10.81
C PHE F 193 -18.66 -13.47 -11.48
N HIS F 194 -18.33 -14.69 -11.08
CA HIS F 194 -18.99 -15.88 -11.65
C HIS F 194 -18.84 -17.10 -10.76
N PHE F 195 -19.42 -18.21 -11.19
CA PHE F 195 -19.34 -19.44 -10.40
C PHE F 195 -18.68 -20.57 -11.18
N SER F 196 -18.27 -21.59 -10.45
CA SER F 196 -17.66 -22.76 -11.05
C SER F 196 -18.14 -24.00 -10.31
N ASP F 197 -18.94 -24.83 -10.97
CA ASP F 197 -19.39 -26.06 -10.33
C ASP F 197 -18.25 -27.05 -10.45
N HIS F 198 -18.08 -27.86 -9.41
CA HIS F 198 -17.02 -28.86 -9.37
C HIS F 198 -17.58 -30.17 -8.84
N ARG F 199 -17.24 -31.27 -9.49
CA ARG F 199 -17.70 -32.57 -9.04
C ARG F 199 -16.54 -33.56 -8.99
N PRO F 200 -15.84 -33.63 -7.85
CA PRO F 200 -14.70 -34.55 -7.70
C PRO F 200 -15.22 -35.93 -7.31
N GLU F 201 -14.58 -36.98 -7.82
CA GLU F 201 -14.99 -38.35 -7.51
C GLU F 201 -13.84 -39.34 -7.59
N ILE F 202 -13.79 -40.23 -6.61
CA ILE F 202 -12.79 -41.30 -6.61
C ILE F 202 -13.61 -42.50 -7.10
N VAL F 203 -13.23 -43.03 -8.26
CA VAL F 203 -13.95 -44.15 -8.84
C VAL F 203 -13.32 -45.50 -8.53
N LYS F 204 -12.07 -45.48 -8.08
CA LYS F 204 -11.38 -46.73 -7.77
C LYS F 204 -10.19 -46.56 -6.83
N VAL F 205 -10.03 -47.52 -5.92
CA VAL F 205 -8.93 -47.51 -4.98
C VAL F 205 -8.30 -48.91 -5.02
N SER F 206 -6.97 -48.96 -5.07
CA SER F 206 -6.28 -50.24 -5.12
C SER F 206 -4.86 -50.13 -4.57
N GLU F 207 -4.13 -51.23 -4.68
CA GLU F 207 -2.76 -51.29 -4.19
C GLU F 207 -2.63 -50.98 -2.71
N ASN F 208 -3.40 -51.69 -1.90
CA ASN F 208 -3.38 -51.51 -0.45
C ASN F 208 -3.65 -50.07 -0.02
N GLY F 209 -4.52 -49.39 -0.76
CA GLY F 209 -4.88 -48.02 -0.43
C GLY F 209 -3.79 -46.99 -0.72
N THR F 210 -3.07 -47.17 -1.83
CA THR F 210 -2.02 -46.22 -2.19
C THR F 210 -2.19 -45.73 -3.63
N LEU F 211 -3.14 -46.31 -4.36
CA LEU F 211 -3.40 -45.91 -5.74
C LEU F 211 -4.87 -45.56 -5.91
N PHE F 212 -5.14 -44.31 -6.24
CA PHE F 212 -6.52 -43.85 -6.39
C PHE F 212 -6.82 -43.33 -7.79
N GLU F 213 -7.92 -43.79 -8.37
CA GLU F 213 -8.33 -43.32 -9.69
C GLU F 213 -9.32 -42.19 -9.42
N GLN F 214 -8.88 -40.97 -9.65
CA GLN F 214 -9.69 -39.79 -9.39
C GLN F 214 -10.16 -39.10 -10.67
N HIS F 215 -11.40 -38.61 -10.66
CA HIS F 215 -11.97 -37.92 -11.81
C HIS F 215 -12.67 -36.65 -11.37
N GLU F 216 -12.73 -35.67 -12.26
CA GLU F 216 -13.40 -34.43 -11.96
C GLU F 216 -14.04 -33.82 -13.19
N SER F 217 -15.16 -33.15 -12.97
CA SER F 217 -15.89 -32.45 -14.01
C SER F 217 -16.19 -31.07 -13.43
N SER F 218 -15.94 -30.02 -14.20
CA SER F 218 -16.21 -28.67 -13.71
C SER F 218 -16.67 -27.72 -14.82
N VAL F 219 -17.58 -26.82 -14.45
CA VAL F 219 -18.14 -25.85 -15.38
C VAL F 219 -18.16 -24.45 -14.79
N ALA F 220 -17.69 -23.47 -15.54
CA ALA F 220 -17.70 -22.09 -15.09
C ALA F 220 -18.97 -21.49 -15.68
N ARG F 221 -19.73 -20.75 -14.89
CA ARG F 221 -20.99 -20.19 -15.36
C ARG F 221 -21.50 -19.04 -14.50
N TYR F 222 -22.59 -18.43 -14.95
CA TYR F 222 -23.26 -17.36 -14.21
C TYR F 222 -24.41 -18.10 -13.58
N CYS F 223 -25.21 -17.41 -12.76
CA CYS F 223 -26.37 -18.08 -12.18
C CYS F 223 -27.33 -18.22 -13.35
N GLN F 224 -27.80 -19.44 -13.60
CA GLN F 224 -28.69 -19.71 -14.73
C GLN F 224 -30.13 -20.08 -14.37
N THR F 225 -30.38 -20.36 -13.10
CA THR F 225 -31.70 -20.77 -12.64
C THR F 225 -32.61 -19.64 -12.15
N CYS F 226 -32.04 -18.50 -11.79
CA CYS F 226 -32.85 -17.42 -11.26
C CYS F 226 -33.07 -16.20 -12.15
N PRO F 227 -34.34 -15.92 -12.48
CA PRO F 227 -34.68 -14.78 -13.32
C PRO F 227 -34.29 -13.49 -12.62
N SER F 228 -34.05 -12.44 -13.40
CA SER F 228 -33.67 -11.14 -12.86
C SER F 228 -34.64 -10.08 -13.36
N LYS F 229 -35.17 -9.30 -12.43
CA LYS F 229 -36.10 -8.24 -12.79
C LYS F 229 -35.33 -7.14 -13.50
N LEU F 230 -34.03 -7.06 -13.20
CA LEU F 230 -33.16 -6.05 -13.79
C LEU F 230 -32.43 -6.56 -15.03
N GLY F 231 -32.61 -7.84 -15.35
CA GLY F 231 -31.97 -8.41 -16.51
C GLY F 231 -30.49 -8.75 -16.31
N HIS F 232 -30.06 -8.80 -15.07
CA HIS F 232 -28.66 -9.11 -14.74
C HIS F 232 -28.35 -10.59 -14.84
N ASN F 233 -27.08 -10.92 -15.10
CA ASN F 233 -26.64 -12.31 -15.19
C ASN F 233 -26.50 -12.90 -13.80
N ILE G 8 -49.94 -24.83 1.35
CA ILE G 8 -49.81 -23.40 0.95
C ILE G 8 -50.20 -23.24 -0.52
N SER G 9 -50.86 -22.13 -0.86
CA SER G 9 -51.30 -21.90 -2.22
C SER G 9 -50.23 -21.34 -3.17
N ASP G 10 -50.61 -21.22 -4.44
CA ASP G 10 -49.72 -20.72 -5.48
C ASP G 10 -49.43 -19.23 -5.33
N ASN G 11 -50.38 -18.52 -4.72
CA ASN G 11 -50.25 -17.08 -4.50
C ASN G 11 -50.51 -16.77 -3.03
N VAL G 12 -49.64 -15.96 -2.43
CA VAL G 12 -49.81 -15.59 -1.02
C VAL G 12 -49.35 -14.16 -0.82
N ARG G 13 -49.89 -13.51 0.20
CA ARG G 13 -49.48 -12.16 0.52
C ARG G 13 -48.44 -12.30 1.62
N ILE G 14 -47.59 -11.29 1.75
CA ILE G 14 -46.55 -11.33 2.76
C ILE G 14 -46.62 -10.15 3.72
N LYS G 15 -46.41 -10.42 5.00
CA LYS G 15 -46.39 -9.38 6.03
C LYS G 15 -45.08 -9.59 6.79
N LEU G 16 -44.27 -8.55 6.90
CA LEU G 16 -43.00 -8.65 7.59
C LEU G 16 -42.79 -7.60 8.67
N TYR G 17 -42.26 -8.04 9.81
CA TYR G 17 -41.95 -7.16 10.92
C TYR G 17 -40.49 -7.43 11.26
N MSE G 18 -39.70 -6.37 11.40
CA MSE G 18 -38.29 -6.54 11.70
C MSE G 18 -37.81 -5.54 12.73
O MSE G 18 -38.22 -4.39 12.73
CB MSE G 18 -37.47 -6.38 10.43
CG MSE G 18 -35.95 -6.45 10.64
SE MSE G 18 -34.95 -5.96 9.05
CE MSE G 18 -35.06 -7.64 8.14
N GLU G 19 -36.90 -6.00 13.60
CA GLU G 19 -36.34 -5.12 14.61
C GLU G 19 -34.90 -5.52 14.89
N GLY G 20 -34.04 -4.53 15.06
CA GLY G 20 -32.66 -4.86 15.32
C GLY G 20 -31.81 -3.69 15.77
N THR G 21 -30.56 -3.99 16.05
CA THR G 21 -29.59 -3.00 16.47
C THR G 21 -28.26 -3.43 15.86
N VAL G 22 -27.69 -2.55 15.03
CA VAL G 22 -26.43 -2.78 14.35
C VAL G 22 -25.47 -1.65 14.73
N ASN G 23 -24.30 -1.99 15.26
CA ASN G 23 -23.34 -0.97 15.68
C ASN G 23 -23.99 0.06 16.59
N ASN G 24 -24.85 -0.41 17.48
CA ASN G 24 -25.55 0.44 18.44
C ASN G 24 -26.65 1.30 17.83
N HIS G 25 -27.12 0.95 16.63
CA HIS G 25 -28.18 1.73 16.02
C HIS G 25 -29.45 0.89 15.92
N HIS G 26 -30.46 1.34 16.65
CA HIS G 26 -31.75 0.66 16.70
C HIS G 26 -32.62 1.08 15.53
N PHE G 27 -33.36 0.13 14.97
CA PHE G 27 -34.23 0.41 13.84
C PHE G 27 -35.32 -0.65 13.78
N MSE G 28 -36.37 -0.34 13.03
CA MSE G 28 -37.48 -1.25 12.85
C MSE G 28 -37.91 -1.14 11.38
O MSE G 28 -37.80 -0.08 10.77
CB MSE G 28 -38.66 -0.88 13.76
CG MSE G 28 -38.38 -1.05 15.23
SE MSE G 28 -39.95 -0.71 16.32
CE MSE G 28 -40.92 -2.32 15.92
N CYS G 29 -38.38 -2.26 10.83
CA CYS G 29 -38.84 -2.29 9.44
C CYS G 29 -40.15 -3.05 9.39
N GLU G 30 -40.95 -2.75 8.37
CA GLU G 30 -42.23 -3.42 8.18
C GLU G 30 -42.42 -3.56 6.66
N ALA G 31 -43.00 -4.68 6.23
CA ALA G 31 -43.21 -4.85 4.81
C ALA G 31 -44.46 -5.61 4.44
N GLU G 32 -44.99 -5.29 3.28
CA GLU G 32 -46.16 -5.95 2.74
C GLU G 32 -45.75 -6.40 1.35
N GLY G 33 -46.15 -7.59 0.94
CA GLY G 33 -45.79 -8.05 -0.38
C GLY G 33 -46.60 -9.24 -0.83
N GLU G 34 -46.09 -9.96 -1.82
CA GLU G 34 -46.75 -11.13 -2.36
C GLU G 34 -45.70 -12.12 -2.84
N GLY G 35 -46.09 -13.39 -2.91
CA GLY G 35 -45.15 -14.39 -3.36
C GLY G 35 -45.82 -15.56 -4.06
N LYS G 36 -45.03 -16.32 -4.81
CA LYS G 36 -45.51 -17.48 -5.53
C LYS G 36 -44.62 -18.66 -5.10
N PRO G 37 -44.98 -19.30 -3.98
CA PRO G 37 -44.25 -20.39 -3.32
C PRO G 37 -43.67 -21.45 -4.26
N TYR G 38 -44.46 -21.89 -5.24
CA TYR G 38 -44.00 -22.92 -6.16
C TYR G 38 -43.17 -22.40 -7.33
N GLU G 39 -43.21 -21.09 -7.56
CA GLU G 39 -42.43 -20.50 -8.64
C GLU G 39 -41.12 -19.95 -8.09
N GLY G 40 -41.03 -19.83 -6.77
CA GLY G 40 -39.83 -19.32 -6.13
C GLY G 40 -39.59 -17.83 -6.33
N THR G 41 -40.67 -17.07 -6.46
CA THR G 41 -40.55 -15.63 -6.67
C THR G 41 -41.25 -14.83 -5.57
N GLN G 42 -40.58 -13.80 -5.09
CA GLN G 42 -41.12 -12.96 -4.03
C GLN G 42 -40.85 -11.48 -4.29
N MSE G 43 -41.74 -10.64 -3.80
CA MSE G 43 -41.62 -9.20 -3.94
C MSE G 43 -42.12 -8.58 -2.64
O MSE G 43 -43.10 -9.04 -2.06
CB MSE G 43 -42.45 -8.71 -5.12
CG MSE G 43 -42.49 -7.20 -5.34
SE MSE G 43 -43.69 -6.26 -4.14
CE MSE G 43 -45.36 -6.98 -4.79
N GLU G 44 -41.43 -7.55 -2.17
CA GLU G 44 -41.80 -6.87 -0.95
C GLU G 44 -41.46 -5.39 -1.03
N ASN G 45 -42.32 -4.58 -0.45
CA ASN G 45 -42.10 -3.14 -0.37
C ASN G 45 -41.75 -2.97 1.11
N ILE G 46 -40.45 -2.93 1.40
CA ILE G 46 -39.98 -2.82 2.77
C ILE G 46 -39.73 -1.37 3.19
N LYS G 47 -40.32 -1.00 4.32
CA LYS G 47 -40.23 0.34 4.87
C LYS G 47 -39.46 0.40 6.18
N VAL G 48 -38.62 1.41 6.33
CA VAL G 48 -37.87 1.61 7.57
C VAL G 48 -38.78 2.46 8.43
N THR G 49 -39.52 1.82 9.33
CA THR G 49 -40.46 2.51 10.20
C THR G 49 -39.84 3.29 11.36
N LYS G 50 -38.63 2.90 11.75
CA LYS G 50 -37.95 3.57 12.86
C LYS G 50 -36.44 3.55 12.65
N GLY G 51 -35.79 4.66 12.99
CA GLY G 51 -34.36 4.74 12.86
C GLY G 51 -33.87 5.03 11.46
N GLY G 52 -34.76 5.50 10.60
CA GLY G 52 -34.39 5.82 9.23
C GLY G 52 -34.13 7.29 9.00
N PRO G 53 -33.33 7.64 7.98
CA PRO G 53 -32.58 6.73 7.12
C PRO G 53 -31.49 6.02 7.90
N LEU G 54 -31.32 4.73 7.67
CA LEU G 54 -30.30 3.96 8.37
C LEU G 54 -28.91 4.51 8.10
N PRO G 55 -28.02 4.53 9.14
CA PRO G 55 -26.65 4.93 8.94
C PRO G 55 -25.78 3.92 8.25
N PHE G 56 -26.40 2.92 7.64
CA PHE G 56 -25.69 1.86 6.93
C PHE G 56 -26.48 1.38 5.72
N SER G 57 -25.83 0.65 4.83
CA SER G 57 -26.50 0.17 3.63
C SER G 57 -27.63 -0.80 3.96
N PHE G 58 -28.76 -0.65 3.27
CA PHE G 58 -29.91 -1.51 3.50
C PHE G 58 -29.59 -2.94 3.03
N ASP G 59 -28.57 -3.06 2.18
CA ASP G 59 -28.15 -4.36 1.66
C ASP G 59 -27.94 -5.44 2.73
N ILE G 60 -27.39 -5.08 3.89
CA ILE G 60 -27.16 -6.09 4.92
C ILE G 60 -28.44 -6.63 5.53
N LEU G 61 -29.56 -5.96 5.28
CA LEU G 61 -30.84 -6.41 5.81
C LEU G 61 -31.60 -7.31 4.83
N THR G 62 -31.40 -7.07 3.54
CA THR G 62 -32.06 -7.82 2.48
C THR G 62 -32.12 -9.34 2.67
N PRO G 63 -30.96 -10.00 2.81
CA PRO G 63 -30.93 -11.47 2.98
C PRO G 63 -31.71 -12.02 4.17
N ASN G 64 -32.17 -11.14 5.05
CA ASN G 64 -32.93 -11.58 6.22
C ASN G 64 -34.43 -11.65 5.93
N CYS G 65 -34.80 -10.92 4.89
CA CYS G 65 -36.20 -10.90 4.45
C CYS G 65 -36.33 -12.14 3.57
N1 QLG G 66 -35.33 -12.82 3.25
CA1 QLG G 66 -34.34 -13.34 2.20
CA2 QLG G 66 -33.27 -16.16 1.68
CA3 QLG G 66 -35.00 -15.54 4.75
C3 QLG G 66 -36.47 -15.78 4.46
O3 QLG G 66 -37.05 -16.19 5.47
CB1 QLG G 66 -35.06 -12.39 1.29
CB2 QLG G 66 -32.46 -16.69 0.53
CG1 QLG G 66 -35.43 -11.91 -0.09
CG2 QLG G 66 -32.00 -18.13 0.48
CD1 QLG G 66 -30.99 -18.53 1.51
CD2 QLG G 66 -32.99 -19.12 1.05
CD3 QLG G 66 -34.48 -11.15 -0.98
NE1 QLG G 66 -33.21 -11.49 -1.06
OE1 QLG G 66 -34.91 -10.09 -1.62
C1 QLG G 66 -34.79 -14.74 2.47
C2 QLG G 66 -33.12 -16.13 3.16
N2 QLG G 66 -34.30 -15.30 1.38
O2 QLG G 66 -32.29 -16.77 3.84
N3 QLG G 66 -34.11 -15.23 3.64
N SER G 67 -36.49 -15.86 3.14
CA SER G 67 -37.49 -16.13 2.49
C SER G 67 -37.72 -17.56 2.16
N VAL G 68 -37.48 -18.58 2.99
CA VAL G 68 -37.19 -19.89 2.45
C VAL G 68 -38.37 -20.76 2.02
N ALA G 69 -39.60 -20.28 2.27
CA ALA G 69 -40.78 -21.05 1.87
C ALA G 69 -41.09 -20.75 0.40
N ILE G 70 -40.61 -19.60 -0.08
CA ILE G 70 -40.82 -19.19 -1.47
C ILE G 70 -39.60 -19.58 -2.29
N THR G 71 -39.54 -20.84 -2.67
CA THR G 71 -38.44 -21.38 -3.46
C THR G 71 -38.99 -22.51 -4.30
N LYS G 72 -38.56 -22.60 -5.56
CA LYS G 72 -39.03 -23.67 -6.42
C LYS G 72 -38.18 -24.91 -6.21
N TYR G 73 -38.71 -25.87 -5.47
CA TYR G 73 -38.01 -27.13 -5.20
C TYR G 73 -38.17 -28.12 -6.35
N THR G 74 -37.07 -28.43 -7.02
CA THR G 74 -37.09 -29.32 -8.16
C THR G 74 -36.54 -30.72 -7.89
N SER G 75 -36.48 -31.51 -8.95
CA SER G 75 -35.93 -32.88 -8.92
C SER G 75 -36.49 -33.80 -7.85
N GLY G 76 -37.71 -33.52 -7.39
CA GLY G 76 -38.31 -34.37 -6.36
C GLY G 76 -37.66 -34.26 -4.99
N ILE G 77 -36.88 -33.21 -4.76
CA ILE G 77 -36.24 -33.03 -3.47
C ILE G 77 -37.29 -32.60 -2.44
N PRO G 78 -37.43 -33.35 -1.33
CA PRO G 78 -38.37 -32.95 -0.30
C PRO G 78 -38.22 -31.50 0.18
N ASP G 79 -39.35 -30.81 0.31
CA ASP G 79 -39.39 -29.41 0.70
C ASP G 79 -39.64 -29.25 2.20
N TYR G 80 -38.56 -29.12 2.96
CA TYR G 80 -38.59 -28.98 4.41
C TYR G 80 -39.49 -27.83 4.88
N PHE G 81 -39.51 -26.75 4.13
CA PHE G 81 -40.29 -25.58 4.51
C PHE G 81 -41.78 -25.67 4.21
N LYS G 82 -42.15 -26.01 2.98
CA LYS G 82 -43.57 -26.12 2.63
C LYS G 82 -44.24 -27.27 3.39
N GLN G 83 -43.45 -28.24 3.82
CA GLN G 83 -43.98 -29.37 4.58
C GLN G 83 -44.33 -28.96 6.01
N SER G 84 -43.66 -27.91 6.49
CA SER G 84 -43.87 -27.43 7.85
C SER G 84 -45.21 -26.77 8.15
N PHE G 85 -45.87 -26.23 7.13
CA PHE G 85 -47.16 -25.57 7.33
C PHE G 85 -48.24 -26.61 7.65
N PRO G 86 -49.31 -26.19 8.33
CA PRO G 86 -49.61 -24.84 8.82
C PRO G 86 -48.76 -24.35 10.00
N GLU G 87 -48.24 -25.28 10.80
CA GLU G 87 -47.42 -24.93 11.96
C GLU G 87 -46.39 -23.84 11.63
N GLY G 88 -45.64 -24.05 10.55
CA GLY G 88 -44.62 -23.09 10.17
C GLY G 88 -43.24 -23.49 10.67
N PHE G 89 -42.35 -22.52 10.81
CA PHE G 89 -40.99 -22.80 11.25
C PHE G 89 -40.26 -21.54 11.68
N THR G 90 -39.03 -21.73 12.15
CA THR G 90 -38.17 -20.61 12.54
C THR G 90 -36.78 -20.92 11.97
N TRP G 91 -35.92 -19.92 11.91
CA TRP G 91 -34.54 -20.18 11.48
C TRP G 91 -33.63 -19.19 12.19
N GLU G 92 -32.40 -19.63 12.41
CA GLU G 92 -31.40 -18.82 13.11
C GLU G 92 -30.14 -18.78 12.27
N ARG G 93 -29.42 -17.66 12.34
CA ARG G 93 -28.23 -17.52 11.51
C ARG G 93 -27.26 -16.44 11.98
N THR G 94 -25.99 -16.61 11.60
CA THR G 94 -24.97 -15.62 11.88
C THR G 94 -24.25 -15.41 10.56
N THR G 95 -24.10 -14.16 10.16
CA THR G 95 -23.42 -13.82 8.93
C THR G 95 -22.08 -13.22 9.31
N ILE G 96 -20.99 -13.81 8.82
CA ILE G 96 -19.66 -13.31 9.14
C ILE G 96 -19.04 -12.62 7.94
N TYR G 97 -18.86 -11.30 8.04
CA TYR G 97 -18.26 -10.52 6.97
C TYR G 97 -16.72 -10.62 7.02
N GLU G 98 -16.08 -10.57 5.86
CA GLU G 98 -14.62 -10.68 5.80
C GLU G 98 -13.88 -9.54 6.50
N ASP G 99 -14.56 -8.42 6.74
CA ASP G 99 -13.84 -7.32 7.41
C ASP G 99 -14.19 -7.21 8.91
N GLY G 100 -14.55 -8.34 9.51
CA GLY G 100 -14.80 -8.38 10.93
C GLY G 100 -16.19 -8.15 11.49
N ALA G 101 -17.16 -7.80 10.64
CA ALA G 101 -18.51 -7.57 11.12
C ALA G 101 -19.31 -8.86 11.30
N TYR G 102 -20.21 -8.86 12.27
CA TYR G 102 -21.06 -10.01 12.54
C TYR G 102 -22.53 -9.59 12.68
N LEU G 103 -23.42 -10.30 12.00
CA LEU G 103 -24.85 -10.00 12.09
C LEU G 103 -25.58 -11.32 12.34
N THR G 104 -26.23 -11.40 13.50
CA THR G 104 -26.95 -12.59 13.91
C THR G 104 -28.48 -12.40 13.79
N THR G 105 -29.16 -13.42 13.28
CA THR G 105 -30.60 -13.34 13.06
C THR G 105 -31.41 -14.49 13.67
N GLN G 106 -32.65 -14.17 14.05
CA GLN G 106 -33.59 -15.12 14.61
C GLN G 106 -34.92 -14.78 13.92
N GLN G 107 -35.51 -15.75 13.24
CA GLN G 107 -36.74 -15.49 12.52
C GLN G 107 -37.82 -16.52 12.74
N GLU G 108 -39.07 -16.07 12.72
CA GLU G 108 -40.21 -16.95 12.88
C GLU G 108 -41.11 -16.81 11.66
N THR G 109 -41.50 -17.93 11.07
CA THR G 109 -42.36 -17.90 9.89
C THR G 109 -43.65 -18.66 10.16
N LYS G 110 -44.78 -18.00 9.96
CA LYS G 110 -46.07 -18.64 10.15
C LYS G 110 -47.01 -18.27 9.01
N LEU G 111 -48.05 -19.08 8.82
CA LEU G 111 -49.02 -18.83 7.77
C LEU G 111 -50.37 -18.55 8.42
N ASP G 112 -50.85 -17.32 8.25
CA ASP G 112 -52.14 -16.91 8.82
C ASP G 112 -53.14 -16.86 7.66
N GLY G 113 -53.91 -17.92 7.51
CA GLY G 113 -54.86 -17.96 6.42
C GLY G 113 -54.04 -18.06 5.14
N ASN G 114 -54.03 -17.00 4.34
CA ASN G 114 -53.28 -17.00 3.10
C ASN G 114 -52.15 -15.98 3.09
N CYS G 115 -51.77 -15.49 4.27
CA CYS G 115 -50.70 -14.51 4.40
C CYS G 115 -49.52 -15.09 5.16
N LEU G 116 -48.33 -15.00 4.57
CA LEU G 116 -47.12 -15.48 5.23
C LEU G 116 -46.63 -14.34 6.12
N VAL G 117 -46.34 -14.66 7.38
CA VAL G 117 -45.89 -13.65 8.31
C VAL G 117 -44.47 -13.94 8.81
N TYR G 118 -43.58 -12.97 8.61
CA TYR G 118 -42.19 -13.09 9.02
C TYR G 118 -41.92 -12.16 10.21
N ASN G 119 -41.32 -12.70 11.28
CA ASN G 119 -40.97 -11.90 12.44
C ASN G 119 -39.45 -12.04 12.58
N ILE G 120 -38.75 -10.93 12.45
CA ILE G 120 -37.29 -10.95 12.49
C ILE G 120 -36.63 -10.14 13.59
N LYS G 121 -35.61 -10.73 14.21
CA LYS G 121 -34.84 -10.07 15.27
C LYS G 121 -33.38 -10.09 14.84
N ILE G 122 -32.71 -8.94 14.90
CA ILE G 122 -31.33 -8.82 14.48
C ILE G 122 -30.41 -8.07 15.43
N LEU G 123 -29.17 -8.54 15.51
CA LEU G 123 -28.14 -7.91 16.32
C LEU G 123 -26.86 -7.97 15.50
N GLY G 124 -26.34 -6.81 15.12
CA GLY G 124 -25.12 -6.75 14.34
C GLY G 124 -24.06 -5.96 15.08
N CYS G 125 -22.79 -6.30 14.89
CA CYS G 125 -21.72 -5.59 15.57
C CYS G 125 -20.41 -5.54 14.79
N ASN G 126 -19.52 -4.68 15.27
CA ASN G 126 -18.18 -4.53 14.70
C ASN G 126 -18.07 -4.21 13.21
N PHE G 127 -19.07 -3.56 12.62
CA PHE G 127 -18.97 -3.20 11.21
C PHE G 127 -18.00 -2.02 11.15
N PRO G 128 -16.92 -2.12 10.38
CA PRO G 128 -16.03 -0.96 10.26
C PRO G 128 -16.71 0.32 9.74
N PRO G 129 -16.57 1.44 10.47
CA PRO G 129 -17.21 2.71 10.11
C PRO G 129 -16.78 3.22 8.75
N ASN G 130 -15.56 2.83 8.33
CA ASN G 130 -15.04 3.25 7.05
C ASN G 130 -15.20 2.15 6.01
N GLY G 131 -15.90 1.08 6.39
CA GLY G 131 -16.11 -0.02 5.47
C GLY G 131 -17.22 0.35 4.49
N PRO G 132 -17.42 -0.43 3.42
CA PRO G 132 -18.46 -0.13 2.43
C PRO G 132 -19.90 -0.16 2.97
N VAL G 133 -20.17 -1.04 3.95
CA VAL G 133 -21.51 -1.11 4.53
C VAL G 133 -21.88 0.16 5.30
N MSE G 134 -21.03 0.56 6.25
CA MSE G 134 -21.30 1.75 7.04
C MSE G 134 -21.19 3.05 6.24
O MSE G 134 -21.76 4.07 6.63
CB MSE G 134 -20.34 1.82 8.24
CG MSE G 134 -20.59 0.75 9.31
SE MSE G 134 -22.35 0.86 10.12
CE MSE G 134 -22.99 -0.90 9.73
N GLN G 135 -20.46 3.02 5.13
CA GLN G 135 -20.30 4.21 4.28
C GLN G 135 -21.36 4.20 3.18
N LYS G 136 -22.25 3.23 3.22
CA LYS G 136 -23.32 3.11 2.24
C LYS G 136 -22.77 3.11 0.82
N LYS G 137 -21.70 2.36 0.59
CA LYS G 137 -21.08 2.28 -0.72
C LYS G 137 -21.19 0.89 -1.35
N THR G 138 -22.29 0.20 -1.05
CA THR G 138 -22.53 -1.12 -1.62
C THR G 138 -23.63 -0.96 -2.65
N GLN G 139 -23.71 -1.88 -3.61
CA GLN G 139 -24.71 -1.78 -4.65
C GLN G 139 -25.46 -3.07 -4.90
N GLY G 140 -25.89 -3.72 -3.83
CA GLY G 140 -26.64 -4.96 -3.98
C GLY G 140 -25.81 -6.21 -3.97
N TRP G 141 -26.48 -7.35 -3.80
CA TRP G 141 -25.83 -8.65 -3.76
C TRP G 141 -25.75 -9.32 -5.12
N GLU G 142 -24.77 -10.19 -5.26
CA GLU G 142 -24.61 -10.96 -6.47
C GLU G 142 -25.45 -12.18 -6.15
N PRO G 143 -25.88 -12.94 -7.16
CA PRO G 143 -26.67 -14.12 -6.78
C PRO G 143 -25.76 -15.06 -6.00
N CYS G 144 -26.34 -16.00 -5.27
CA CYS G 144 -25.56 -16.93 -4.48
C CYS G 144 -26.08 -18.35 -4.53
N CYS G 145 -25.33 -19.27 -3.90
CA CYS G 145 -25.68 -20.68 -3.89
C CYS G 145 -25.52 -21.23 -2.47
N GLU G 146 -26.64 -21.63 -1.87
CA GLU G 146 -26.61 -22.19 -0.53
C GLU G 146 -26.53 -23.71 -0.53
N MSE G 147 -25.71 -24.21 0.37
CA MSE G 147 -25.49 -25.62 0.55
C MSE G 147 -26.41 -26.06 1.69
O MSE G 147 -26.36 -25.48 2.77
CB MSE G 147 -24.01 -25.80 0.89
CG MSE G 147 -23.56 -27.11 1.47
SE MSE G 147 -21.63 -27.04 1.55
CE MSE G 147 -21.43 -26.42 3.37
N ARG G 148 -27.27 -27.05 1.47
CA ARG G 148 -28.19 -27.51 2.51
C ARG G 148 -28.02 -28.99 2.86
N TYR G 149 -27.96 -29.28 4.16
CA TYR G 149 -27.76 -30.65 4.61
C TYR G 149 -28.39 -30.84 5.99
N THR G 150 -28.79 -32.07 6.30
CA THR G 150 -29.40 -32.35 7.59
C THR G 150 -28.37 -32.65 8.65
N ARG G 151 -28.76 -32.43 9.90
CA ARG G 151 -27.90 -32.71 11.04
C ARG G 151 -28.73 -32.63 12.31
N ASP G 152 -28.64 -33.65 13.15
CA ASP G 152 -29.37 -33.69 14.41
C ASP G 152 -30.87 -33.47 14.24
N GLY G 153 -31.44 -34.03 13.18
CA GLY G 153 -32.87 -33.91 12.96
C GLY G 153 -33.40 -32.59 12.41
N VAL G 154 -32.52 -31.62 12.18
CA VAL G 154 -32.93 -30.33 11.63
C VAL G 154 -32.22 -30.11 10.30
N LEU G 155 -32.61 -29.08 9.57
CA LEU G 155 -31.95 -28.78 8.30
C LEU G 155 -31.00 -27.61 8.47
N CYS G 156 -29.77 -27.78 8.00
CA CYS G 156 -28.77 -26.74 8.10
C CYS G 156 -28.41 -26.20 6.73
N GLY G 157 -27.83 -25.00 6.73
CA GLY G 157 -27.42 -24.39 5.48
C GLY G 157 -26.25 -23.46 5.70
N GLN G 158 -25.38 -23.38 4.70
CA GLN G 158 -24.22 -22.51 4.72
C GLN G 158 -24.17 -21.83 3.37
N THR G 159 -23.90 -20.52 3.38
CA THR G 159 -23.85 -19.76 2.15
C THR G 159 -22.72 -18.75 2.12
N LEU G 160 -22.12 -18.59 0.95
CA LEU G 160 -21.09 -17.59 0.75
C LEU G 160 -21.77 -16.55 -0.15
N MSE G 161 -21.71 -15.28 0.25
CA MSE G 161 -22.31 -14.22 -0.54
C MSE G 161 -21.29 -13.10 -0.79
O MSE G 161 -20.30 -13.00 -0.08
CB MSE G 161 -23.56 -13.67 0.15
CG MSE G 161 -24.73 -14.66 0.18
SE MSE G 161 -26.37 -13.95 0.96
CE MSE G 161 -27.02 -12.95 -0.57
N ALA G 162 -21.56 -12.29 -1.80
CA ALA G 162 -20.66 -11.19 -2.14
C ALA G 162 -21.44 -9.92 -2.46
N LEU G 163 -21.12 -8.85 -1.73
CA LEU G 163 -21.75 -7.56 -1.90
C LEU G 163 -20.97 -6.74 -2.92
N LYS G 164 -21.66 -6.16 -3.90
CA LYS G 164 -21.00 -5.34 -4.91
C LYS G 164 -20.67 -4.00 -4.28
N CYS G 165 -19.44 -3.52 -4.45
CA CYS G 165 -19.03 -2.24 -3.90
C CYS G 165 -18.87 -1.18 -4.97
N ALA G 166 -19.02 0.09 -4.59
CA ALA G 166 -18.89 1.20 -5.53
C ALA G 166 -17.56 1.15 -6.27
N ASP G 167 -16.53 0.66 -5.57
CA ASP G 167 -15.18 0.53 -6.14
C ASP G 167 -15.07 -0.51 -7.24
N GLY G 168 -16.03 -1.43 -7.29
CA GLY G 168 -15.99 -2.48 -8.28
C GLY G 168 -15.62 -3.78 -7.58
N ASN G 169 -15.05 -3.64 -6.38
CA ASN G 169 -14.65 -4.78 -5.56
C ASN G 169 -15.89 -5.48 -5.02
N HIS G 170 -15.68 -6.60 -4.34
CA HIS G 170 -16.78 -7.35 -3.74
C HIS G 170 -16.44 -7.55 -2.26
N LEU G 171 -17.43 -7.41 -1.40
CA LEU G 171 -17.24 -7.62 0.04
C LEU G 171 -17.91 -8.96 0.30
N THR G 172 -17.13 -9.97 0.66
CA THR G 172 -17.67 -11.31 0.88
C THR G 172 -18.08 -11.58 2.33
N CYS G 173 -18.98 -12.55 2.51
CA CYS G 173 -19.43 -12.94 3.84
C CYS G 173 -19.82 -14.41 3.84
N HIS G 174 -20.04 -14.95 5.03
CA HIS G 174 -20.36 -16.36 5.22
C HIS G 174 -21.57 -16.52 6.15
N LEU G 175 -22.63 -17.14 5.65
CA LEU G 175 -23.84 -17.37 6.44
C LEU G 175 -23.88 -18.83 6.92
N ARG G 176 -24.18 -19.03 8.20
CA ARG G 176 -24.26 -20.37 8.78
C ARG G 176 -25.66 -20.43 9.39
N THR G 177 -26.52 -21.25 8.80
CA THR G 177 -27.91 -21.32 9.22
C THR G 177 -28.46 -22.66 9.71
N THR G 178 -29.45 -22.57 10.60
CA THR G 178 -30.14 -23.74 11.12
C THR G 178 -31.62 -23.45 10.95
N TYR G 179 -32.29 -24.30 10.19
CA TYR G 179 -33.72 -24.15 9.94
C TYR G 179 -34.44 -25.13 10.88
N ARG G 180 -35.44 -24.63 11.59
CA ARG G 180 -36.18 -25.46 12.54
C ARG G 180 -37.68 -25.53 12.27
N SER G 181 -38.15 -26.69 11.83
CA SER G 181 -39.58 -26.88 11.58
C SER G 181 -40.31 -26.92 12.93
N LYS G 182 -41.49 -26.29 13.00
CA LYS G 182 -42.26 -26.30 14.24
C LYS G 182 -42.97 -27.64 14.37
N LYS G 183 -42.88 -28.44 13.32
CA LYS G 183 -43.49 -29.76 13.29
C LYS G 183 -42.42 -30.75 13.73
N ALA G 184 -42.82 -31.79 14.45
CA ALA G 184 -41.89 -32.81 14.92
C ALA G 184 -41.21 -33.45 13.71
N ALA G 185 -39.88 -33.45 13.70
CA ALA G 185 -39.10 -34.02 12.61
C ALA G 185 -39.71 -35.31 12.07
N LYS G 186 -40.21 -36.15 12.97
CA LYS G 186 -40.81 -37.42 12.57
C LYS G 186 -41.91 -37.22 11.52
N ALA G 187 -42.67 -36.14 11.66
CA ALA G 187 -43.76 -35.84 10.74
C ALA G 187 -43.27 -35.18 9.46
N LEU G 188 -41.96 -35.25 9.21
CA LEU G 188 -41.40 -34.66 7.99
C LEU G 188 -40.57 -35.66 7.20
N GLN G 189 -40.38 -35.36 5.91
CA GLN G 189 -39.57 -36.18 5.05
C GLN G 189 -38.28 -35.36 4.87
N MSE G 190 -37.23 -35.76 5.58
CA MSE G 190 -35.95 -35.04 5.52
C MSE G 190 -35.30 -35.19 4.16
O MSE G 190 -35.24 -36.28 3.59
CB MSE G 190 -35.01 -35.53 6.62
CG MSE G 190 -35.54 -35.33 8.03
SE MSE G 190 -36.08 -33.51 8.43
CE MSE G 190 -34.38 -32.83 9.06
N PRO G 191 -34.81 -34.07 3.60
CA PRO G 191 -34.16 -34.07 2.29
C PRO G 191 -32.70 -34.51 2.30
N PRO G 192 -32.20 -34.93 1.15
CA PRO G 192 -30.79 -35.28 1.00
C PRO G 192 -30.02 -34.00 0.80
N PHE G 193 -28.69 -34.10 0.71
CA PHE G 193 -27.86 -32.93 0.47
C PHE G 193 -28.27 -32.30 -0.86
N HIS G 194 -28.39 -30.98 -0.90
CA HIS G 194 -28.74 -30.29 -2.14
C HIS G 194 -28.35 -28.82 -2.06
N PHE G 195 -28.64 -28.09 -3.13
CA PHE G 195 -28.29 -26.68 -3.21
C PHE G 195 -29.53 -25.82 -3.45
N SER G 196 -29.34 -24.52 -3.29
CA SER G 196 -30.40 -23.57 -3.52
C SER G 196 -29.80 -22.29 -4.05
N ASP G 197 -30.12 -21.96 -5.30
CA ASP G 197 -29.63 -20.74 -5.91
C ASP G 197 -30.53 -19.60 -5.43
N HIS G 198 -29.97 -18.43 -5.24
CA HIS G 198 -30.73 -17.29 -4.76
C HIS G 198 -30.28 -16.00 -5.44
N ARG G 199 -31.25 -15.20 -5.88
CA ARG G 199 -30.94 -13.93 -6.52
C ARG G 199 -31.75 -12.80 -5.89
N PRO G 200 -31.20 -12.14 -4.86
CA PRO G 200 -31.85 -10.99 -4.23
C PRO G 200 -31.64 -9.69 -5.02
N GLU G 201 -32.69 -8.91 -5.16
CA GLU G 201 -32.59 -7.66 -5.91
C GLU G 201 -33.42 -6.54 -5.31
N ILE G 202 -32.87 -5.33 -5.33
CA ILE G 202 -33.57 -4.15 -4.88
C ILE G 202 -33.70 -3.36 -6.17
N VAL G 203 -34.93 -3.21 -6.64
CA VAL G 203 -35.20 -2.52 -7.90
C VAL G 203 -35.71 -1.09 -7.75
N LYS G 204 -35.96 -0.66 -6.51
CA LYS G 204 -36.46 0.68 -6.30
C LYS G 204 -36.22 1.17 -4.89
N VAL G 205 -35.72 2.40 -4.78
CA VAL G 205 -35.47 3.04 -3.51
C VAL G 205 -36.19 4.37 -3.54
N SER G 206 -36.96 4.66 -2.49
CA SER G 206 -37.70 5.93 -2.45
C SER G 206 -37.94 6.43 -1.03
N GLU G 207 -38.66 7.55 -0.93
CA GLU G 207 -38.96 8.20 0.34
C GLU G 207 -37.69 8.47 1.15
N ASN G 208 -36.71 9.04 0.46
CA ASN G 208 -35.42 9.39 1.03
C ASN G 208 -34.65 8.20 1.58
N GLY G 209 -34.70 7.07 0.86
CA GLY G 209 -33.98 5.89 1.30
C GLY G 209 -34.59 5.16 2.47
N THR G 210 -35.92 5.22 2.60
CA THR G 210 -36.60 4.54 3.70
C THR G 210 -37.59 3.49 3.20
N LEU G 211 -37.79 3.44 1.88
CA LEU G 211 -38.71 2.47 1.28
C LEU G 211 -38.01 1.75 0.14
N PHE G 212 -37.96 0.42 0.20
CA PHE G 212 -37.27 -0.37 -0.82
C PHE G 212 -38.13 -1.44 -1.48
N GLU G 213 -38.11 -1.49 -2.81
CA GLU G 213 -38.85 -2.52 -3.52
C GLU G 213 -37.85 -3.65 -3.73
N GLN G 214 -38.03 -4.73 -2.99
CA GLN G 214 -37.12 -5.86 -3.05
C GLN G 214 -37.75 -7.09 -3.71
N HIS G 215 -36.94 -7.84 -4.43
CA HIS G 215 -37.40 -9.05 -5.11
C HIS G 215 -36.45 -10.22 -4.89
N GLU G 216 -36.97 -11.42 -5.07
CA GLU G 216 -36.17 -12.62 -4.90
C GLU G 216 -36.67 -13.78 -5.77
N SER G 217 -35.68 -14.51 -6.30
CA SER G 217 -35.92 -15.67 -7.15
C SER G 217 -35.00 -16.72 -6.53
N SER G 218 -35.51 -17.94 -6.33
CA SER G 218 -34.69 -18.99 -5.75
C SER G 218 -35.14 -20.34 -6.24
N VAL G 219 -34.17 -21.25 -6.41
CA VAL G 219 -34.45 -22.59 -6.89
C VAL G 219 -33.60 -23.62 -6.16
N ALA G 220 -34.25 -24.67 -5.65
CA ALA G 220 -33.54 -25.74 -4.96
C ALA G 220 -33.29 -26.83 -5.99
N ARG G 221 -32.06 -27.31 -6.07
CA ARG G 221 -31.69 -28.32 -7.07
C ARG G 221 -30.50 -29.18 -6.63
N TYR G 222 -30.06 -30.01 -7.57
CA TYR G 222 -28.91 -30.88 -7.39
C TYR G 222 -27.91 -30.26 -8.35
N CYS G 223 -26.68 -30.76 -8.36
CA CYS G 223 -25.69 -30.24 -9.30
C CYS G 223 -26.07 -30.83 -10.64
N GLN G 224 -26.52 -29.98 -11.56
CA GLN G 224 -26.97 -30.45 -12.87
C GLN G 224 -26.00 -30.17 -14.01
N THR G 225 -24.89 -29.49 -13.72
CA THR G 225 -23.91 -29.16 -14.74
C THR G 225 -22.76 -30.16 -14.83
N CYS G 226 -22.49 -30.86 -13.73
CA CYS G 226 -21.40 -31.82 -13.69
C CYS G 226 -21.91 -33.25 -13.47
N PRO G 227 -21.92 -34.08 -14.54
CA PRO G 227 -22.34 -35.46 -14.45
C PRO G 227 -21.55 -36.31 -13.45
N SER G 228 -22.22 -37.29 -12.85
CA SER G 228 -21.60 -38.18 -11.88
C SER G 228 -21.23 -39.52 -12.51
N LYS G 229 -19.97 -39.90 -12.39
CA LYS G 229 -19.53 -41.18 -12.96
C LYS G 229 -19.91 -42.33 -12.05
N LEU G 230 -20.35 -42.02 -10.84
CA LEU G 230 -20.73 -43.04 -9.87
C LEU G 230 -22.25 -43.17 -9.79
N GLY G 231 -22.96 -42.41 -10.61
CA GLY G 231 -24.41 -42.48 -10.62
C GLY G 231 -25.11 -41.75 -9.48
N HIS G 232 -24.42 -40.83 -8.83
CA HIS G 232 -25.02 -40.07 -7.73
C HIS G 232 -25.68 -38.80 -8.26
N ASN G 233 -26.61 -38.25 -7.48
CA ASN G 233 -27.31 -37.02 -7.87
C ASN G 233 -26.32 -35.86 -7.79
N ILE H 8 -17.49 8.14 39.38
CA ILE H 8 -18.22 6.96 39.90
C ILE H 8 -17.77 6.58 41.31
N SER H 9 -18.74 6.20 42.14
CA SER H 9 -18.53 5.81 43.54
C SER H 9 -17.77 4.50 43.70
N ASP H 10 -16.93 4.40 44.73
CA ASP H 10 -16.16 3.17 44.95
C ASP H 10 -17.01 2.06 45.55
N ASN H 11 -18.29 2.36 45.77
CA ASN H 11 -19.25 1.39 46.30
C ASN H 11 -20.57 1.59 45.55
N VAL H 12 -20.92 0.65 44.68
CA VAL H 12 -22.16 0.78 43.92
C VAL H 12 -22.99 -0.50 43.91
N ARG H 13 -24.27 -0.35 43.59
CA ARG H 13 -25.15 -1.49 43.49
C ARG H 13 -25.31 -1.75 42.01
N ILE H 14 -25.84 -2.92 41.67
CA ILE H 14 -26.01 -3.26 40.27
C ILE H 14 -27.40 -3.80 39.99
N LYS H 15 -27.98 -3.34 38.89
CA LYS H 15 -29.30 -3.77 38.45
C LYS H 15 -29.14 -4.25 37.00
N LEU H 16 -29.61 -5.46 36.72
CA LEU H 16 -29.47 -6.02 35.39
C LEU H 16 -30.75 -6.57 34.77
N TYR H 17 -30.94 -6.27 33.49
CA TYR H 17 -32.08 -6.74 32.71
C TYR H 17 -31.53 -7.41 31.46
N MSE H 18 -31.91 -8.66 31.26
CA MSE H 18 -31.44 -9.41 30.11
C MSE H 18 -32.55 -10.16 29.39
O MSE H 18 -33.41 -10.80 30.01
CB MSE H 18 -30.38 -10.42 30.57
CG MSE H 18 -29.90 -11.38 29.47
SE MSE H 18 -28.83 -12.82 30.18
CE MSE H 18 -27.15 -11.89 30.32
N GLU H 19 -32.53 -10.08 28.07
CA GLU H 19 -33.51 -10.77 27.24
C GLU H 19 -32.80 -11.36 26.02
N GLY H 20 -33.21 -12.56 25.62
CA GLY H 20 -32.58 -13.16 24.47
C GLY H 20 -33.24 -14.45 24.02
N THR H 21 -32.75 -14.97 22.90
CA THR H 21 -33.23 -16.22 22.32
C THR H 21 -32.00 -16.97 21.84
N VAL H 22 -31.81 -18.19 22.31
CA VAL H 22 -30.68 -19.04 21.92
C VAL H 22 -31.25 -20.36 21.43
N ASN H 23 -30.92 -20.73 20.19
CA ASN H 23 -31.43 -21.96 19.59
C ASN H 23 -32.95 -21.98 19.65
N ASN H 24 -33.56 -20.84 19.32
CA ASN H 24 -35.01 -20.67 19.32
C ASN H 24 -35.66 -20.77 20.70
N HIS H 25 -34.89 -20.61 21.77
CA HIS H 25 -35.49 -20.65 23.11
C HIS H 25 -35.42 -19.26 23.72
N HIS H 26 -36.58 -18.63 23.86
CA HIS H 26 -36.68 -17.28 24.42
C HIS H 26 -36.54 -17.31 25.94
N PHE H 27 -35.95 -16.26 26.50
CA PHE H 27 -35.77 -16.20 27.94
C PHE H 27 -35.47 -14.78 28.41
N MSE H 28 -35.61 -14.57 29.71
CA MSE H 28 -35.35 -13.27 30.31
C MSE H 28 -34.72 -13.50 31.69
O MSE H 28 -35.03 -14.47 32.36
CB MSE H 28 -36.64 -12.47 30.48
CG MSE H 28 -37.37 -12.17 29.19
SE MSE H 28 -38.88 -11.01 29.52
CE MSE H 28 -37.95 -9.32 29.47
N CYS H 29 -33.85 -12.58 32.09
CA CYS H 29 -33.21 -12.66 33.39
C CYS H 29 -33.16 -11.28 34.03
N GLU H 30 -32.93 -11.23 35.33
CA GLU H 30 -32.82 -9.99 36.08
C GLU H 30 -31.91 -10.26 37.26
N ALA H 31 -31.19 -9.23 37.70
CA ALA H 31 -30.30 -9.42 38.82
C ALA H 31 -30.01 -8.16 39.59
N GLU H 32 -29.57 -8.33 40.83
CA GLU H 32 -29.22 -7.21 41.69
C GLU H 32 -27.86 -7.58 42.27
N GLY H 33 -26.98 -6.60 42.43
CA GLY H 33 -25.67 -6.90 42.97
C GLY H 33 -24.96 -5.70 43.55
N GLU H 34 -23.68 -5.88 43.84
CA GLU H 34 -22.85 -4.83 44.41
C GLU H 34 -21.47 -4.89 43.77
N GLY H 35 -20.78 -3.76 43.75
CA GLY H 35 -19.46 -3.76 43.17
C GLY H 35 -18.58 -2.62 43.64
N LYS H 36 -17.28 -2.87 43.62
CA LYS H 36 -16.31 -1.87 44.02
C LYS H 36 -15.50 -1.59 42.76
N PRO H 37 -15.96 -0.63 41.95
CA PRO H 37 -15.34 -0.22 40.68
C PRO H 37 -13.82 -0.15 40.68
N TYR H 38 -13.25 0.48 41.70
CA TYR H 38 -11.81 0.61 41.79
C TYR H 38 -11.08 -0.63 42.30
N GLU H 39 -11.82 -1.55 42.91
CA GLU H 39 -11.23 -2.78 43.42
C GLU H 39 -11.32 -3.86 42.34
N GLY H 40 -12.18 -3.62 41.36
CA GLY H 40 -12.37 -4.57 40.27
C GLY H 40 -13.14 -5.80 40.68
N THR H 41 -13.90 -5.69 41.77
CA THR H 41 -14.68 -6.82 42.26
C THR H 41 -16.18 -6.55 42.20
N GLN H 42 -16.93 -7.59 41.83
CA GLN H 42 -18.38 -7.50 41.69
C GLN H 42 -19.07 -8.82 42.00
N MSE H 43 -20.30 -8.73 42.48
CA MSE H 43 -21.11 -9.90 42.81
C MSE H 43 -22.54 -9.61 42.37
O MSE H 43 -23.01 -8.48 42.50
CB MSE H 43 -21.05 -10.17 44.32
CG MSE H 43 -22.12 -11.11 44.84
SE MSE H 43 -23.82 -10.22 45.20
CE MSE H 43 -23.73 -10.15 47.13
N GLU H 44 -23.21 -10.62 41.84
CA GLU H 44 -24.58 -10.47 41.39
C GLU H 44 -25.39 -11.74 41.59
N ASN H 45 -26.66 -11.57 41.93
CA ASN H 45 -27.58 -12.69 42.11
C ASN H 45 -28.47 -12.61 40.88
N ILE H 46 -28.23 -13.49 39.91
CA ILE H 46 -28.99 -13.49 38.66
C ILE H 46 -30.11 -14.53 38.64
N LYS H 47 -31.33 -14.06 38.39
CA LYS H 47 -32.49 -14.94 38.37
C LYS H 47 -33.07 -15.04 36.96
N VAL H 48 -33.40 -16.25 36.54
CA VAL H 48 -34.01 -16.46 35.25
C VAL H 48 -35.51 -16.26 35.50
N THR H 49 -36.02 -15.10 35.12
CA THR H 49 -37.42 -14.76 35.35
C THR H 49 -38.40 -15.27 34.30
N LYS H 50 -37.88 -15.75 33.18
CA LYS H 50 -38.74 -16.25 32.12
C LYS H 50 -38.00 -17.26 31.24
N GLY H 51 -38.61 -18.42 31.03
CA GLY H 51 -37.99 -19.45 30.21
C GLY H 51 -37.09 -20.38 30.98
N GLY H 52 -36.98 -20.17 32.30
CA GLY H 52 -36.14 -21.02 33.12
C GLY H 52 -36.91 -22.11 33.85
N PRO H 53 -36.24 -23.20 34.27
CA PRO H 53 -34.81 -23.44 34.07
C PRO H 53 -34.50 -23.48 32.57
N LEU H 54 -33.35 -22.93 32.20
CA LEU H 54 -32.96 -22.89 30.80
C LEU H 54 -32.58 -24.28 30.29
N PRO H 55 -32.94 -24.59 29.03
CA PRO H 55 -32.59 -25.86 28.42
C PRO H 55 -31.11 -25.97 28.06
N PHE H 56 -30.34 -24.94 28.43
CA PHE H 56 -28.91 -24.92 28.16
C PHE H 56 -28.16 -24.43 29.40
N SER H 57 -26.84 -24.60 29.39
CA SER H 57 -26.00 -24.18 30.49
C SER H 57 -25.99 -22.67 30.66
N PHE H 58 -26.16 -22.22 31.90
CA PHE H 58 -26.17 -20.80 32.21
C PHE H 58 -24.79 -20.18 31.96
N ASP H 59 -23.77 -21.02 31.88
CA ASP H 59 -22.41 -20.54 31.65
C ASP H 59 -22.27 -19.59 30.46
N ILE H 60 -22.96 -19.88 29.35
CA ILE H 60 -22.85 -19.03 28.17
C ILE H 60 -23.41 -17.63 28.39
N LEU H 61 -24.16 -17.45 29.46
CA LEU H 61 -24.74 -16.14 29.75
C LEU H 61 -23.86 -15.31 30.69
N THR H 62 -23.12 -15.98 31.57
CA THR H 62 -22.26 -15.33 32.55
C THR H 62 -21.36 -14.18 32.07
N PRO H 63 -20.59 -14.40 31.00
CA PRO H 63 -19.71 -13.35 30.50
C PRO H 63 -20.41 -12.10 29.97
N ASN H 64 -21.72 -12.16 29.83
CA ASN H 64 -22.48 -11.01 29.34
C ASN H 64 -22.78 -10.07 30.48
N CYS H 65 -22.76 -10.58 31.70
CA CYS H 65 -23.13 -9.82 32.89
C CYS H 65 -21.82 -9.13 33.23
N1 QLG H 66 -20.68 -9.29 32.69
CA1 QLG H 66 -19.28 -10.02 32.64
CA2 QLG H 66 -16.66 -8.93 31.51
CA3 QLG H 66 -19.70 -7.31 30.58
C3 QLG H 66 -19.97 -6.26 31.64
O3 QLG H 66 -20.57 -5.30 31.15
CB1 QLG H 66 -19.63 -10.48 34.02
CB2 QLG H 66 -15.24 -9.43 31.68
CG1 QLG H 66 -19.24 -10.98 35.38
CG2 QLG H 66 -14.08 -8.75 31.00
CD1 QLG H 66 -14.04 -8.84 29.51
CD2 QLG H 66 -14.19 -7.25 30.92
CD3 QLG H 66 -18.80 -12.39 35.65
NE1 QLG H 66 -18.00 -13.00 34.81
OE1 QLG H 66 -19.27 -13.02 36.69
C1 QLG H 66 -18.72 -8.67 32.30
C2 QLG H 66 -17.53 -8.60 30.35
N2 QLG H 66 -17.45 -8.93 32.62
O2 QLG H 66 -17.20 -8.51 29.16
N3 QLG H 66 -18.84 -8.43 30.90
N SER H 67 -19.01 -6.37 32.68
CA SER H 67 -18.96 -5.50 33.84
C SER H 67 -17.77 -4.62 33.74
N VAL H 68 -17.61 -4.05 32.57
CA VAL H 68 -16.26 -3.55 32.39
C VAL H 68 -15.97 -2.24 33.11
N ALA H 69 -16.95 -1.73 33.85
CA ALA H 69 -16.75 -0.49 34.61
C ALA H 69 -16.16 -0.90 35.96
N ILE H 70 -16.35 -2.17 36.32
CA ILE H 70 -15.85 -2.71 37.57
C ILE H 70 -14.55 -3.45 37.27
N THR H 71 -13.47 -2.70 37.16
CA THR H 71 -12.16 -3.28 36.88
C THR H 71 -11.08 -2.42 37.52
N LYS H 72 -10.08 -3.06 38.12
CA LYS H 72 -8.99 -2.32 38.74
C LYS H 72 -8.00 -1.93 37.67
N TYR H 73 -8.01 -0.66 37.28
CA TYR H 73 -7.09 -0.16 36.27
C TYR H 73 -5.78 0.28 36.90
N THR H 74 -4.72 -0.50 36.68
CA THR H 74 -3.41 -0.23 37.25
C THR H 74 -2.45 0.47 36.28
N SER H 75 -1.22 0.66 36.75
CA SER H 75 -0.14 1.26 35.98
C SER H 75 -0.45 2.56 35.25
N GLY H 76 -1.37 3.35 35.80
CA GLY H 76 -1.72 4.61 35.17
C GLY H 76 -2.40 4.49 33.82
N ILE H 77 -2.85 3.28 33.50
CA ILE H 77 -3.53 3.06 32.22
C ILE H 77 -4.90 3.74 32.24
N PRO H 78 -5.13 4.67 31.32
CA PRO H 78 -6.43 5.35 31.30
C PRO H 78 -7.61 4.38 31.27
N ASP H 79 -8.60 4.66 32.10
CA ASP H 79 -9.79 3.83 32.23
C ASP H 79 -10.90 4.42 31.35
N TYR H 80 -11.04 3.86 30.15
CA TYR H 80 -12.03 4.31 29.19
C TYR H 80 -13.46 4.21 29.71
N PHE H 81 -13.72 3.22 30.55
CA PHE H 81 -15.06 3.00 31.10
C PHE H 81 -15.49 3.95 32.21
N LYS H 82 -14.61 4.21 33.17
CA LYS H 82 -14.95 5.13 34.25
C LYS H 82 -14.97 6.56 33.74
N GLN H 83 -14.16 6.87 32.73
CA GLN H 83 -14.12 8.21 32.16
C GLN H 83 -15.42 8.54 31.44
N SER H 84 -16.17 7.51 31.09
CA SER H 84 -17.43 7.67 30.36
C SER H 84 -18.63 8.17 31.15
N PHE H 85 -18.55 8.11 32.47
CA PHE H 85 -19.67 8.59 33.29
C PHE H 85 -19.61 10.10 33.43
N PRO H 86 -20.75 10.75 33.62
CA PRO H 86 -22.10 10.20 33.77
C PRO H 86 -22.78 9.67 32.50
N GLU H 87 -22.34 10.13 31.33
CA GLU H 87 -22.95 9.70 30.07
C GLU H 87 -23.17 8.20 29.95
N GLY H 88 -22.14 7.42 30.30
CA GLY H 88 -22.27 5.98 30.21
C GLY H 88 -21.69 5.42 28.91
N PHE H 89 -22.01 4.16 28.60
CA PHE H 89 -21.47 3.54 27.40
C PHE H 89 -22.22 2.28 27.01
N THR H 90 -21.94 1.77 25.82
CA THR H 90 -22.54 0.53 25.34
C THR H 90 -21.43 -0.34 24.78
N TRP H 91 -21.72 -1.63 24.62
CA TRP H 91 -20.73 -2.52 24.01
C TRP H 91 -21.50 -3.59 23.24
N GLU H 92 -20.85 -4.10 22.20
CA GLU H 92 -21.44 -5.10 21.33
C GLU H 92 -20.40 -6.18 21.13
N ARG H 93 -20.84 -7.41 20.98
CA ARG H 93 -19.91 -8.52 20.86
C ARG H 93 -20.50 -9.76 20.23
N THR H 94 -19.65 -10.57 19.61
CA THR H 94 -20.08 -11.84 19.07
C THR H 94 -19.07 -12.83 19.64
N THR H 95 -19.57 -13.95 20.15
CA THR H 95 -18.72 -14.97 20.72
C THR H 95 -18.79 -16.15 19.77
N ILE H 96 -17.64 -16.62 19.32
CA ILE H 96 -17.58 -17.74 18.39
C ILE H 96 -17.03 -18.97 19.10
N TYR H 97 -17.84 -20.03 19.16
CA TYR H 97 -17.41 -21.27 19.80
C TYR H 97 -16.82 -22.23 18.78
N GLU H 98 -15.85 -23.03 19.21
CA GLU H 98 -15.19 -23.96 18.32
C GLU H 98 -16.10 -25.01 17.70
N ASP H 99 -17.26 -25.27 18.31
CA ASP H 99 -18.17 -26.26 17.76
C ASP H 99 -19.27 -25.67 16.88
N GLY H 100 -19.02 -24.48 16.32
CA GLY H 100 -19.97 -23.87 15.42
C GLY H 100 -21.08 -22.98 15.98
N ALA H 101 -21.18 -22.84 17.30
CA ALA H 101 -22.22 -22.00 17.88
C ALA H 101 -21.80 -20.55 17.89
N TYR H 102 -22.76 -19.63 17.75
CA TYR H 102 -22.48 -18.20 17.79
C TYR H 102 -23.43 -17.53 18.77
N LEU H 103 -22.93 -16.54 19.49
CA LEU H 103 -23.76 -15.82 20.44
C LEU H 103 -23.40 -14.34 20.36
N THR H 104 -24.36 -13.52 19.93
CA THR H 104 -24.15 -12.10 19.78
C THR H 104 -24.84 -11.28 20.86
N THR H 105 -24.16 -10.25 21.34
CA THR H 105 -24.67 -9.41 22.41
C THR H 105 -24.63 -7.91 22.17
N GLN H 106 -25.65 -7.22 22.67
CA GLN H 106 -25.76 -5.75 22.59
C GLN H 106 -26.04 -5.34 24.03
N GLN H 107 -25.20 -4.47 24.59
CA GLN H 107 -25.38 -4.05 25.99
C GLN H 107 -25.27 -2.54 26.21
N GLU H 108 -26.11 -2.03 27.10
CA GLU H 108 -26.11 -0.62 27.43
C GLU H 108 -25.84 -0.47 28.93
N THR H 109 -24.90 0.41 29.26
CA THR H 109 -24.57 0.64 30.66
C THR H 109 -24.85 2.09 31.02
N LYS H 110 -25.59 2.29 32.11
CA LYS H 110 -25.90 3.63 32.56
C LYS H 110 -25.79 3.68 34.09
N LEU H 111 -25.44 4.84 34.61
CA LEU H 111 -25.27 5.01 36.04
C LEU H 111 -26.31 5.94 36.65
N ASP H 112 -27.24 5.38 37.43
CA ASP H 112 -28.26 6.18 38.09
C ASP H 112 -27.78 6.52 39.50
N GLY H 113 -26.81 7.43 39.58
CA GLY H 113 -26.28 7.83 40.86
C GLY H 113 -25.25 6.85 41.39
N ASN H 114 -25.69 5.94 42.25
CA ASN H 114 -24.81 4.94 42.84
C ASN H 114 -25.18 3.54 42.35
N CYS H 115 -26.01 3.48 41.32
CA CYS H 115 -26.43 2.20 40.78
C CYS H 115 -26.19 2.06 39.28
N LEU H 116 -25.37 1.07 38.91
CA LEU H 116 -25.08 0.78 37.51
C LEU H 116 -26.22 -0.08 36.99
N VAL H 117 -26.75 0.27 35.83
CA VAL H 117 -27.84 -0.50 35.26
C VAL H 117 -27.37 -1.13 33.96
N TYR H 118 -27.61 -2.43 33.81
CA TYR H 118 -27.22 -3.15 32.60
C TYR H 118 -28.43 -3.65 31.81
N ASN H 119 -28.54 -3.21 30.56
CA ASN H 119 -29.63 -3.65 29.68
C ASN H 119 -28.95 -4.50 28.61
N ILE H 120 -29.26 -5.79 28.60
CA ILE H 120 -28.64 -6.74 27.67
C ILE H 120 -29.58 -7.46 26.72
N LYS H 121 -29.18 -7.55 25.47
CA LYS H 121 -29.95 -8.24 24.44
C LYS H 121 -29.07 -9.35 23.88
N ILE H 122 -29.63 -10.53 23.67
CA ILE H 122 -28.86 -11.66 23.16
C ILE H 122 -29.55 -12.54 22.12
N LEU H 123 -28.76 -13.02 21.18
CA LEU H 123 -29.22 -13.92 20.12
C LEU H 123 -28.14 -14.98 19.94
N GLY H 124 -28.52 -16.23 20.21
CA GLY H 124 -27.58 -17.33 20.07
C GLY H 124 -28.09 -18.33 19.05
N CYS H 125 -27.18 -19.00 18.37
CA CYS H 125 -27.60 -19.96 17.36
C CYS H 125 -26.58 -21.04 17.08
N ASN H 126 -27.06 -22.09 16.40
CA ASN H 126 -26.23 -23.21 15.98
C ASN H 126 -25.50 -23.97 17.09
N PHE H 127 -26.00 -23.92 18.31
CA PHE H 127 -25.36 -24.69 19.39
C PHE H 127 -25.73 -26.16 19.15
N PRO H 128 -24.72 -27.05 19.14
CA PRO H 128 -25.01 -28.48 18.93
C PRO H 128 -25.82 -29.05 20.08
N PRO H 129 -26.96 -29.76 19.77
CA PRO H 129 -27.87 -30.31 20.75
C PRO H 129 -27.23 -31.28 21.73
N ASN H 130 -26.28 -32.08 21.24
CA ASN H 130 -25.60 -33.04 22.09
C ASN H 130 -24.28 -32.48 22.60
N GLY H 131 -24.08 -31.17 22.41
CA GLY H 131 -22.86 -30.54 22.87
C GLY H 131 -22.89 -30.32 24.37
N PRO H 132 -21.76 -29.97 25.01
CA PRO H 132 -21.75 -29.75 26.45
C PRO H 132 -22.66 -28.61 26.94
N VAL H 133 -22.83 -27.56 26.13
CA VAL H 133 -23.68 -26.46 26.52
C VAL H 133 -25.16 -26.85 26.55
N MSE H 134 -25.67 -27.39 25.45
CA MSE H 134 -27.07 -27.79 25.40
C MSE H 134 -27.36 -28.99 26.31
O MSE H 134 -28.50 -29.24 26.67
CB MSE H 134 -27.48 -28.13 23.96
CG MSE H 134 -27.52 -26.94 23.01
SE MSE H 134 -28.74 -25.53 23.53
CE MSE H 134 -27.49 -24.09 23.73
N GLN H 135 -26.30 -29.73 26.66
CA GLN H 135 -26.44 -30.89 27.53
C GLN H 135 -26.20 -30.53 28.99
N LYS H 136 -25.86 -29.27 29.24
CA LYS H 136 -25.60 -28.79 30.61
C LYS H 136 -24.47 -29.58 31.27
N LYS H 137 -23.37 -29.80 30.54
CA LYS H 137 -22.23 -30.54 31.09
C LYS H 137 -21.04 -29.64 31.37
N THR H 138 -21.19 -28.33 31.17
CA THR H 138 -20.08 -27.42 31.43
C THR H 138 -20.02 -27.12 32.92
N GLN H 139 -18.82 -26.80 33.42
CA GLN H 139 -18.63 -26.53 34.83
C GLN H 139 -17.94 -25.19 35.10
N GLY H 140 -18.43 -24.13 34.46
CA GLY H 140 -17.84 -22.82 34.67
C GLY H 140 -16.66 -22.49 33.77
N TRP H 141 -16.33 -21.20 33.71
CA TRP H 141 -15.24 -20.71 32.89
C TRP H 141 -13.90 -20.69 33.60
N GLU H 142 -12.86 -20.88 32.82
CA GLU H 142 -11.50 -20.83 33.32
C GLU H 142 -11.24 -19.30 33.32
N PRO H 143 -10.29 -18.82 34.15
CA PRO H 143 -10.03 -17.39 34.03
C PRO H 143 -9.52 -17.01 32.62
N CYS H 144 -9.55 -15.73 32.26
CA CYS H 144 -9.11 -15.33 30.93
C CYS H 144 -8.35 -14.02 30.86
N CYS H 145 -7.77 -13.75 29.70
CA CYS H 145 -7.04 -12.51 29.48
C CYS H 145 -7.54 -11.83 28.22
N GLU H 146 -8.01 -10.58 28.36
CA GLU H 146 -8.52 -9.84 27.22
C GLU H 146 -7.52 -8.84 26.69
N MSE H 147 -7.43 -8.81 25.36
CA MSE H 147 -6.54 -7.90 24.63
C MSE H 147 -7.35 -6.63 24.34
O MSE H 147 -8.44 -6.72 23.79
CB MSE H 147 -6.16 -8.63 23.34
CG MSE H 147 -5.26 -7.90 22.41
SE MSE H 147 -4.64 -9.21 21.13
CE MSE H 147 -5.98 -8.97 19.76
N ARG H 148 -6.84 -5.46 24.71
CA ARG H 148 -7.56 -4.21 24.46
C ARG H 148 -6.74 -3.17 23.69
N TYR H 149 -7.35 -2.60 22.65
CA TYR H 149 -6.67 -1.63 21.80
C TYR H 149 -7.65 -0.66 21.14
N THR H 150 -7.18 0.53 20.80
CA THR H 150 -8.03 1.52 20.17
C THR H 150 -8.14 1.33 18.66
N ARG H 151 -9.27 1.75 18.10
CA ARG H 151 -9.51 1.68 16.67
C ARG H 151 -10.74 2.52 16.35
N ASP H 152 -10.62 3.38 15.33
CA ASP H 152 -11.72 4.23 14.93
C ASP H 152 -12.24 5.12 16.06
N GLY H 153 -11.38 5.46 17.00
CA GLY H 153 -11.81 6.33 18.09
C GLY H 153 -12.55 5.68 19.25
N VAL H 154 -12.72 4.36 19.20
CA VAL H 154 -13.41 3.65 20.28
C VAL H 154 -12.49 2.56 20.79
N LEU H 155 -12.92 1.81 21.80
CA LEU H 155 -12.07 0.77 22.35
C LEU H 155 -12.50 -0.64 21.92
N CYS H 156 -11.54 -1.41 21.42
CA CYS H 156 -11.82 -2.77 20.98
C CYS H 156 -11.20 -3.76 21.95
N GLY H 157 -11.76 -4.97 21.93
CA GLY H 157 -11.26 -6.02 22.78
C GLY H 157 -11.47 -7.36 22.11
N GLN H 158 -10.59 -8.30 22.42
CA GLN H 158 -10.68 -9.66 21.90
C GLN H 158 -10.22 -10.57 23.02
N THR H 159 -10.98 -11.65 23.22
CA THR H 159 -10.69 -12.59 24.27
C THR H 159 -10.86 -14.02 23.83
N LEU H 160 -10.02 -14.89 24.39
CA LEU H 160 -10.13 -16.32 24.15
C LEU H 160 -10.58 -16.84 25.51
N MSE H 161 -11.59 -17.68 25.54
CA MSE H 161 -12.09 -18.23 26.79
C MSE H 161 -12.24 -19.74 26.69
O MSE H 161 -12.33 -20.29 25.59
CB MSE H 161 -13.41 -17.57 27.19
CG MSE H 161 -13.27 -16.08 27.50
SE MSE H 161 -14.85 -15.31 28.34
CE MSE H 161 -14.50 -15.86 30.17
N ALA H 162 -12.24 -20.42 27.83
CA ALA H 162 -12.36 -21.87 27.85
C ALA H 162 -13.34 -22.38 28.92
N LEU H 163 -14.33 -23.13 28.46
CA LEU H 163 -15.33 -23.70 29.35
C LEU H 163 -14.86 -25.07 29.82
N LYS H 164 -14.89 -25.30 31.12
CA LYS H 164 -14.49 -26.57 31.69
C LYS H 164 -15.63 -27.56 31.49
N CYS H 165 -15.32 -28.76 31.00
CA CYS H 165 -16.33 -29.78 30.76
C CYS H 165 -16.09 -30.98 31.68
N ALA H 166 -17.16 -31.70 31.99
CA ALA H 166 -17.07 -32.88 32.85
C ALA H 166 -15.98 -33.79 32.29
N ASP H 167 -15.93 -33.88 30.96
CA ASP H 167 -14.96 -34.69 30.24
C ASP H 167 -13.55 -34.49 30.79
N GLY H 168 -13.28 -33.25 31.20
CA GLY H 168 -11.95 -32.90 31.68
C GLY H 168 -11.40 -32.04 30.56
N ASN H 169 -12.13 -32.00 29.46
CA ASN H 169 -11.78 -31.22 28.30
C ASN H 169 -12.23 -29.79 28.48
N HIS H 170 -11.91 -28.95 27.50
CA HIS H 170 -12.30 -27.55 27.51
C HIS H 170 -12.97 -27.20 26.19
N LEU H 171 -14.00 -26.36 26.24
CA LEU H 171 -14.69 -25.92 25.04
C LEU H 171 -14.25 -24.48 24.87
N THR H 172 -13.54 -24.18 23.79
CA THR H 172 -13.04 -22.84 23.57
C THR H 172 -13.89 -21.97 22.69
N CYS H 173 -13.79 -20.66 22.91
CA CYS H 173 -14.52 -19.70 22.12
C CYS H 173 -13.68 -18.44 21.98
N HIS H 174 -14.09 -17.57 21.08
CA HIS H 174 -13.39 -16.34 20.76
C HIS H 174 -14.37 -15.18 20.87
N LEU H 175 -14.05 -14.20 21.70
CA LEU H 175 -14.91 -13.03 21.86
C LEU H 175 -14.29 -11.84 21.14
N ARG H 176 -15.10 -11.15 20.33
CA ARG H 176 -14.64 -9.99 19.57
C ARG H 176 -15.58 -8.86 19.97
N THR H 177 -15.06 -7.89 20.72
CA THR H 177 -15.87 -6.80 21.24
C THR H 177 -15.51 -5.38 20.85
N THR H 178 -16.52 -4.51 20.86
CA THR H 178 -16.34 -3.10 20.57
C THR H 178 -17.01 -2.33 21.71
N TYR H 179 -16.24 -1.53 22.43
CA TYR H 179 -16.78 -0.75 23.53
C TYR H 179 -16.95 0.69 23.05
N ARG H 180 -18.16 1.23 23.19
CA ARG H 180 -18.49 2.57 22.73
C ARG H 180 -18.94 3.55 23.81
N SER H 181 -18.07 4.50 24.15
CA SER H 181 -18.40 5.50 25.17
C SER H 181 -19.42 6.48 24.62
N LYS H 182 -20.33 6.93 25.47
CA LYS H 182 -21.36 7.89 25.06
C LYS H 182 -20.83 9.30 25.27
N LYS H 183 -19.60 9.40 25.77
CA LYS H 183 -18.98 10.68 26.05
C LYS H 183 -18.26 11.21 24.81
N ALA H 184 -18.10 12.52 24.74
CA ALA H 184 -17.43 13.15 23.61
C ALA H 184 -15.94 12.83 23.64
N ALA H 185 -15.40 12.43 22.50
CA ALA H 185 -13.99 12.08 22.36
C ALA H 185 -13.09 13.14 22.98
N LYS H 186 -13.52 14.40 22.86
CA LYS H 186 -12.80 15.55 23.39
C LYS H 186 -12.56 15.43 24.88
N ALA H 187 -13.46 14.73 25.57
CA ALA H 187 -13.34 14.56 27.02
C ALA H 187 -12.87 13.17 27.43
N LEU H 188 -12.24 12.46 26.50
CA LEU H 188 -11.76 11.11 26.81
C LEU H 188 -10.29 10.91 26.44
N GLN H 189 -9.52 10.39 27.38
CA GLN H 189 -8.13 10.10 27.12
C GLN H 189 -8.12 8.61 26.76
N MSE H 190 -7.71 8.30 25.53
CA MSE H 190 -7.70 6.91 25.09
C MSE H 190 -6.46 6.19 25.63
O MSE H 190 -5.39 6.79 25.72
CB MSE H 190 -7.73 6.85 23.56
CG MSE H 190 -8.96 7.52 22.94
SE MSE H 190 -10.64 6.79 23.58
CE MSE H 190 -10.40 4.97 22.94
N PRO H 191 -6.60 4.91 26.06
CA PRO H 191 -5.49 4.11 26.50
C PRO H 191 -4.63 3.47 25.46
N PRO H 192 -3.39 3.10 25.80
CA PRO H 192 -2.51 2.40 24.90
C PRO H 192 -2.91 0.94 24.92
N PHE H 193 -2.32 0.12 24.05
CA PHE H 193 -2.59 -1.31 24.03
C PHE H 193 -2.36 -1.88 25.44
N HIS H 194 -3.29 -2.70 25.91
CA HIS H 194 -3.13 -3.29 27.24
C HIS H 194 -3.99 -4.54 27.41
N PHE H 195 -3.91 -5.14 28.59
CA PHE H 195 -4.67 -6.35 28.87
C PHE H 195 -5.55 -6.20 30.10
N SER H 196 -6.47 -7.16 30.25
CA SER H 196 -7.34 -7.20 31.40
C SER H 196 -7.59 -8.67 31.74
N ASP H 197 -7.25 -9.04 32.96
CA ASP H 197 -7.48 -10.40 33.40
C ASP H 197 -8.89 -10.43 33.97
N HIS H 198 -9.57 -11.56 33.80
CA HIS H 198 -10.93 -11.71 34.29
C HIS H 198 -11.14 -13.11 34.84
N ARG H 199 -11.79 -13.19 36.01
CA ARG H 199 -12.10 -14.49 36.60
C ARG H 199 -13.58 -14.52 36.96
N PRO H 200 -14.43 -14.93 36.00
CA PRO H 200 -15.87 -15.08 36.20
C PRO H 200 -16.21 -16.39 36.91
N GLU H 201 -16.92 -16.32 38.03
CA GLU H 201 -17.27 -17.55 38.74
C GLU H 201 -18.69 -17.59 39.28
N ILE H 202 -19.31 -18.76 39.17
CA ILE H 202 -20.65 -18.97 39.71
C ILE H 202 -20.36 -19.70 41.01
N VAL H 203 -20.48 -19.00 42.13
CA VAL H 203 -20.20 -19.61 43.42
C VAL H 203 -21.37 -20.33 44.07
N LYS H 204 -22.55 -20.19 43.48
CA LYS H 204 -23.72 -20.85 44.04
C LYS H 204 -24.89 -20.87 43.08
N VAL H 205 -25.58 -22.01 43.05
CA VAL H 205 -26.74 -22.19 42.19
C VAL H 205 -27.90 -22.61 43.10
N SER H 206 -29.00 -21.87 43.05
CA SER H 206 -30.16 -22.17 43.89
C SER H 206 -31.49 -22.00 43.16
N GLU H 207 -32.58 -22.15 43.91
CA GLU H 207 -33.92 -22.02 43.37
C GLU H 207 -34.16 -22.92 42.17
N ASN H 208 -33.83 -24.21 42.34
CA ASN H 208 -34.02 -25.20 41.30
C ASN H 208 -33.35 -24.81 39.98
N GLY H 209 -32.10 -24.36 40.07
CA GLY H 209 -31.35 -23.97 38.88
C GLY H 209 -31.81 -22.72 38.16
N THR H 210 -32.39 -21.76 38.88
CA THR H 210 -32.85 -20.53 38.26
C THR H 210 -32.21 -19.29 38.88
N LEU H 211 -31.53 -19.47 40.00
CA LEU H 211 -30.86 -18.35 40.68
C LEU H 211 -29.36 -18.62 40.71
N PHE H 212 -28.58 -17.73 40.11
CA PHE H 212 -27.14 -17.90 40.08
C PHE H 212 -26.38 -16.75 40.73
N GLU H 213 -25.55 -17.09 41.70
CA GLU H 213 -24.74 -16.09 42.40
C GLU H 213 -23.38 -16.03 41.71
N GLN H 214 -23.17 -14.97 40.93
CA GLN H 214 -21.91 -14.79 40.19
C GLN H 214 -20.98 -13.77 40.81
N HIS H 215 -19.69 -14.07 40.75
CA HIS H 215 -18.68 -13.16 41.26
C HIS H 215 -17.70 -12.82 40.15
N GLU H 216 -17.11 -11.65 40.23
CA GLU H 216 -16.17 -11.22 39.21
C GLU H 216 -15.01 -10.42 39.79
N SER H 217 -13.82 -10.68 39.26
CA SER H 217 -12.60 -9.98 39.62
C SER H 217 -11.87 -9.73 38.31
N SER H 218 -11.39 -8.51 38.11
CA SER H 218 -10.67 -8.19 36.88
C SER H 218 -9.66 -7.07 37.11
N VAL H 219 -8.53 -7.18 36.42
CA VAL H 219 -7.45 -6.20 36.53
C VAL H 219 -6.87 -5.86 35.16
N ALA H 220 -6.83 -4.56 34.85
CA ALA H 220 -6.28 -4.08 33.59
C ALA H 220 -4.80 -3.78 33.90
N ARG H 221 -3.91 -4.23 33.01
CA ARG H 221 -2.49 -4.07 33.25
C ARG H 221 -1.69 -4.21 31.95
N TYR H 222 -0.37 -4.07 32.10
CA TYR H 222 0.56 -4.24 30.99
C TYR H 222 1.12 -5.63 31.24
N CYS H 223 2.05 -6.07 30.40
CA CYS H 223 2.66 -7.39 30.62
C CYS H 223 3.78 -7.18 31.63
N GLN H 224 3.58 -7.65 32.85
CA GLN H 224 4.57 -7.47 33.91
C GLN H 224 5.40 -8.70 34.25
N THR H 225 5.17 -9.81 33.54
CA THR H 225 5.90 -11.03 33.79
C THR H 225 7.14 -11.15 32.90
N CYS H 226 7.10 -10.47 31.76
CA CYS H 226 8.20 -10.52 30.81
C CYS H 226 8.84 -9.15 30.61
N PRO H 227 10.11 -9.00 31.02
CA PRO H 227 10.86 -7.77 30.86
C PRO H 227 10.95 -7.34 29.41
N SER H 228 11.03 -6.05 29.15
CA SER H 228 11.18 -5.54 27.79
C SER H 228 12.63 -5.13 27.60
N LYS H 229 13.26 -5.61 26.54
CA LYS H 229 14.64 -5.28 26.26
C LYS H 229 14.71 -3.93 25.55
N LEU H 230 13.55 -3.39 25.21
CA LEU H 230 13.46 -2.10 24.53
C LEU H 230 12.87 -1.02 25.43
N GLY H 231 12.63 -1.36 26.69
CA GLY H 231 12.10 -0.38 27.62
C GLY H 231 10.63 -0.03 27.44
N HIS H 232 9.89 -0.82 26.66
CA HIS H 232 8.47 -0.55 26.44
C HIS H 232 7.66 -1.19 27.57
N ASN H 233 6.41 -0.73 27.76
CA ASN H 233 5.55 -1.27 28.81
C ASN H 233 5.14 -2.70 28.46
P PO4 I . 11.74 17.28 -14.75
O1 PO4 I . 11.16 16.80 -13.48
O2 PO4 I . 12.02 16.12 -15.64
O3 PO4 I . 10.79 18.20 -15.41
O4 PO4 I . 13.01 18.01 -14.48
P PO4 J . 11.40 18.87 -10.67
O1 PO4 J . 11.22 20.00 -9.73
O2 PO4 J . 10.07 18.37 -11.11
O3 PO4 J . 12.18 19.34 -11.86
O4 PO4 J . 12.15 17.77 -9.99
P PO4 K . 8.47 29.55 -33.93
O1 PO4 K . 8.37 30.24 -32.62
O2 PO4 K . 7.42 28.49 -34.02
O3 PO4 K . 8.26 30.53 -35.03
O4 PO4 K . 9.81 28.93 -34.06
P PO4 L . 14.90 18.73 -8.16
O1 PO4 L . 14.35 18.32 -6.84
O2 PO4 L . 16.32 19.13 -7.99
O3 PO4 L . 14.83 17.58 -9.09
O4 PO4 L . 14.12 19.86 -8.70
P PO4 M . 16.87 7.39 11.71
O1 PO4 M . 16.82 8.84 12.02
O2 PO4 M . 15.72 7.02 10.84
O3 PO4 M . 18.15 7.07 11.02
O4 PO4 M . 16.79 6.62 12.98
P PO4 N . 26.90 36.00 1.08
O1 PO4 N . 28.07 36.89 0.88
O2 PO4 N . 25.79 36.76 1.70
O3 PO4 N . 26.46 35.46 -0.24
O4 PO4 N . 27.29 34.88 1.97
P PO4 O . 15.53 17.07 -12.34
O1 PO4 O . 15.28 18.36 -11.64
O2 PO4 O . 14.27 16.26 -12.35
O3 PO4 O . 15.96 17.35 -13.73
O4 PO4 O . 16.59 16.32 -11.64
P PO4 P . 1.49 -1.00 -24.67
O1 PO4 P . 0.48 -0.28 -23.86
O2 PO4 P . 0.85 -2.17 -25.33
O3 PO4 P . 2.04 -0.09 -25.72
O4 PO4 P . 2.59 -1.47 -23.79
P PO4 Q . -14.87 -18.95 8.14
O1 PO4 Q . -16.04 -18.17 7.70
O2 PO4 Q . -15.02 -20.36 7.72
O3 PO4 Q . -13.63 -18.39 7.51
O4 PO4 Q . -14.75 -18.89 9.61
P PO4 R . -11.20 -18.94 10.53
O1 PO4 R . -11.37 -17.57 11.08
O2 PO4 R . -12.44 -19.72 10.78
O3 PO4 R . -10.94 -18.86 9.08
O4 PO4 R . -10.07 -19.60 11.21
P PO4 S . -26.38 -37.38 -0.18
O1 PO4 S . -27.43 -36.85 0.73
O2 PO4 S . -27.00 -38.31 -1.16
O3 PO4 S . -25.74 -36.25 -0.91
O4 PO4 S . -25.36 -38.10 0.62
P PO4 T . -15.45 -16.98 12.32
O1 PO4 T . -15.40 -15.80 13.22
O2 PO4 T . -16.86 -17.33 12.06
O3 PO4 T . -14.77 -16.64 11.04
O4 PO4 T . -14.76 -18.13 12.96
P PO4 U . -19.48 -7.76 -11.44
O1 PO4 U . -19.27 -6.98 -10.20
O2 PO4 U . -20.66 -8.66 -11.27
O3 PO4 U . -19.74 -6.83 -12.58
O4 PO4 U . -18.27 -8.57 -11.74
P PO4 V . -11.79 -16.84 14.59
O1 PO4 V . -12.22 -17.31 15.94
O2 PO4 V . -12.18 -17.85 13.57
O3 PO4 V . -12.43 -15.54 14.28
O4 PO4 V . -10.31 -16.68 14.58
P PO4 W . -1.36 1.80 21.33
O1 PO4 W . -1.35 3.27 21.50
O2 PO4 W . -2.75 1.30 21.49
O3 PO4 W . -0.87 1.45 19.98
O4 PO4 W . -0.48 1.17 22.37
P PO4 X . -8.34 -27.25 34.87
O1 PO4 X . -8.25 -25.76 34.79
O2 PO4 X . -9.75 -27.66 34.98
O3 PO4 X . -7.72 -27.86 33.66
O4 PO4 X . -7.60 -27.72 36.08
#